data_4BGD
#
_entry.id   4BGD
#
_cell.length_a   107.640
_cell.length_b   178.640
_cell.length_c   180.400
_cell.angle_alpha   90.00
_cell.angle_beta   90.00
_cell.angle_gamma   90.00
#
_symmetry.space_group_name_H-M   'P 21 21 21'
#
loop_
_entity.id
_entity.type
_entity.pdbx_description
1 polymer 'PRE-MRNA-SPLICING HELICASE BRR2'
2 polymer 'PRE-MRNA-SPLICING FACTOR 8'
3 non-polymer "ADENOSINE-5'-DIPHOSPHATE"
4 non-polymer 'MAGNESIUM ION'
5 non-polymer 3,6,9,12,15,18,21,24-OCTAOXAHEXACOSAN-1-OL
6 water water
#
loop_
_entity_poly.entity_id
_entity_poly.type
_entity_poly.pdbx_seq_one_letter_code
_entity_poly.pdbx_strand_id
1 'polypeptide(L)'
;TVTKVSLPEGSFKRVKPQYDEIHIPAPSKPVIDYELKEITSLPDWCQEAFPSSETTSLNPIQSKVFHAAFEGDSNMLICA
PTGSGKTNIALLTVLKALSHHYNPKTKKLNLSAFKIVYIAPLKALVQEQVREFQRRLAFLGIKVAELTGDSRLSRKQIDE
TQVLVSTPEKWDITTRNSNNLAIVELVRLLIIDEIHLLHDDRGPVLESIVARTFWASKYGQEYPRIIGLSATLPNYEDVG
RFLRVPKEGLFYFDSSFRPCPLSQQFCGIKERNSLKKLKAMNDACYEKVLESINEGNQIIVFVHSRKETSRTATWLKNKF
AEENITHKLTKNDAGSKQILKTEAANVLDPSLRKLIESGIGTHHAGLTRSDRSLSEDLFADGLLQVLVCTATLAWGVNLP
AHTVIIKGTDVYSPEKGSWEQLSPQDVLQMLGRAGRPRYDTFGEGIIITDQSNVQYYLSVLNQQLPIESQFVSKLVDNLN
AEVVAGNIKCRNDAVNWLAYTYLYVRMLASPMLYKVPDISSDGQLKKFRESLVHSALCILKEQELVLYDAENDVIEATDL
GNIASSFYINHASMDVYNRELDEHTTQIDLFRIFSMSEEFKYVSVRYEEKRELKQLLEKAPIPIREDIDDPLAKVNVLLQ
SYFSQLKFEGFALNSDIVFIHQNAGRLLRAMFEICLKRGWGHPTRMLLNLCKSATTKMWPTNCPLRQFKTCPVEVIKRLE
ASTVPWGDYLQLETPAEVGRAIRSEKYGKQVYDLLKRFPKMSVTCNAQPITRSVMRFNIEIIADWIWDMNVHGSLEPFLL
MLEDTDGDSILYYDVLFITPDIVGHEFTLSFTYELKQHNQNNLPPNFFLTLISENWWHSEFEIPVSFNGFKLPKKFPPPT
PLLENISISTSELGNDDFSEVFEFKTFNKIQSQVFESLYNSNDSVFVGSGKGTGKTAMAELALLNHWRQNKGRAVYINPS
GEKIDFLLSDWNKRFSHLAGGKIINKLGNDPSLNLKLLAKSHVLLATPVQFELLSRRWRQRKNIQSLELMIYDDAHEISQ
GVYGAVYETLISRMIFIATQLEKKIRFVCLSNCLANARDFGEWAGMTKSNIYNFSPSERIEPLEINIQSFKDVEHISFNF
SMLQMAFEASAAAAGNRNSSSVFLPSRKDCMEVASAFMKFSKAIEWDMLNVEEEQIVPYIEKLTDGHLRAPLKHGVGILY
KGMASNDERIVKRLYEYGAVSVLLISKDCSAFACKTDEVIILGTNLYDGAEHKYMPYTINELLEMVGLASGNDSMAGKVL
ILTSHNMKAYYKKFLIEPLPTESYLQYIIHDTLNNEIANSIIQSKQDCVDWFTYSYFYRRIHVNPSYYGVRDTSPHGISV
FLSNLVETCLNDLVESSFIEIDDTEAEVTAEVNGGDDEATEIISTLSNGLIASHYGVSFFTIQSFVSSLSNTSTLKNMLY
VLSTAVEFESVPLRKGDRALLVKLSKRLPLRFPEHTSSGSVSFKVFLLLQAYFSRLELPVDFQNDLKDILEKVVPLINVV
VDILSANGYLNATTAMDLAQMLIQGVWDVDNPLRQIPHFNNKILEKCKEINVETVYDIMALEDEERDEILTLTDSQLAQV
AAFVNNYPNVELTYSLNNSDSLISGVKQKITIQLTRDVEPENLQVTSEKYPFDKLESWWLVLGEVSKKELYAIKKVTLNK
ETQQYELEFDTPTSGKHNLTIWCVCDSYLDADKELSFEINVK
;
A
2 'polypeptide(L)'
;SKNEWRKSAIANTLLYLRLKNIYVSADDFVEEQNVYVLPKNLLKKFIEISDVKIQVAAFIYGMSAKDHPKVKEIKTVVLV
PQLGHVGSVQISNIPDIGDLPDTEGLELLGWIHTQTEELKFMAASEVATHSKLFADKKRDCIDISIFSTPGSVSLSAYNL
TDEGYQWGEENKDIMNVLSEGFEPTFSTHAQLLLSDRITGNFIIPSGNVWNYTFMGTAFNQEGDYNFKYGIPLEFYNEMH
RPVHFLQF
;
C
#
loop_
_chem_comp.id
_chem_comp.type
_chem_comp.name
_chem_comp.formula
ADP non-polymer ADENOSINE-5'-DIPHOSPHATE 'C10 H15 N5 O10 P2'
MG non-polymer 'MAGNESIUM ION' 'Mg 2'
PE5 non-polymer 3,6,9,12,15,18,21,24-OCTAOXAHEXACOSAN-1-OL 'C18 H38 O9'
#
# COMPACT_ATOMS: atom_id res chain seq x y z
N THR A 1 9.93 -39.12 -45.47
CA THR A 1 10.69 -38.57 -44.28
C THR A 1 11.93 -37.77 -44.71
N VAL A 2 12.54 -38.14 -45.83
CA VAL A 2 13.70 -37.43 -46.38
C VAL A 2 13.29 -36.05 -46.88
N THR A 3 13.95 -35.00 -46.39
CA THR A 3 13.70 -33.63 -46.87
C THR A 3 15.03 -32.98 -47.26
N LYS A 4 15.53 -33.32 -48.45
CA LYS A 4 16.90 -32.94 -48.84
C LYS A 4 17.01 -31.44 -49.02
N VAL A 5 18.11 -30.88 -48.53
CA VAL A 5 18.29 -29.43 -48.49
C VAL A 5 18.88 -29.00 -49.82
N SER A 6 18.28 -28.00 -50.46
CA SER A 6 18.76 -27.47 -51.72
C SER A 6 19.94 -26.61 -51.45
N LEU A 7 21.02 -26.77 -52.17
CA LEU A 7 22.19 -25.97 -51.90
C LEU A 7 22.36 -24.98 -53.04
N PRO A 8 22.85 -23.77 -52.75
CA PRO A 8 22.98 -22.78 -53.79
C PRO A 8 23.91 -23.25 -54.90
N GLU A 9 23.83 -22.61 -56.07
CA GLU A 9 24.70 -22.99 -57.18
C GLU A 9 26.14 -22.80 -56.81
N GLY A 10 26.97 -23.76 -57.23
CA GLY A 10 28.37 -23.72 -56.90
C GLY A 10 28.71 -24.58 -55.69
N SER A 11 27.70 -25.11 -55.02
CA SER A 11 27.98 -25.91 -53.82
C SER A 11 28.66 -27.20 -54.23
N PHE A 12 29.43 -27.79 -53.34
CA PHE A 12 30.12 -29.04 -53.61
C PHE A 12 30.54 -29.79 -52.37
N LYS A 13 30.89 -31.06 -52.55
CA LYS A 13 31.25 -31.97 -51.47
C LYS A 13 32.65 -32.56 -51.74
N ARG A 14 33.53 -32.44 -50.76
CA ARG A 14 34.81 -33.13 -50.75
C ARG A 14 34.76 -34.24 -49.73
N VAL A 15 35.37 -35.38 -50.03
CA VAL A 15 35.42 -36.49 -49.07
C VAL A 15 36.81 -36.54 -48.51
N LYS A 16 36.92 -36.43 -47.19
CA LYS A 16 38.19 -36.55 -46.50
C LYS A 16 38.05 -37.78 -45.62
N PRO A 17 39.17 -38.38 -45.17
CA PRO A 17 39.06 -39.63 -44.38
C PRO A 17 38.27 -39.50 -43.08
N GLN A 18 38.59 -38.46 -42.28
CA GLN A 18 37.96 -38.23 -40.96
C GLN A 18 36.53 -37.63 -40.97
N TYR A 19 36.18 -36.97 -42.09
CA TYR A 19 34.96 -36.17 -42.19
C TYR A 19 34.67 -35.73 -43.61
N ASP A 20 33.41 -35.82 -44.05
CA ASP A 20 33.03 -35.31 -45.38
C ASP A 20 32.72 -33.83 -45.26
N GLU A 21 33.52 -33.00 -45.90
CA GLU A 21 33.24 -31.56 -45.89
C GLU A 21 32.49 -31.10 -47.14
N ILE A 22 31.59 -30.13 -46.99
CA ILE A 22 30.73 -29.71 -48.10
C ILE A 22 30.59 -28.18 -48.10
N HIS A 23 30.70 -27.57 -49.27
CA HIS A 23 31.13 -26.18 -49.39
C HIS A 23 30.11 -25.34 -50.13
N ILE A 24 29.90 -24.12 -49.67
CA ILE A 24 28.84 -23.28 -50.20
C ILE A 24 29.44 -21.93 -50.46
N PRO A 25 29.54 -21.58 -51.74
CA PRO A 25 30.37 -20.42 -52.01
C PRO A 25 29.69 -19.16 -51.50
N ALA A 26 30.50 -18.12 -51.31
CA ALA A 26 29.92 -16.81 -51.07
C ALA A 26 29.10 -16.36 -52.30
N PRO A 27 27.88 -15.84 -52.09
CA PRO A 27 27.00 -15.44 -53.20
C PRO A 27 27.43 -14.15 -53.93
N SER A 28 27.03 -14.04 -55.21
CA SER A 28 27.36 -12.91 -56.08
C SER A 28 26.63 -11.67 -55.65
N LYS A 29 27.09 -10.49 -56.08
CA LYS A 29 26.45 -9.26 -55.69
C LYS A 29 25.04 -9.26 -56.26
N PRO A 30 24.09 -8.62 -55.57
CA PRO A 30 22.74 -8.57 -56.08
C PRO A 30 22.64 -7.50 -57.15
N VAL A 31 21.45 -7.34 -57.70
CA VAL A 31 21.24 -6.32 -58.70
C VAL A 31 21.29 -5.01 -57.91
N ILE A 32 22.11 -4.06 -58.36
CA ILE A 32 22.34 -2.79 -57.63
C ILE A 32 21.27 -1.78 -58.04
N ASP A 33 20.16 -1.73 -57.28
CA ASP A 33 19.05 -0.80 -57.54
C ASP A 33 18.85 0.15 -56.38
N TYR A 34 19.95 0.38 -55.67
CA TYR A 34 19.97 1.16 -54.42
C TYR A 34 21.22 2.03 -54.39
N GLU A 35 21.20 2.98 -53.48
CA GLU A 35 22.37 3.77 -53.16
C GLU A 35 22.52 3.59 -51.67
N LEU A 36 23.72 3.29 -51.19
CA LEU A 36 23.95 3.36 -49.74
C LEU A 36 23.54 4.75 -49.25
N LYS A 37 22.58 4.82 -48.32
CA LYS A 37 22.06 6.11 -47.81
C LYS A 37 23.02 6.80 -46.85
N GLU A 38 23.81 7.75 -47.34
CA GLU A 38 24.80 8.44 -46.51
C GLU A 38 24.05 9.14 -45.35
N ILE A 39 24.71 9.26 -44.20
CA ILE A 39 24.00 9.74 -43.02
C ILE A 39 23.51 11.16 -43.21
N THR A 40 24.33 11.98 -43.90
CA THR A 40 24.07 13.42 -44.05
C THR A 40 22.69 13.79 -44.66
N SER A 41 22.08 12.86 -45.38
CA SER A 41 20.71 13.02 -45.92
C SER A 41 19.63 12.85 -44.85
N LEU A 42 20.03 12.44 -43.65
CA LEU A 42 19.10 12.34 -42.55
C LEU A 42 18.83 13.74 -41.98
N PRO A 43 17.57 14.03 -41.62
CA PRO A 43 17.29 15.25 -40.86
C PRO A 43 18.35 15.50 -39.78
N ASP A 44 18.55 16.75 -39.40
CA ASP A 44 19.80 17.11 -38.72
C ASP A 44 19.93 16.66 -37.26
N TRP A 45 18.83 16.38 -36.57
CA TRP A 45 18.95 15.91 -35.19
C TRP A 45 19.48 14.50 -35.19
N CYS A 46 18.77 13.65 -35.96
CA CYS A 46 19.07 12.24 -36.09
C CYS A 46 20.54 12.05 -36.28
N GLN A 47 21.10 12.77 -37.25
CA GLN A 47 22.49 12.56 -37.66
C GLN A 47 23.44 12.24 -36.52
N GLU A 48 23.21 12.86 -35.37
CA GLU A 48 23.94 12.55 -34.14
C GLU A 48 23.85 11.07 -33.78
N ALA A 49 22.62 10.54 -33.89
CA ALA A 49 22.30 9.14 -33.62
C ALA A 49 23.20 8.17 -34.39
N PHE A 50 23.94 8.68 -35.38
CA PHE A 50 24.81 7.86 -36.21
C PHE A 50 26.20 8.48 -36.28
N PRO A 51 26.89 8.59 -35.13
CA PRO A 51 28.07 9.45 -35.14
C PRO A 51 29.17 9.02 -36.12
N SER A 52 29.94 7.99 -35.79
CA SER A 52 31.12 7.67 -36.58
C SER A 52 31.16 6.21 -36.95
N SER A 53 30.07 5.74 -37.57
CA SER A 53 30.12 4.50 -38.34
C SER A 53 31.24 4.70 -39.35
N GLU A 54 32.04 3.65 -39.55
CA GLU A 54 33.13 3.72 -40.51
C GLU A 54 32.63 4.16 -41.89
N THR A 55 31.49 3.61 -42.30
CA THR A 55 30.90 3.91 -43.61
C THR A 55 30.31 5.33 -43.72
N THR A 56 29.73 5.86 -42.65
CA THR A 56 29.03 7.16 -42.67
C THR A 56 27.76 7.15 -43.56
N SER A 57 27.32 5.95 -43.91
CA SER A 57 26.07 5.70 -44.63
C SER A 57 25.52 4.36 -44.18
N LEU A 58 24.22 4.18 -44.33
CA LEU A 58 23.58 2.90 -44.07
C LEU A 58 24.00 1.84 -45.13
N ASN A 59 24.23 0.60 -44.70
CA ASN A 59 24.48 -0.51 -45.61
C ASN A 59 23.24 -0.91 -46.44
N PRO A 60 23.42 -1.75 -47.48
CA PRO A 60 22.36 -2.03 -48.45
C PRO A 60 21.02 -2.38 -47.82
N ILE A 61 21.03 -3.36 -46.93
CA ILE A 61 19.79 -3.79 -46.28
C ILE A 61 19.08 -2.61 -45.60
N GLN A 62 19.83 -1.76 -44.92
CA GLN A 62 19.29 -0.65 -44.12
C GLN A 62 18.73 0.43 -45.00
N SER A 63 19.47 0.73 -46.04
CA SER A 63 19.05 1.72 -47.01
C SER A 63 17.72 1.31 -47.66
N LYS A 64 17.50 0.03 -47.93
CA LYS A 64 16.31 -0.34 -48.68
C LYS A 64 15.09 -0.31 -47.79
N VAL A 65 15.35 -0.50 -46.49
CA VAL A 65 14.28 -0.59 -45.50
C VAL A 65 13.92 0.78 -44.92
N PHE A 66 14.85 1.74 -45.06
CA PHE A 66 14.73 3.09 -44.50
C PHE A 66 13.46 3.80 -44.84
N HIS A 67 12.99 3.71 -46.07
CA HIS A 67 11.73 4.38 -46.38
C HIS A 67 10.63 3.92 -45.41
N ALA A 68 10.32 2.62 -45.43
CA ALA A 68 9.19 2.10 -44.65
C ALA A 68 9.42 2.20 -43.16
N ALA A 69 10.68 2.04 -42.77
CA ALA A 69 11.06 2.09 -41.37
C ALA A 69 10.84 3.48 -40.81
N PHE A 70 11.45 4.48 -41.44
CA PHE A 70 11.53 5.83 -40.89
C PHE A 70 10.44 6.81 -41.36
N GLU A 71 9.91 6.61 -42.57
CA GLU A 71 8.88 7.47 -43.13
C GLU A 71 7.55 6.77 -43.05
N GLY A 72 7.51 5.55 -42.54
CA GLY A 72 6.27 4.79 -42.51
C GLY A 72 5.91 4.58 -41.06
N ASP A 73 4.66 4.26 -40.81
CA ASP A 73 4.26 3.86 -39.46
C ASP A 73 3.66 2.46 -39.50
N SER A 74 3.76 1.83 -40.68
CA SER A 74 3.21 0.52 -40.89
C SER A 74 4.00 -0.49 -40.07
N ASN A 75 3.36 -1.60 -39.78
CA ASN A 75 3.99 -2.69 -39.07
C ASN A 75 5.02 -3.28 -40.01
N MET A 76 6.04 -3.94 -39.47
CA MET A 76 7.13 -4.47 -40.30
C MET A 76 7.70 -5.81 -39.83
N LEU A 77 8.04 -6.63 -40.78
CA LEU A 77 8.84 -7.81 -40.53
C LEU A 77 10.03 -7.78 -41.50
N ILE A 78 11.23 -7.88 -40.96
CA ILE A 78 12.42 -7.87 -41.76
C ILE A 78 13.13 -9.16 -41.50
N CYS A 79 13.20 -9.99 -42.55
CA CYS A 79 14.00 -11.19 -42.56
C CYS A 79 15.28 -10.88 -43.33
N ALA A 80 16.42 -11.18 -42.73
CA ALA A 80 17.70 -10.84 -43.38
C ALA A 80 18.82 -11.82 -43.03
N PRO A 81 19.93 -11.74 -43.74
CA PRO A 81 21.02 -12.59 -43.37
C PRO A 81 21.63 -12.23 -42.03
N THR A 82 22.37 -13.21 -41.51
CA THR A 82 23.10 -13.09 -40.29
C THR A 82 24.06 -11.95 -40.41
N GLY A 83 24.12 -11.09 -39.43
CA GLY A 83 25.07 -9.99 -39.44
C GLY A 83 24.73 -8.94 -40.47
N SER A 84 23.49 -8.46 -40.43
CA SER A 84 23.01 -7.49 -41.41
C SER A 84 22.84 -6.06 -40.89
N GLY A 85 23.04 -5.84 -39.59
CA GLY A 85 22.97 -4.48 -39.03
C GLY A 85 21.63 -4.12 -38.43
N LYS A 86 21.22 -4.86 -37.42
CA LYS A 86 19.89 -4.74 -36.83
C LYS A 86 19.72 -3.50 -35.98
N THR A 87 20.74 -3.13 -35.24
CA THR A 87 20.66 -1.96 -34.38
C THR A 87 20.13 -0.72 -35.13
N ASN A 88 20.84 -0.32 -36.19
CA ASN A 88 20.46 0.91 -36.90
C ASN A 88 19.07 0.81 -37.49
N ILE A 89 18.68 -0.39 -37.85
CA ILE A 89 17.33 -0.62 -38.35
C ILE A 89 16.32 -0.35 -37.26
N ALA A 90 16.62 -0.87 -36.07
CA ALA A 90 15.79 -0.66 -34.87
C ALA A 90 15.79 0.79 -34.54
N LEU A 91 16.95 1.41 -34.67
CA LEU A 91 17.11 2.83 -34.38
C LEU A 91 16.23 3.72 -35.26
N LEU A 92 16.20 3.43 -36.55
CA LEU A 92 15.38 4.21 -37.45
C LEU A 92 13.96 4.21 -36.97
N THR A 93 13.44 3.05 -36.55
CA THR A 93 12.04 2.91 -36.17
C THR A 93 11.76 3.61 -34.86
N VAL A 94 12.77 3.58 -33.97
CA VAL A 94 12.74 4.33 -32.72
C VAL A 94 12.54 5.82 -33.01
N LEU A 95 13.51 6.43 -33.69
CA LEU A 95 13.43 7.86 -34.05
C LEU A 95 12.06 8.24 -34.67
N LYS A 96 11.50 7.40 -35.52
CA LYS A 96 10.22 7.75 -36.06
C LYS A 96 9.22 7.84 -34.92
N ALA A 97 9.24 6.89 -34.01
CA ALA A 97 8.24 6.85 -32.95
C ALA A 97 8.32 8.11 -32.08
N LEU A 98 9.54 8.60 -31.84
CA LEU A 98 9.78 9.85 -31.10
C LEU A 98 9.16 11.05 -31.78
N SER A 99 9.26 11.05 -33.11
CA SER A 99 8.88 12.20 -33.90
C SER A 99 7.42 12.57 -33.63
N HIS A 100 6.57 11.58 -33.40
CA HIS A 100 5.13 11.81 -33.20
C HIS A 100 4.73 12.64 -31.97
N HIS A 101 5.68 12.97 -31.10
CA HIS A 101 5.39 13.67 -29.85
C HIS A 101 6.01 15.07 -29.77
N TYR A 102 7.34 15.17 -29.80
CA TYR A 102 7.99 16.50 -29.87
C TYR A 102 7.40 17.36 -31.00
N ASN A 103 7.36 18.68 -30.81
CA ASN A 103 6.91 19.62 -31.86
C ASN A 103 8.07 20.00 -32.81
N PRO A 104 7.82 20.05 -34.13
CA PRO A 104 8.92 20.44 -35.05
C PRO A 104 9.42 21.87 -34.80
N LYS A 105 8.52 22.78 -34.44
CA LYS A 105 8.87 24.16 -34.10
C LYS A 105 9.50 24.26 -32.70
N THR A 106 8.91 23.58 -31.72
CA THR A 106 9.41 23.61 -30.32
C THR A 106 10.76 22.88 -30.19
N LYS A 107 11.63 23.43 -29.34
CA LYS A 107 12.88 22.78 -28.96
C LYS A 107 12.57 21.64 -28.01
N LYS A 108 11.65 21.89 -27.09
CA LYS A 108 11.19 20.94 -26.08
C LYS A 108 10.60 19.61 -26.62
N LEU A 109 11.07 18.49 -26.03
CA LEU A 109 10.71 17.12 -26.39
C LEU A 109 9.84 16.48 -25.32
N ASN A 110 8.61 16.13 -25.66
CA ASN A 110 7.73 15.43 -24.73
C ASN A 110 8.39 14.10 -24.38
N LEU A 111 8.35 13.71 -23.10
CA LEU A 111 8.98 12.46 -22.59
C LEU A 111 8.06 11.51 -21.82
N SER A 112 6.89 12.00 -21.43
CA SER A 112 5.96 11.20 -20.66
C SER A 112 5.00 10.41 -21.55
N ALA A 113 4.90 10.78 -22.82
CA ALA A 113 3.79 10.25 -23.66
C ALA A 113 4.10 8.90 -24.33
N PHE A 114 5.38 8.63 -24.56
CA PHE A 114 5.77 7.47 -25.36
C PHE A 114 6.63 6.51 -24.55
N LYS A 115 6.27 5.23 -24.64
CA LYS A 115 7.10 4.14 -24.14
C LYS A 115 7.47 3.23 -25.28
N ILE A 116 8.77 2.99 -25.40
CA ILE A 116 9.33 2.10 -26.41
C ILE A 116 9.89 0.83 -25.79
N VAL A 117 9.41 -0.31 -26.26
CA VAL A 117 9.87 -1.63 -25.78
C VAL A 117 10.68 -2.39 -26.84
N TYR A 118 11.86 -2.88 -26.48
CA TYR A 118 12.67 -3.71 -27.37
C TYR A 118 12.92 -5.08 -26.73
N ILE A 119 12.15 -6.08 -27.20
CA ILE A 119 12.28 -7.47 -26.78
C ILE A 119 13.47 -8.15 -27.46
N ALA A 120 14.33 -8.81 -26.70
CA ALA A 120 15.50 -9.52 -27.23
C ALA A 120 15.82 -10.76 -26.41
N PRO A 121 16.20 -11.85 -27.08
CA PRO A 121 16.11 -13.19 -26.49
C PRO A 121 16.97 -13.49 -25.27
N LEU A 122 18.10 -12.81 -25.11
CA LEU A 122 19.06 -13.13 -24.05
C LEU A 122 19.58 -11.89 -23.36
N LYS A 123 19.79 -12.00 -22.05
CA LYS A 123 20.26 -10.89 -21.23
C LYS A 123 21.59 -10.33 -21.77
N ALA A 124 22.47 -11.20 -22.27
CA ALA A 124 23.75 -10.74 -22.82
C ALA A 124 23.51 -9.65 -23.86
N LEU A 125 22.56 -9.92 -24.75
CA LEU A 125 22.24 -9.03 -25.84
C LEU A 125 21.37 -7.87 -25.35
N VAL A 126 20.46 -8.12 -24.42
CA VAL A 126 19.59 -7.06 -23.89
C VAL A 126 20.42 -5.94 -23.30
N GLN A 127 21.38 -6.29 -22.47
CA GLN A 127 22.32 -5.33 -21.92
C GLN A 127 23.05 -4.57 -22.99
N GLU A 128 23.51 -5.30 -24.01
CA GLU A 128 24.28 -4.71 -25.11
C GLU A 128 23.52 -3.60 -25.82
N GLN A 129 22.27 -3.86 -26.17
CA GLN A 129 21.41 -2.86 -26.80
C GLN A 129 21.15 -1.65 -25.89
N VAL A 130 21.09 -1.88 -24.59
CA VAL A 130 20.91 -0.80 -23.63
C VAL A 130 22.10 0.17 -23.67
N ARG A 131 23.29 -0.38 -23.49
CA ARG A 131 24.52 0.42 -23.67
C ARG A 131 24.57 1.17 -25.01
N GLU A 132 24.43 0.42 -26.10
CA GLU A 132 24.41 1.01 -27.44
C GLU A 132 23.32 2.04 -27.62
N PHE A 133 22.12 1.78 -27.13
CA PHE A 133 21.06 2.76 -27.33
C PHE A 133 21.24 3.96 -26.45
N GLN A 134 21.81 3.78 -25.27
CA GLN A 134 21.99 4.92 -24.40
C GLN A 134 22.99 5.84 -25.08
N ARG A 135 24.18 5.32 -25.40
CA ARG A 135 25.20 6.14 -26.08
C ARG A 135 24.60 6.95 -27.22
N ARG A 136 23.89 6.28 -28.11
CA ARG A 136 23.42 6.89 -29.36
C ARG A 136 22.28 7.87 -29.13
N LEU A 137 21.35 7.50 -28.26
CA LEU A 137 20.22 8.35 -27.99
C LEU A 137 20.40 9.24 -26.74
N ALA A 138 21.66 9.34 -26.30
CA ALA A 138 22.06 10.26 -25.24
C ALA A 138 21.64 11.68 -25.60
N PHE A 139 22.08 12.12 -26.77
CA PHE A 139 21.86 13.49 -27.18
C PHE A 139 20.37 13.91 -27.09
N LEU A 140 19.44 13.04 -27.44
CA LEU A 140 18.04 13.40 -27.33
C LEU A 140 17.56 13.45 -25.89
N GLY A 141 18.46 13.05 -24.96
CA GLY A 141 18.15 13.00 -23.53
C GLY A 141 17.02 12.05 -23.18
N ILE A 142 17.11 10.82 -23.69
CA ILE A 142 16.16 9.74 -23.33
C ILE A 142 16.91 8.64 -22.58
N LYS A 143 16.15 7.96 -21.72
CA LYS A 143 16.68 6.94 -20.83
C LYS A 143 16.47 5.58 -21.44
N VAL A 144 17.54 4.80 -21.46
CA VAL A 144 17.47 3.43 -21.90
C VAL A 144 17.85 2.55 -20.71
N ALA A 145 16.95 1.63 -20.36
CA ALA A 145 17.18 0.77 -19.20
C ALA A 145 16.83 -0.65 -19.50
N GLU A 146 17.63 -1.56 -18.99
CA GLU A 146 17.29 -2.99 -18.99
C GLU A 146 16.10 -3.19 -18.08
N LEU A 147 15.02 -3.76 -18.60
CA LEU A 147 13.80 -3.95 -17.82
C LEU A 147 14.08 -4.99 -16.77
N THR A 148 13.79 -4.61 -15.52
CA THR A 148 14.45 -5.13 -14.32
C THR A 148 14.48 -6.66 -14.21
N GLY A 149 15.71 -7.18 -14.06
CA GLY A 149 15.97 -8.62 -14.12
C GLY A 149 15.37 -9.50 -13.03
N ASP A 150 15.02 -8.91 -11.89
CA ASP A 150 14.57 -9.71 -10.71
C ASP A 150 13.18 -9.35 -10.10
N SER A 151 12.92 -8.07 -9.77
CA SER A 151 11.77 -7.72 -8.90
C SER A 151 10.52 -7.19 -9.63
N ARG A 152 9.45 -6.96 -8.86
CA ARG A 152 8.10 -6.70 -9.40
C ARG A 152 7.50 -5.33 -8.99
N LEU A 153 7.42 -5.01 -7.69
CA LEU A 153 6.89 -3.69 -7.28
C LEU A 153 7.80 -2.58 -7.78
N SER A 154 9.11 -2.81 -7.74
CA SER A 154 10.06 -1.82 -8.26
C SER A 154 10.06 -1.72 -9.82
N ARG A 155 9.12 -2.39 -10.49
CA ARG A 155 8.82 -2.14 -11.92
C ARG A 155 7.92 -0.93 -12.14
N LYS A 156 7.02 -0.66 -11.20
CA LYS A 156 6.10 0.49 -11.31
C LYS A 156 6.86 1.80 -11.54
N GLN A 157 8.03 1.91 -10.90
CA GLN A 157 8.94 3.07 -11.04
C GLN A 157 9.55 3.22 -12.44
N ILE A 158 10.05 2.10 -13.01
CA ILE A 158 10.95 2.10 -14.18
C ILE A 158 10.29 2.71 -15.41
N ASP A 159 9.06 3.17 -15.26
CA ASP A 159 8.51 4.22 -16.11
C ASP A 159 8.99 5.67 -15.71
N GLU A 160 10.17 5.74 -15.09
CA GLU A 160 11.05 6.90 -15.19
C GLU A 160 11.66 6.87 -16.58
N THR A 161 11.58 5.70 -17.23
CA THR A 161 12.34 5.38 -18.46
C THR A 161 11.52 5.42 -19.77
N GLN A 162 12.19 5.74 -20.89
CA GLN A 162 11.56 5.88 -22.23
C GLN A 162 11.80 4.71 -23.22
N VAL A 163 12.93 4.01 -23.06
CA VAL A 163 13.27 2.82 -23.84
C VAL A 163 13.54 1.63 -22.90
N LEU A 164 12.62 0.68 -22.95
CA LEU A 164 12.74 -0.55 -22.16
C LEU A 164 13.25 -1.72 -22.98
N VAL A 165 14.40 -2.24 -22.61
CA VAL A 165 14.99 -3.37 -23.30
C VAL A 165 14.86 -4.59 -22.44
N SER A 166 13.90 -5.44 -22.78
CA SER A 166 13.55 -6.62 -22.02
C SER A 166 13.92 -7.95 -22.76
N THR A 167 13.92 -9.06 -22.04
CA THR A 167 13.75 -10.38 -22.66
C THR A 167 12.27 -10.70 -22.82
N PRO A 168 11.92 -11.70 -23.67
CA PRO A 168 10.50 -11.97 -23.82
C PRO A 168 9.84 -12.30 -22.48
N GLU A 169 10.44 -13.17 -21.69
CA GLU A 169 9.80 -13.56 -20.44
C GLU A 169 9.57 -12.36 -19.52
N LYS A 170 10.58 -11.54 -19.25
CA LYS A 170 10.39 -10.40 -18.32
C LYS A 170 9.24 -9.51 -18.79
N TRP A 171 9.07 -9.36 -20.10
CA TRP A 171 8.03 -8.50 -20.62
C TRP A 171 6.69 -9.20 -20.63
N ASP A 172 6.74 -10.50 -20.62
CA ASP A 172 5.54 -11.30 -20.48
C ASP A 172 5.02 -11.19 -19.06
N ILE A 173 5.89 -11.33 -18.05
CA ILE A 173 5.43 -11.20 -16.67
C ILE A 173 4.98 -9.77 -16.42
N THR A 174 5.73 -8.80 -16.92
CA THR A 174 5.36 -7.42 -16.67
C THR A 174 3.97 -7.18 -17.21
N THR A 175 3.72 -7.64 -18.42
CA THR A 175 2.56 -7.21 -19.15
C THR A 175 1.33 -8.06 -18.80
N ARG A 176 1.57 -9.06 -17.98
CA ARG A 176 0.57 -10.05 -17.60
C ARG A 176 0.05 -9.67 -16.21
N ASN A 177 0.74 -8.68 -15.62
CA ASN A 177 0.35 -8.06 -14.37
C ASN A 177 -0.84 -7.10 -14.51
N SER A 178 -1.92 -7.41 -13.79
CA SER A 178 -3.17 -6.64 -13.87
C SER A 178 -2.96 -5.15 -13.56
N ASN A 179 -1.98 -4.84 -12.70
CA ASN A 179 -1.76 -3.46 -12.29
C ASN A 179 -0.97 -2.68 -13.36
N ASN A 180 -0.16 -3.38 -14.16
CA ASN A 180 0.61 -2.67 -15.21
C ASN A 180 -0.20 -2.20 -16.43
N LEU A 181 -1.43 -2.71 -16.60
CA LEU A 181 -2.41 -2.19 -17.59
C LEU A 181 -2.38 -0.67 -17.77
N ALA A 182 -2.10 0.05 -16.70
CA ALA A 182 -1.97 1.49 -16.79
C ALA A 182 -0.95 1.89 -17.87
N ILE A 183 0.22 1.25 -17.81
CA ILE A 183 1.41 1.65 -18.58
C ILE A 183 1.57 0.99 -19.96
N VAL A 184 0.97 -0.16 -20.16
CA VAL A 184 0.94 -0.75 -21.49
C VAL A 184 0.29 0.23 -22.48
N GLU A 185 -0.59 1.12 -22.01
CA GLU A 185 -1.22 2.12 -22.89
C GLU A 185 -0.27 3.09 -23.60
N LEU A 186 0.86 3.40 -22.96
CA LEU A 186 1.85 4.32 -23.54
C LEU A 186 2.86 3.67 -24.49
N VAL A 187 2.80 2.35 -24.63
CA VAL A 187 3.76 1.60 -25.43
C VAL A 187 3.37 1.78 -26.88
N ARG A 188 4.20 2.51 -27.63
CA ARG A 188 3.89 2.83 -29.04
C ARG A 188 4.74 2.04 -30.06
N LEU A 189 5.96 1.68 -29.66
CA LEU A 189 6.83 0.89 -30.48
C LEU A 189 7.21 -0.37 -29.74
N LEU A 190 6.95 -1.52 -30.36
CA LEU A 190 7.30 -2.82 -29.82
C LEU A 190 8.19 -3.53 -30.81
N ILE A 191 9.50 -3.44 -30.58
CA ILE A 191 10.51 -4.13 -31.41
C ILE A 191 10.88 -5.55 -30.91
N ILE A 192 10.45 -6.58 -31.63
CA ILE A 192 10.82 -7.94 -31.28
C ILE A 192 11.97 -8.41 -32.13
N ASP A 193 13.12 -8.58 -31.51
CA ASP A 193 14.34 -9.02 -32.18
C ASP A 193 14.37 -10.53 -32.14
N GLU A 194 14.95 -11.13 -33.16
CA GLU A 194 15.12 -12.58 -33.24
C GLU A 194 13.75 -13.29 -33.18
N ILE A 195 12.78 -12.70 -33.90
CA ILE A 195 11.38 -13.15 -33.94
C ILE A 195 11.19 -14.58 -34.39
N HIS A 196 12.27 -15.18 -34.88
CA HIS A 196 12.22 -16.57 -35.35
C HIS A 196 12.39 -17.55 -34.21
N LEU A 197 12.67 -17.01 -33.02
CA LEU A 197 12.51 -17.73 -31.75
C LEU A 197 11.13 -18.38 -31.63
N LEU A 198 10.14 -17.86 -32.36
CA LEU A 198 8.79 -18.42 -32.36
C LEU A 198 8.78 -19.96 -32.42
N HIS A 199 9.76 -20.47 -33.16
CA HIS A 199 9.99 -21.89 -33.37
C HIS A 199 10.59 -22.65 -32.20
N ASP A 200 11.29 -21.94 -31.33
CA ASP A 200 11.89 -22.52 -30.12
C ASP A 200 10.81 -22.84 -29.09
N ASP A 201 11.18 -23.58 -28.05
CA ASP A 201 10.23 -23.93 -27.01
C ASP A 201 9.97 -22.74 -26.09
N ARG A 202 10.75 -21.67 -26.28
CA ARG A 202 10.48 -20.37 -25.63
C ARG A 202 9.55 -19.50 -26.44
N GLY A 203 9.29 -19.86 -27.69
CA GLY A 203 8.60 -19.03 -28.67
C GLY A 203 7.15 -18.71 -28.31
N PRO A 204 6.48 -19.64 -27.63
CA PRO A 204 5.13 -19.27 -27.23
C PRO A 204 5.04 -18.00 -26.34
N VAL A 205 6.15 -17.60 -25.71
CA VAL A 205 6.18 -16.37 -24.94
C VAL A 205 5.90 -15.19 -25.87
N LEU A 206 6.53 -15.24 -27.04
CA LEU A 206 6.27 -14.27 -28.08
C LEU A 206 4.83 -14.32 -28.60
N GLU A 207 4.27 -15.52 -28.74
CA GLU A 207 2.86 -15.67 -29.09
C GLU A 207 1.98 -15.01 -28.04
N SER A 208 2.19 -15.36 -26.77
CA SER A 208 1.39 -14.75 -25.72
C SER A 208 1.57 -13.24 -25.70
N ILE A 209 2.77 -12.76 -25.90
CA ILE A 209 2.99 -11.32 -25.85
C ILE A 209 2.13 -10.64 -26.90
N VAL A 210 2.08 -11.18 -28.11
CA VAL A 210 1.42 -10.50 -29.23
C VAL A 210 -0.10 -10.67 -29.13
N ALA A 211 -0.53 -11.91 -28.92
CA ALA A 211 -1.94 -12.18 -28.65
C ALA A 211 -2.50 -11.22 -27.63
N ARG A 212 -1.69 -10.78 -26.68
CA ARG A 212 -2.14 -9.86 -25.65
C ARG A 212 -2.15 -8.44 -26.14
N THR A 213 -1.31 -8.06 -27.10
CA THR A 213 -1.25 -6.64 -27.43
C THR A 213 -2.43 -6.31 -28.32
N PHE A 214 -2.83 -7.27 -29.15
CA PHE A 214 -3.89 -7.03 -30.12
C PHE A 214 -5.26 -7.24 -29.48
N TRP A 215 -5.44 -8.46 -28.98
CA TRP A 215 -6.71 -8.96 -28.46
C TRP A 215 -7.19 -8.39 -27.13
N ALA A 216 -6.29 -8.06 -26.22
CA ALA A 216 -6.69 -7.63 -24.87
C ALA A 216 -6.76 -6.11 -24.69
N SER A 217 -6.33 -5.35 -25.70
CA SER A 217 -6.34 -3.86 -25.66
C SER A 217 -7.73 -3.29 -25.30
N LYS A 218 -8.75 -3.80 -25.98
CA LYS A 218 -10.18 -3.45 -25.79
C LYS A 218 -10.48 -1.93 -25.86
N TYR A 219 -11.05 -1.39 -24.79
CA TYR A 219 -11.48 0.00 -24.74
C TYR A 219 -10.38 1.04 -25.09
N GLY A 220 -9.15 0.78 -24.68
CA GLY A 220 -8.03 1.73 -24.90
C GLY A 220 -7.62 1.94 -26.36
N GLN A 221 -7.91 0.95 -27.21
CA GLN A 221 -8.11 1.12 -28.68
C GLN A 221 -6.94 1.48 -29.65
N GLU A 222 -5.75 1.86 -29.16
CA GLU A 222 -4.62 2.23 -30.06
C GLU A 222 -3.46 1.23 -29.97
N TYR A 223 -3.28 0.39 -31.00
CA TYR A 223 -2.20 -0.62 -30.96
C TYR A 223 -0.81 -0.03 -31.30
N PRO A 224 0.26 -0.52 -30.63
CA PRO A 224 1.54 0.04 -30.91
C PRO A 224 2.08 -0.46 -32.23
N ARG A 225 3.05 0.26 -32.78
CA ARG A 225 3.71 -0.19 -33.99
C ARG A 225 4.57 -1.37 -33.66
N ILE A 226 4.56 -2.36 -34.55
CA ILE A 226 5.34 -3.56 -34.37
C ILE A 226 6.34 -3.78 -35.51
N ILE A 227 7.58 -4.07 -35.13
CA ILE A 227 8.67 -4.34 -36.07
C ILE A 227 9.31 -5.62 -35.62
N GLY A 228 9.18 -6.66 -36.44
CA GLY A 228 9.74 -7.97 -36.12
C GLY A 228 11.05 -8.00 -36.83
N LEU A 229 12.05 -8.61 -36.24
CA LEU A 229 13.32 -8.76 -36.90
C LEU A 229 13.67 -10.24 -36.89
N SER A 230 13.99 -10.78 -38.07
CA SER A 230 14.00 -12.26 -38.28
C SER A 230 15.20 -12.75 -39.06
N ALA A 231 15.41 -14.05 -38.98
CA ALA A 231 16.34 -14.77 -39.84
C ALA A 231 15.51 -15.22 -41.03
N THR A 232 16.16 -15.34 -42.20
CA THR A 232 15.42 -15.80 -43.40
C THR A 232 15.21 -17.27 -43.28
N LEU A 233 13.95 -17.64 -43.10
CA LEU A 233 13.58 -19.02 -42.91
C LEU A 233 12.15 -19.17 -43.38
N PRO A 234 11.79 -20.38 -43.85
CA PRO A 234 10.43 -20.67 -44.27
C PRO A 234 9.40 -20.27 -43.24
N ASN A 235 8.20 -20.00 -43.76
CA ASN A 235 7.07 -19.44 -43.06
C ASN A 235 7.13 -17.99 -42.61
N TYR A 236 8.14 -17.23 -43.03
CA TYR A 236 8.15 -15.79 -42.75
C TYR A 236 6.81 -15.18 -43.16
N GLU A 237 6.22 -15.74 -44.21
CA GLU A 237 4.90 -15.33 -44.70
C GLU A 237 3.87 -15.34 -43.58
N ASP A 238 3.67 -16.52 -42.99
CA ASP A 238 2.80 -16.71 -41.85
C ASP A 238 3.17 -15.81 -40.65
N VAL A 239 4.46 -15.54 -40.47
CA VAL A 239 4.90 -14.76 -39.32
C VAL A 239 4.41 -13.33 -39.47
N GLY A 240 4.62 -12.74 -40.64
CA GLY A 240 4.19 -11.36 -40.86
C GLY A 240 2.69 -11.17 -40.74
N ARG A 241 1.96 -12.26 -40.99
CA ARG A 241 0.51 -12.32 -40.82
C ARG A 241 0.22 -12.25 -39.31
N PHE A 242 0.80 -13.20 -38.59
CA PHE A 242 0.78 -13.24 -37.12
C PHE A 242 1.02 -11.92 -36.38
N LEU A 243 1.86 -11.05 -36.93
CA LEU A 243 2.02 -9.74 -36.31
C LEU A 243 1.53 -8.60 -37.21
N ARG A 244 0.51 -8.93 -38.01
CA ARG A 244 -0.25 -7.95 -38.76
C ARG A 244 0.62 -6.91 -39.50
N VAL A 245 1.54 -7.43 -40.31
CA VAL A 245 2.35 -6.64 -41.22
C VAL A 245 1.70 -6.70 -42.57
N PRO A 246 1.42 -5.55 -43.18
CA PRO A 246 0.90 -5.52 -44.53
C PRO A 246 2.04 -5.55 -45.56
N LYS A 247 1.75 -5.86 -46.82
CA LYS A 247 2.83 -5.98 -47.80
C LYS A 247 3.79 -4.78 -47.85
N GLU A 248 3.30 -3.55 -47.72
CA GLU A 248 4.22 -2.38 -47.61
C GLU A 248 5.43 -2.64 -46.70
N GLY A 249 5.20 -3.43 -45.64
CA GLY A 249 6.15 -3.54 -44.56
C GLY A 249 6.81 -4.88 -44.35
N LEU A 250 6.63 -5.81 -45.30
CA LEU A 250 7.32 -7.10 -45.24
C LEU A 250 8.55 -7.12 -46.15
N PHE A 251 9.70 -7.49 -45.58
CA PHE A 251 10.98 -7.62 -46.32
C PHE A 251 11.76 -8.91 -46.07
N TYR A 252 12.41 -9.40 -47.12
CA TYR A 252 13.12 -10.68 -47.08
C TYR A 252 14.36 -10.52 -47.91
N PHE A 253 15.51 -10.71 -47.26
CA PHE A 253 16.75 -10.43 -47.91
C PHE A 253 17.56 -11.70 -48.20
N ASP A 254 17.87 -11.90 -49.47
CA ASP A 254 18.61 -13.06 -49.89
C ASP A 254 20.02 -12.90 -49.36
N SER A 255 20.76 -14.00 -49.29
CA SER A 255 22.16 -13.98 -48.89
C SER A 255 23.04 -13.02 -49.70
N SER A 256 22.58 -12.64 -50.89
CA SER A 256 23.25 -11.63 -51.70
C SER A 256 23.39 -10.34 -50.97
N PHE A 257 22.38 -10.02 -50.15
CA PHE A 257 22.32 -8.74 -49.45
C PHE A 257 23.03 -8.66 -48.12
N ARG A 258 23.58 -9.77 -47.63
CA ARG A 258 24.36 -9.71 -46.42
C ARG A 258 25.54 -8.82 -46.68
N PRO A 259 25.66 -7.68 -45.98
CA PRO A 259 26.94 -7.04 -46.16
C PRO A 259 28.03 -8.02 -45.75
N CYS A 260 29.13 -8.01 -46.49
CA CYS A 260 30.20 -9.01 -46.34
C CYS A 260 29.70 -10.44 -46.56
N PRO A 261 29.46 -10.82 -47.84
CA PRO A 261 28.78 -12.10 -48.09
C PRO A 261 29.52 -13.30 -47.51
N LEU A 262 28.76 -14.31 -47.14
CA LEU A 262 29.23 -15.35 -46.28
C LEU A 262 29.37 -16.67 -47.02
N SER A 263 30.50 -17.29 -46.82
CA SER A 263 30.77 -18.60 -47.37
C SER A 263 30.61 -19.59 -46.23
N GLN A 264 30.00 -20.73 -46.52
CA GLN A 264 29.78 -21.75 -45.50
C GLN A 264 30.52 -23.01 -45.83
N GLN A 265 30.68 -23.85 -44.82
CA GLN A 265 31.45 -25.09 -44.92
C GLN A 265 31.03 -26.02 -43.77
N PHE A 266 30.72 -27.28 -44.04
CA PHE A 266 30.18 -28.22 -43.04
C PHE A 266 31.01 -29.50 -42.98
N CYS A 267 31.91 -29.57 -42.01
CA CYS A 267 32.64 -30.80 -41.70
C CYS A 267 31.78 -31.80 -40.93
N GLY A 268 31.43 -32.91 -41.57
CA GLY A 268 30.55 -33.89 -40.94
C GLY A 268 31.36 -35.02 -40.35
N ILE A 269 31.86 -34.80 -39.14
CA ILE A 269 32.64 -35.83 -38.46
C ILE A 269 31.84 -37.13 -38.43
N LYS A 270 32.55 -38.25 -38.54
CA LYS A 270 31.93 -39.56 -38.72
C LYS A 270 32.37 -40.58 -37.69
N GLU A 271 33.44 -40.28 -36.94
CA GLU A 271 33.94 -41.21 -35.92
C GLU A 271 32.93 -41.46 -34.77
N ARG A 272 32.77 -42.74 -34.43
CA ARG A 272 31.74 -43.22 -33.51
C ARG A 272 32.08 -42.97 -32.05
N ASN A 273 33.24 -43.47 -31.63
CA ASN A 273 33.61 -43.45 -30.21
C ASN A 273 34.18 -42.09 -29.80
N SER A 274 34.11 -41.81 -28.51
CA SER A 274 34.37 -40.48 -27.96
C SER A 274 35.80 -40.00 -28.10
N LEU A 275 36.73 -40.87 -27.76
CA LEU A 275 38.14 -40.49 -27.83
C LEU A 275 38.47 -40.09 -29.26
N LYS A 276 38.08 -40.92 -30.22
CA LYS A 276 38.48 -40.70 -31.61
C LYS A 276 37.66 -39.63 -32.30
N LYS A 277 36.41 -39.44 -31.85
CA LYS A 277 35.56 -38.35 -32.35
C LYS A 277 36.10 -37.00 -31.93
N LEU A 278 36.42 -36.88 -30.65
CA LEU A 278 37.05 -35.69 -30.10
C LEU A 278 38.35 -35.38 -30.87
N LYS A 279 39.18 -36.38 -31.10
CA LYS A 279 40.38 -36.14 -31.89
C LYS A 279 40.03 -35.61 -33.30
N ALA A 280 39.08 -36.28 -33.94
CA ALA A 280 38.65 -35.92 -35.30
C ALA A 280 38.39 -34.43 -35.43
N MET A 281 37.67 -33.86 -34.46
CA MET A 281 37.30 -32.44 -34.49
C MET A 281 38.48 -31.54 -34.28
N ASN A 282 39.35 -31.94 -33.37
CA ASN A 282 40.56 -31.16 -33.10
C ASN A 282 41.37 -31.01 -34.36
N ASP A 283 41.64 -32.14 -35.02
CA ASP A 283 42.38 -32.10 -36.29
C ASP A 283 41.59 -31.20 -37.25
N ALA A 284 40.34 -31.59 -37.52
CA ALA A 284 39.50 -30.88 -38.47
C ALA A 284 39.59 -29.39 -38.21
N CYS A 285 39.43 -29.00 -36.94
CA CYS A 285 39.59 -27.63 -36.50
C CYS A 285 40.97 -27.10 -36.86
N TYR A 286 42.04 -27.81 -36.48
CA TYR A 286 43.40 -27.32 -36.77
C TYR A 286 43.58 -26.92 -38.27
N GLU A 287 43.20 -27.81 -39.20
CA GLU A 287 43.30 -27.54 -40.66
C GLU A 287 42.68 -26.20 -41.05
N LYS A 288 41.39 -26.05 -40.74
CA LYS A 288 40.65 -24.83 -41.06
C LYS A 288 41.30 -23.59 -40.47
N VAL A 289 41.73 -23.70 -39.21
CA VAL A 289 42.44 -22.60 -38.54
C VAL A 289 43.70 -22.27 -39.33
N LEU A 290 44.42 -23.30 -39.75
CA LEU A 290 45.66 -23.12 -40.51
C LEU A 290 45.36 -22.39 -41.81
N GLU A 291 44.50 -22.98 -42.64
CA GLU A 291 44.08 -22.33 -43.89
C GLU A 291 43.83 -20.82 -43.69
N SER A 292 42.92 -20.47 -42.77
CA SER A 292 42.56 -19.07 -42.50
C SER A 292 43.77 -18.21 -42.17
N ILE A 293 44.75 -18.83 -41.51
CA ILE A 293 45.95 -18.11 -41.07
C ILE A 293 46.89 -17.88 -42.24
N ASN A 294 47.03 -18.91 -43.08
CA ASN A 294 47.81 -18.80 -44.30
C ASN A 294 47.29 -17.79 -45.31
N GLU A 295 46.07 -17.27 -45.12
CA GLU A 295 45.53 -16.23 -45.98
C GLU A 295 45.47 -14.85 -45.27
N GLY A 296 46.21 -14.73 -44.17
CA GLY A 296 46.30 -13.47 -43.44
C GLY A 296 45.01 -13.09 -42.72
N ASN A 297 44.20 -14.11 -42.44
CA ASN A 297 42.90 -13.91 -41.83
C ASN A 297 42.83 -14.40 -40.37
N GLN A 298 42.04 -13.68 -39.58
CA GLN A 298 41.76 -13.97 -38.16
C GLN A 298 40.61 -14.95 -38.01
N ILE A 299 40.39 -15.44 -36.79
CA ILE A 299 39.46 -16.54 -36.62
C ILE A 299 38.96 -16.79 -35.16
N ILE A 300 37.64 -16.99 -35.02
CA ILE A 300 36.96 -17.15 -33.72
C ILE A 300 36.41 -18.57 -33.65
N VAL A 301 36.73 -19.28 -32.58
CA VAL A 301 36.32 -20.66 -32.41
C VAL A 301 35.28 -20.72 -31.30
N PHE A 302 34.09 -21.18 -31.61
CA PHE A 302 33.10 -21.34 -30.58
C PHE A 302 33.14 -22.75 -30.03
N VAL A 303 33.22 -22.86 -28.70
CA VAL A 303 33.10 -24.12 -27.98
C VAL A 303 31.99 -24.05 -26.89
N HIS A 304 31.59 -25.22 -26.40
CA HIS A 304 30.39 -25.35 -25.53
C HIS A 304 30.59 -24.95 -24.08
N SER A 305 31.77 -25.22 -23.54
CA SER A 305 32.10 -24.89 -22.17
C SER A 305 33.25 -23.92 -22.07
N ARG A 306 33.46 -23.42 -20.85
CA ARG A 306 34.52 -22.43 -20.56
C ARG A 306 35.90 -23.08 -20.39
N LYS A 307 35.92 -24.32 -19.89
CA LYS A 307 37.16 -25.09 -19.81
C LYS A 307 37.57 -25.54 -21.19
N GLU A 308 36.60 -25.73 -22.08
CA GLU A 308 36.92 -26.15 -23.43
C GLU A 308 37.75 -25.10 -24.17
N THR A 309 37.48 -23.83 -23.91
CA THR A 309 38.13 -22.77 -24.62
C THR A 309 39.64 -22.87 -24.42
N SER A 310 40.02 -22.98 -23.15
CA SER A 310 41.43 -23.02 -22.79
C SER A 310 42.11 -24.30 -23.24
N ARG A 311 41.41 -25.44 -23.24
CA ARG A 311 42.02 -26.69 -23.73
C ARG A 311 42.07 -26.79 -25.25
N THR A 312 41.09 -26.18 -25.91
CA THR A 312 41.08 -26.15 -27.37
C THR A 312 42.19 -25.22 -27.80
N ALA A 313 42.29 -24.06 -27.16
CA ALA A 313 43.32 -23.05 -27.49
C ALA A 313 44.70 -23.64 -27.27
N THR A 314 44.86 -24.36 -26.19
CA THR A 314 46.12 -25.02 -25.94
C THR A 314 46.48 -26.07 -27.01
N TRP A 315 45.63 -27.07 -27.24
CA TRP A 315 45.85 -28.02 -28.35
C TRP A 315 46.43 -27.32 -29.58
N LEU A 316 45.81 -26.22 -29.96
CA LEU A 316 46.21 -25.49 -31.13
C LEU A 316 47.62 -25.02 -30.89
N LYS A 317 47.81 -24.15 -29.90
CA LYS A 317 49.16 -23.67 -29.53
C LYS A 317 50.25 -24.75 -29.73
N ASN A 318 50.03 -25.92 -29.11
CA ASN A 318 51.01 -27.00 -29.11
C ASN A 318 51.12 -27.62 -30.47
N LYS A 319 49.98 -27.93 -31.08
CA LYS A 319 49.98 -28.49 -32.43
C LYS A 319 50.66 -27.55 -33.44
N PHE A 320 50.62 -26.25 -33.17
CA PHE A 320 51.26 -25.28 -34.06
C PHE A 320 52.77 -25.33 -33.88
N ALA A 321 53.22 -25.46 -32.63
CA ALA A 321 54.66 -25.68 -32.33
C ALA A 321 55.15 -27.08 -32.75
N GLU A 322 54.32 -28.12 -32.58
CA GLU A 322 54.69 -29.44 -33.09
C GLU A 322 55.16 -29.38 -34.55
N GLU A 323 54.70 -28.40 -35.33
CA GLU A 323 55.18 -28.22 -36.71
C GLU A 323 55.95 -26.88 -36.93
N ASN A 324 55.29 -25.74 -36.75
CA ASN A 324 55.96 -24.44 -36.99
C ASN A 324 55.91 -23.40 -35.85
N ILE A 325 54.69 -22.94 -35.49
CA ILE A 325 54.40 -21.84 -34.50
C ILE A 325 54.80 -20.39 -34.89
N THR A 326 55.51 -20.23 -36.02
CA THR A 326 55.87 -18.90 -36.54
C THR A 326 54.58 -18.16 -36.90
N HIS A 327 53.65 -18.93 -37.48
CA HIS A 327 52.50 -18.43 -38.24
C HIS A 327 51.56 -17.48 -37.48
N LYS A 328 51.40 -17.65 -36.18
CA LYS A 328 50.39 -16.87 -35.43
C LYS A 328 50.98 -15.98 -34.36
N LEU A 329 52.25 -16.20 -34.02
CA LEU A 329 52.90 -15.45 -32.96
C LEU A 329 52.65 -13.97 -33.21
N THR A 330 53.07 -13.50 -34.38
CA THR A 330 53.05 -12.08 -34.69
C THR A 330 52.77 -11.90 -36.15
N LYS A 331 52.35 -10.70 -36.54
CA LYS A 331 52.37 -10.36 -37.95
C LYS A 331 53.85 -10.17 -38.32
N ASN A 332 54.56 -9.44 -37.47
CA ASN A 332 56.02 -9.32 -37.55
C ASN A 332 56.62 -9.40 -36.16
N ASP A 333 57.74 -10.13 -36.02
CA ASP A 333 58.43 -10.24 -34.73
C ASP A 333 58.86 -8.87 -34.19
N ALA A 334 59.32 -7.98 -35.07
CA ALA A 334 59.73 -6.63 -34.67
C ALA A 334 58.53 -5.75 -34.30
N GLY A 335 57.51 -5.74 -35.15
CA GLY A 335 56.35 -4.86 -34.97
C GLY A 335 55.47 -5.23 -33.79
N SER A 336 54.99 -6.47 -33.80
CA SER A 336 54.05 -6.96 -32.80
C SER A 336 54.69 -7.12 -31.41
N LYS A 337 55.75 -7.94 -31.33
CA LYS A 337 56.16 -8.60 -30.09
C LYS A 337 56.33 -7.71 -28.85
N GLN A 338 56.91 -6.53 -29.02
CA GLN A 338 57.10 -5.62 -27.88
C GLN A 338 55.76 -5.02 -27.46
N ILE A 339 54.88 -4.86 -28.44
CA ILE A 339 53.57 -4.25 -28.25
C ILE A 339 52.61 -5.30 -27.68
N LEU A 340 52.77 -6.54 -28.15
CA LEU A 340 52.08 -7.69 -27.58
C LEU A 340 52.61 -8.01 -26.18
N LYS A 341 53.90 -8.31 -26.10
CA LYS A 341 54.50 -8.79 -24.85
C LYS A 341 54.49 -7.76 -23.72
N THR A 342 54.42 -6.46 -24.04
CA THR A 342 54.08 -5.45 -23.02
C THR A 342 52.68 -5.77 -22.50
N GLU A 343 51.73 -5.73 -23.43
CA GLU A 343 50.32 -5.94 -23.13
C GLU A 343 50.01 -7.35 -22.60
N ALA A 344 50.73 -8.35 -23.12
CA ALA A 344 50.57 -9.73 -22.65
C ALA A 344 50.81 -9.83 -21.16
N ALA A 345 51.85 -9.19 -20.66
CA ALA A 345 52.17 -9.26 -19.24
C ALA A 345 51.08 -8.64 -18.37
N ASN A 346 50.72 -7.39 -18.66
CA ASN A 346 50.19 -6.47 -17.64
C ASN A 346 48.97 -6.92 -16.83
N VAL A 347 47.92 -7.38 -17.48
CA VAL A 347 46.67 -7.71 -16.78
C VAL A 347 46.45 -9.23 -16.74
N LEU A 348 47.30 -9.97 -17.44
CA LEU A 348 47.07 -11.40 -17.59
C LEU A 348 47.50 -12.15 -16.35
N ASP A 349 46.56 -12.91 -15.76
CA ASP A 349 46.82 -13.72 -14.55
C ASP A 349 46.98 -15.24 -14.83
N PRO A 350 45.97 -15.85 -15.47
CA PRO A 350 45.96 -17.31 -15.50
C PRO A 350 46.90 -17.90 -16.55
N SER A 351 46.58 -19.13 -16.96
CA SER A 351 47.17 -19.81 -18.12
C SER A 351 46.83 -19.11 -19.45
N LEU A 352 45.83 -18.24 -19.42
CA LEU A 352 45.54 -17.32 -20.52
C LEU A 352 46.80 -16.63 -21.06
N ARG A 353 47.71 -16.21 -20.16
CA ARG A 353 48.91 -15.49 -20.59
C ARG A 353 49.87 -16.29 -21.45
N LYS A 354 50.08 -17.56 -21.11
CA LYS A 354 51.00 -18.37 -21.93
C LYS A 354 50.39 -18.62 -23.31
N LEU A 355 49.06 -18.55 -23.39
CA LEU A 355 48.34 -18.58 -24.67
C LEU A 355 48.50 -17.25 -25.43
N ILE A 356 48.25 -16.12 -24.76
CA ILE A 356 48.38 -14.78 -25.39
C ILE A 356 49.79 -14.47 -25.92
N GLU A 357 50.83 -14.99 -25.26
CA GLU A 357 52.20 -14.83 -25.74
C GLU A 357 52.31 -15.46 -27.11
N SER A 358 51.57 -16.56 -27.29
CA SER A 358 51.45 -17.27 -28.58
C SER A 358 50.42 -16.64 -29.58
N GLY A 359 49.81 -15.53 -29.21
CA GLY A 359 48.87 -14.84 -30.11
C GLY A 359 47.50 -15.48 -30.20
N ILE A 360 47.16 -16.37 -29.27
CA ILE A 360 45.80 -16.90 -29.23
C ILE A 360 45.15 -16.72 -27.87
N GLY A 361 43.95 -16.16 -27.89
CA GLY A 361 43.20 -15.87 -26.68
C GLY A 361 42.08 -16.86 -26.43
N THR A 362 41.52 -16.71 -25.25
CA THR A 362 40.39 -17.48 -24.83
C THR A 362 39.45 -16.37 -24.39
N HIS A 363 38.17 -16.65 -24.33
CA HIS A 363 37.21 -15.65 -23.88
C HIS A 363 35.93 -16.32 -23.41
N HIS A 364 35.72 -16.23 -22.09
CA HIS A 364 34.49 -16.65 -21.49
C HIS A 364 34.17 -15.79 -20.30
N ALA A 365 32.93 -15.90 -19.83
CA ALA A 365 32.52 -15.29 -18.57
C ALA A 365 33.18 -16.06 -17.44
N GLY A 366 33.13 -15.53 -16.24
CA GLY A 366 33.85 -16.14 -15.11
C GLY A 366 35.35 -16.06 -15.34
N LEU A 367 35.73 -15.05 -16.13
CA LEU A 367 37.09 -14.71 -16.42
C LEU A 367 37.21 -13.25 -16.13
N THR A 368 38.38 -12.82 -15.66
CA THR A 368 38.52 -11.46 -15.16
C THR A 368 38.03 -10.44 -16.20
N ARG A 369 37.21 -9.49 -15.75
CA ARG A 369 36.65 -8.45 -16.62
C ARG A 369 37.70 -7.68 -17.42
N SER A 370 38.83 -7.37 -16.80
CA SER A 370 39.97 -6.81 -17.51
C SER A 370 40.59 -7.84 -18.44
N ASP A 371 40.75 -9.07 -17.96
CA ASP A 371 41.31 -10.16 -18.77
C ASP A 371 40.54 -10.43 -20.07
N ARG A 372 39.21 -10.46 -20.04
CA ARG A 372 38.47 -10.69 -21.30
C ARG A 372 38.49 -9.43 -22.20
N SER A 373 38.51 -8.23 -21.61
CA SER A 373 38.63 -6.99 -22.39
C SER A 373 39.99 -6.85 -23.10
N LEU A 374 41.03 -7.44 -22.54
CA LEU A 374 42.30 -7.50 -23.26
C LEU A 374 42.16 -8.38 -24.50
N SER A 375 41.71 -9.62 -24.29
CA SER A 375 41.40 -10.56 -25.38
C SER A 375 40.65 -9.90 -26.53
N GLU A 376 39.55 -9.23 -26.22
CA GLU A 376 38.76 -8.58 -27.25
C GLU A 376 39.63 -7.59 -28.00
N ASP A 377 40.28 -6.71 -27.24
CA ASP A 377 41.04 -5.59 -27.81
C ASP A 377 42.35 -5.99 -28.53
N LEU A 378 43.04 -7.03 -28.06
CA LEU A 378 44.22 -7.55 -28.77
C LEU A 378 43.83 -8.23 -30.08
N PHE A 379 42.72 -8.99 -30.05
CA PHE A 379 42.18 -9.65 -31.24
C PHE A 379 41.68 -8.63 -32.22
N ALA A 380 40.96 -7.64 -31.69
CA ALA A 380 40.54 -6.50 -32.50
C ALA A 380 41.74 -5.84 -33.21
N ASP A 381 42.88 -5.75 -32.52
CA ASP A 381 44.05 -5.03 -33.04
C ASP A 381 45.04 -5.91 -33.82
N GLY A 382 44.64 -7.12 -34.18
CA GLY A 382 45.47 -7.92 -35.06
C GLY A 382 46.50 -8.78 -34.35
N LEU A 383 46.66 -8.57 -33.05
CA LEU A 383 47.77 -9.17 -32.32
C LEU A 383 47.47 -10.64 -31.96
N LEU A 384 46.24 -10.93 -31.57
CA LEU A 384 45.83 -12.32 -31.46
C LEU A 384 45.28 -12.79 -32.80
N GLN A 385 45.71 -13.95 -33.28
CA GLN A 385 45.13 -14.50 -34.52
C GLN A 385 43.89 -15.35 -34.28
N VAL A 386 43.69 -15.79 -33.04
CA VAL A 386 42.65 -16.75 -32.74
C VAL A 386 42.01 -16.60 -31.36
N LEU A 387 40.77 -16.13 -31.33
CA LEU A 387 39.98 -16.08 -30.11
C LEU A 387 39.08 -17.33 -29.99
N VAL A 388 39.21 -18.07 -28.89
CA VAL A 388 38.38 -19.26 -28.60
C VAL A 388 37.28 -18.99 -27.54
N CYS A 389 36.04 -19.15 -27.96
CA CYS A 389 34.95 -18.49 -27.30
C CYS A 389 33.95 -19.48 -26.82
N THR A 390 33.29 -19.08 -25.74
CA THR A 390 32.07 -19.69 -25.35
C THR A 390 31.07 -18.87 -26.13
N ALA A 391 29.82 -19.30 -26.09
CA ALA A 391 28.79 -18.71 -26.91
C ALA A 391 28.47 -17.25 -26.56
N THR A 392 28.72 -16.80 -25.35
CA THR A 392 28.32 -15.44 -24.95
C THR A 392 28.87 -14.39 -25.89
N LEU A 393 30.10 -14.60 -26.35
CA LEU A 393 30.67 -13.61 -27.27
C LEU A 393 29.65 -13.23 -28.31
N ALA A 394 28.88 -14.22 -28.75
CA ALA A 394 27.99 -14.06 -29.90
C ALA A 394 26.84 -13.12 -29.62
N TRP A 395 26.35 -13.07 -28.39
CA TRP A 395 25.28 -12.14 -28.04
C TRP A 395 25.87 -10.84 -27.46
N GLY A 396 26.88 -10.98 -26.61
CA GLY A 396 27.43 -9.83 -25.91
C GLY A 396 28.10 -8.81 -26.82
N VAL A 397 29.18 -9.24 -27.45
CA VAL A 397 30.22 -8.34 -27.93
C VAL A 397 29.96 -7.94 -29.38
N ASN A 398 30.75 -7.01 -29.90
CA ASN A 398 30.87 -6.80 -31.34
C ASN A 398 32.27 -7.04 -31.81
N LEU A 399 32.68 -8.29 -31.79
CA LEU A 399 34.04 -8.61 -32.16
C LEU A 399 34.08 -9.58 -33.33
N PRO A 400 34.13 -9.03 -34.56
CA PRO A 400 34.13 -9.89 -35.73
C PRO A 400 35.49 -10.47 -36.07
N ALA A 401 35.44 -11.60 -36.78
CA ALA A 401 36.58 -12.17 -37.45
C ALA A 401 36.18 -12.59 -38.86
N HIS A 402 37.15 -12.73 -39.75
CA HIS A 402 36.88 -13.23 -41.08
C HIS A 402 36.26 -14.64 -41.00
N THR A 403 36.87 -15.47 -40.18
CA THR A 403 36.43 -16.86 -40.04
C THR A 403 35.80 -17.08 -38.66
N VAL A 404 34.75 -17.89 -38.61
CA VAL A 404 34.17 -18.33 -37.36
C VAL A 404 33.94 -19.82 -37.49
N ILE A 405 34.50 -20.59 -36.56
CA ILE A 405 34.29 -22.01 -36.54
C ILE A 405 33.49 -22.36 -35.30
N ILE A 406 32.35 -23.01 -35.51
CA ILE A 406 31.73 -23.77 -34.46
C ILE A 406 32.41 -25.14 -34.39
N LYS A 407 33.28 -25.35 -33.40
CA LYS A 407 33.59 -26.72 -32.94
C LYS A 407 32.42 -27.43 -32.23
N GLY A 408 31.67 -28.23 -32.96
CA GLY A 408 31.00 -29.34 -32.34
C GLY A 408 29.51 -29.30 -32.12
N THR A 409 28.94 -28.13 -31.91
CA THR A 409 27.45 -28.07 -31.69
C THR A 409 26.84 -29.03 -30.64
N ASP A 410 27.61 -29.59 -29.72
CA ASP A 410 27.01 -30.34 -28.64
C ASP A 410 26.86 -29.33 -27.54
N VAL A 411 25.64 -29.22 -26.97
CA VAL A 411 25.39 -28.36 -25.80
C VAL A 411 24.64 -29.10 -24.73
N TYR A 412 24.84 -28.68 -23.48
CA TYR A 412 24.15 -29.28 -22.33
C TYR A 412 22.95 -28.45 -21.93
N SER A 413 21.76 -29.05 -22.02
CA SER A 413 20.50 -28.46 -21.51
C SER A 413 20.31 -28.95 -20.11
N PRO A 414 20.43 -28.05 -19.13
CA PRO A 414 20.05 -28.47 -17.79
C PRO A 414 18.51 -28.65 -17.69
N GLU A 415 17.73 -27.75 -18.27
CA GLU A 415 16.30 -27.92 -18.40
C GLU A 415 15.94 -29.34 -18.78
N LYS A 416 16.55 -29.84 -19.87
CA LYS A 416 16.22 -31.17 -20.42
C LYS A 416 17.07 -32.27 -19.78
N GLY A 417 17.96 -31.87 -18.86
CA GLY A 417 18.81 -32.81 -18.12
C GLY A 417 19.72 -33.66 -18.97
N SER A 418 20.17 -33.09 -20.09
CA SER A 418 20.72 -33.89 -21.16
C SER A 418 21.48 -33.06 -22.15
N TRP A 419 22.43 -33.71 -22.84
CA TRP A 419 23.13 -33.10 -23.99
C TRP A 419 22.27 -33.03 -25.29
N GLU A 420 22.55 -32.04 -26.11
CA GLU A 420 21.66 -31.68 -27.19
C GLU A 420 22.45 -30.92 -28.25
N GLN A 421 21.80 -30.67 -29.38
CA GLN A 421 22.45 -29.92 -30.43
C GLN A 421 22.17 -28.43 -30.30
N LEU A 422 23.16 -27.61 -30.67
CA LEU A 422 22.98 -26.17 -30.77
C LEU A 422 21.66 -25.85 -31.41
N SER A 423 20.95 -24.89 -30.84
CA SER A 423 19.74 -24.39 -31.42
C SER A 423 20.07 -23.58 -32.69
N PRO A 424 19.10 -23.42 -33.57
CA PRO A 424 19.35 -22.63 -34.74
C PRO A 424 19.75 -21.18 -34.47
N GLN A 425 19.08 -20.53 -33.50
CA GLN A 425 19.38 -19.12 -33.28
C GLN A 425 20.78 -18.91 -32.70
N ASP A 426 21.29 -19.88 -31.98
CA ASP A 426 22.66 -19.80 -31.50
C ASP A 426 23.64 -19.88 -32.65
N VAL A 427 23.42 -20.85 -33.52
CA VAL A 427 24.26 -20.97 -34.71
C VAL A 427 24.20 -19.71 -35.60
N LEU A 428 22.99 -19.21 -35.86
CA LEU A 428 22.89 -17.95 -36.60
C LEU A 428 23.50 -16.75 -35.85
N GLN A 429 23.57 -16.76 -34.52
CA GLN A 429 24.15 -15.62 -33.78
C GLN A 429 25.63 -15.65 -33.90
N MET A 430 26.12 -16.88 -33.72
CA MET A 430 27.52 -17.18 -33.86
C MET A 430 28.02 -16.78 -35.24
N LEU A 431 27.29 -17.15 -36.30
CA LEU A 431 27.72 -16.89 -37.66
C LEU A 431 27.59 -15.42 -38.04
N GLY A 432 26.99 -14.62 -37.18
CA GLY A 432 26.86 -13.19 -37.45
C GLY A 432 28.11 -12.46 -37.13
N ARG A 433 28.98 -13.14 -36.40
CA ARG A 433 30.34 -12.68 -36.19
C ARG A 433 31.19 -12.82 -37.44
N ALA A 434 30.95 -13.84 -38.24
CA ALA A 434 31.78 -14.11 -39.41
C ALA A 434 31.75 -12.97 -40.43
N GLY A 435 32.91 -12.48 -40.83
CA GLY A 435 32.99 -11.43 -41.85
C GLY A 435 32.95 -10.00 -41.30
N ARG A 436 34.08 -9.32 -41.41
CA ARG A 436 34.19 -7.94 -40.98
C ARG A 436 33.65 -7.11 -42.14
N PRO A 437 32.54 -6.38 -41.92
CA PRO A 437 31.85 -5.77 -43.06
C PRO A 437 32.64 -4.62 -43.71
N ARG A 438 33.20 -3.75 -42.89
CA ARG A 438 34.03 -2.65 -43.38
C ARG A 438 35.32 -3.13 -44.11
N TYR A 439 36.09 -4.01 -43.48
CA TYR A 439 37.37 -4.51 -44.02
C TYR A 439 37.21 -5.63 -45.05
N ASP A 440 36.74 -6.80 -44.61
CA ASP A 440 36.79 -8.03 -45.44
C ASP A 440 35.95 -8.06 -46.74
N THR A 441 36.56 -8.57 -47.79
CA THR A 441 35.86 -8.80 -49.06
C THR A 441 34.69 -9.78 -48.86
N PHE A 442 34.88 -10.79 -48.00
CA PHE A 442 33.83 -11.77 -47.66
C PHE A 442 34.05 -12.39 -46.27
N GLY A 443 33.24 -13.37 -45.90
CA GLY A 443 33.37 -13.98 -44.59
C GLY A 443 33.23 -15.48 -44.67
N GLU A 444 33.77 -16.19 -43.67
CA GLU A 444 33.65 -17.64 -43.63
C GLU A 444 33.10 -18.25 -42.35
N GLY A 445 32.11 -19.10 -42.52
CA GLY A 445 31.49 -19.80 -41.42
C GLY A 445 31.67 -21.29 -41.57
N ILE A 446 32.25 -21.91 -40.55
CA ILE A 446 32.48 -23.33 -40.52
C ILE A 446 31.75 -23.96 -39.32
N ILE A 447 30.80 -24.84 -39.62
CA ILE A 447 30.17 -25.68 -38.60
C ILE A 447 30.91 -27.01 -38.59
N ILE A 448 31.13 -27.60 -37.41
CA ILE A 448 31.73 -28.93 -37.29
C ILE A 448 30.80 -29.78 -36.43
N THR A 449 30.35 -30.91 -36.92
CA THR A 449 29.33 -31.68 -36.22
C THR A 449 29.30 -33.14 -36.69
N ASP A 450 28.47 -33.96 -36.05
CA ASP A 450 28.27 -35.32 -36.52
C ASP A 450 27.55 -35.21 -37.85
N GLN A 451 27.90 -36.09 -38.79
CA GLN A 451 27.27 -36.14 -40.08
C GLN A 451 25.74 -36.10 -39.97
N SER A 452 25.17 -36.77 -38.95
CA SER A 452 23.71 -36.78 -38.77
C SER A 452 23.14 -35.38 -38.81
N ASN A 453 23.81 -34.47 -38.13
CA ASN A 453 23.36 -33.10 -37.99
C ASN A 453 23.55 -32.20 -39.21
N VAL A 454 24.48 -32.54 -40.07
CA VAL A 454 24.87 -31.66 -41.18
C VAL A 454 23.73 -31.19 -42.05
N GLN A 455 22.78 -32.10 -42.30
CA GLN A 455 21.62 -31.82 -43.14
C GLN A 455 20.78 -30.72 -42.48
N TYR A 456 20.50 -30.94 -41.19
CA TYR A 456 19.83 -29.97 -40.32
C TYR A 456 20.46 -28.55 -40.33
N TYR A 457 21.75 -28.45 -40.01
CA TYR A 457 22.40 -27.13 -40.02
C TYR A 457 22.53 -26.55 -41.42
N LEU A 458 22.53 -27.40 -42.43
CA LEU A 458 22.47 -26.89 -43.79
C LEU A 458 21.19 -26.10 -43.93
N SER A 459 20.08 -26.69 -43.48
CA SER A 459 18.77 -26.10 -43.70
C SER A 459 18.69 -24.79 -42.98
N VAL A 460 19.34 -24.74 -41.81
CA VAL A 460 19.26 -23.57 -40.94
C VAL A 460 19.96 -22.40 -41.59
N LEU A 461 21.19 -22.63 -42.05
CA LEU A 461 21.95 -21.57 -42.69
C LEU A 461 21.53 -21.30 -44.12
N ASN A 462 20.64 -22.11 -44.68
CA ASN A 462 20.21 -21.90 -46.06
C ASN A 462 18.70 -21.80 -46.19
N GLN A 463 18.11 -21.08 -45.26
CA GLN A 463 16.78 -20.57 -45.40
C GLN A 463 15.76 -21.64 -45.61
N GLN A 464 15.98 -22.83 -45.05
CA GLN A 464 15.05 -23.94 -45.29
C GLN A 464 14.59 -24.69 -44.08
N LEU A 465 14.88 -24.21 -42.89
CA LEU A 465 14.28 -24.82 -41.71
C LEU A 465 13.10 -23.95 -41.27
N PRO A 466 11.87 -24.46 -41.40
CA PRO A 466 10.69 -23.66 -41.12
C PRO A 466 10.40 -23.28 -39.64
N ILE A 467 9.78 -22.10 -39.49
CA ILE A 467 9.44 -21.56 -38.20
C ILE A 467 8.02 -22.00 -37.89
N GLU A 468 7.83 -22.73 -36.79
CA GLU A 468 6.56 -23.41 -36.51
C GLU A 468 6.17 -23.22 -35.05
N SER A 469 4.88 -23.28 -34.75
CA SER A 469 4.39 -22.82 -33.44
C SER A 469 4.46 -23.94 -32.43
N GLN A 470 4.86 -23.61 -31.20
CA GLN A 470 4.87 -24.59 -30.10
C GLN A 470 3.83 -24.20 -29.07
N PHE A 471 2.84 -23.42 -29.48
CA PHE A 471 1.94 -22.84 -28.51
C PHE A 471 1.12 -23.85 -27.71
N VAL A 472 0.90 -25.04 -28.26
CA VAL A 472 0.14 -26.04 -27.53
C VAL A 472 0.91 -26.42 -26.28
N SER A 473 2.19 -26.78 -26.41
CA SER A 473 3.03 -27.17 -25.26
C SER A 473 2.90 -26.28 -23.99
N LYS A 474 2.67 -24.98 -24.18
CA LYS A 474 2.53 -24.03 -23.08
C LYS A 474 1.12 -23.44 -23.01
N LEU A 475 0.16 -24.17 -23.58
CA LEU A 475 -1.19 -23.63 -23.83
C LEU A 475 -1.93 -23.48 -22.55
N VAL A 476 -1.85 -24.50 -21.72
CA VAL A 476 -2.52 -24.52 -20.44
C VAL A 476 -2.04 -23.38 -19.55
N ASP A 477 -0.72 -23.19 -19.49
CA ASP A 477 -0.15 -22.13 -18.65
C ASP A 477 -0.58 -20.77 -19.18
N ASN A 478 -0.53 -20.61 -20.48
CA ASN A 478 -0.79 -19.31 -21.06
C ASN A 478 -2.29 -18.93 -21.08
N LEU A 479 -3.15 -19.95 -21.12
CA LEU A 479 -4.59 -19.68 -21.10
C LEU A 479 -4.96 -19.14 -19.74
N ASN A 480 -4.62 -19.91 -18.70
CA ASN A 480 -4.77 -19.51 -17.30
C ASN A 480 -4.43 -18.04 -17.03
N ALA A 481 -3.41 -17.51 -17.70
CA ALA A 481 -2.94 -16.16 -17.41
C ALA A 481 -3.87 -15.12 -17.96
N GLU A 482 -4.61 -15.48 -19.01
CA GLU A 482 -5.61 -14.57 -19.54
C GLU A 482 -6.90 -14.75 -18.74
N VAL A 483 -7.26 -15.99 -18.42
CA VAL A 483 -8.30 -16.24 -17.42
C VAL A 483 -8.05 -15.43 -16.16
N VAL A 484 -6.79 -15.38 -15.72
CA VAL A 484 -6.45 -14.66 -14.49
C VAL A 484 -6.49 -13.16 -14.72
N ALA A 485 -6.19 -12.72 -15.93
CA ALA A 485 -6.28 -11.30 -16.24
C ALA A 485 -7.75 -10.91 -16.44
N GLY A 486 -8.66 -11.87 -16.24
CA GLY A 486 -10.10 -11.64 -16.40
C GLY A 486 -10.62 -11.35 -17.81
N ASN A 487 -9.80 -11.60 -18.84
CA ASN A 487 -10.24 -11.41 -20.21
C ASN A 487 -10.97 -12.65 -20.73
N ILE A 488 -10.84 -13.76 -20.02
CA ILE A 488 -11.68 -14.91 -20.29
C ILE A 488 -12.60 -15.24 -19.10
N LYS A 489 -13.91 -15.25 -19.39
CA LYS A 489 -14.95 -15.78 -18.49
C LYS A 489 -15.71 -16.94 -19.13
N CYS A 490 -15.89 -16.90 -20.44
CA CYS A 490 -16.58 -17.97 -21.17
C CYS A 490 -15.67 -18.40 -22.29
N ARG A 491 -15.79 -19.64 -22.75
CA ARG A 491 -14.78 -20.20 -23.65
C ARG A 491 -14.84 -19.71 -25.07
N ASN A 492 -15.72 -18.76 -25.36
CA ASN A 492 -15.65 -18.03 -26.61
C ASN A 492 -14.60 -16.96 -26.59
N ASP A 493 -14.36 -16.40 -25.42
CA ASP A 493 -13.25 -15.47 -25.26
C ASP A 493 -11.96 -16.20 -25.60
N ALA A 494 -11.91 -17.49 -25.24
CA ALA A 494 -10.70 -18.30 -25.43
C ALA A 494 -10.41 -18.60 -26.90
N VAL A 495 -11.44 -18.90 -27.67
CA VAL A 495 -11.24 -19.23 -29.08
C VAL A 495 -11.05 -18.00 -29.94
N ASN A 496 -11.44 -16.84 -29.44
CA ASN A 496 -11.07 -15.59 -30.09
C ASN A 496 -9.61 -15.24 -29.87
N TRP A 497 -9.21 -15.30 -28.60
CA TRP A 497 -7.82 -15.09 -28.22
C TRP A 497 -6.90 -15.88 -29.13
N LEU A 498 -7.12 -17.19 -29.18
CA LEU A 498 -6.30 -18.10 -29.98
C LEU A 498 -6.13 -17.66 -31.43
N ALA A 499 -7.04 -16.83 -31.92
CA ALA A 499 -6.95 -16.31 -33.29
C ALA A 499 -5.82 -15.33 -33.49
N TYR A 500 -5.32 -14.74 -32.41
CA TYR A 500 -4.20 -13.77 -32.48
C TYR A 500 -2.80 -14.39 -32.26
N THR A 501 -2.80 -15.69 -32.00
CA THR A 501 -1.63 -16.55 -31.93
C THR A 501 -1.01 -16.90 -33.29
N TYR A 502 0.24 -17.37 -33.25
CA TYR A 502 0.96 -17.83 -34.45
C TYR A 502 0.50 -19.21 -34.80
N LEU A 503 0.34 -20.04 -33.79
CA LEU A 503 -0.33 -21.32 -33.93
C LEU A 503 -1.48 -21.25 -34.87
N TYR A 504 -2.36 -20.28 -34.67
CA TYR A 504 -3.60 -20.20 -35.46
C TYR A 504 -3.34 -19.88 -36.94
N VAL A 505 -2.49 -18.88 -37.19
CA VAL A 505 -2.16 -18.47 -38.54
C VAL A 505 -1.49 -19.61 -39.26
N ARG A 506 -0.86 -20.47 -38.48
CA ARG A 506 -0.01 -21.52 -38.96
C ARG A 506 -0.84 -22.80 -39.12
N MET A 507 -1.92 -22.92 -38.37
CA MET A 507 -2.82 -24.10 -38.44
C MET A 507 -3.72 -24.05 -39.66
N LEU A 508 -4.33 -22.88 -39.87
CA LEU A 508 -5.08 -22.57 -41.07
C LEU A 508 -4.26 -23.02 -42.26
N ALA A 509 -2.96 -22.67 -42.25
CA ALA A 509 -2.10 -22.84 -43.43
C ALA A 509 -1.43 -24.20 -43.61
N SER A 510 -1.29 -25.01 -42.57
CA SER A 510 -0.76 -26.38 -42.75
C SER A 510 -1.44 -27.37 -41.82
N PRO A 511 -2.78 -27.47 -41.91
CA PRO A 511 -3.58 -28.19 -40.91
C PRO A 511 -3.12 -29.62 -40.66
N MET A 512 -2.56 -30.25 -41.70
CA MET A 512 -1.99 -31.59 -41.54
C MET A 512 -0.86 -31.68 -40.52
N LEU A 513 0.06 -30.70 -40.52
CA LEU A 513 1.13 -30.59 -39.51
C LEU A 513 0.62 -30.51 -38.10
N TYR A 514 -0.37 -29.62 -37.90
CA TYR A 514 -0.94 -29.38 -36.57
C TYR A 514 -2.10 -30.34 -36.22
N LYS A 515 -2.30 -31.35 -37.05
CA LYS A 515 -3.23 -32.42 -36.76
C LYS A 515 -4.64 -31.87 -36.53
N VAL A 516 -5.09 -31.09 -37.50
CA VAL A 516 -6.45 -30.61 -37.48
C VAL A 516 -7.31 -31.79 -37.94
N PRO A 517 -8.53 -31.94 -37.39
CA PRO A 517 -9.43 -32.98 -37.90
C PRO A 517 -9.86 -32.73 -39.35
N ASP A 518 -10.54 -31.60 -39.60
CA ASP A 518 -11.05 -31.31 -40.93
C ASP A 518 -11.28 -29.82 -41.10
N ILE A 519 -10.37 -29.14 -41.77
CA ILE A 519 -10.48 -27.67 -41.93
C ILE A 519 -11.75 -27.24 -42.67
N SER A 520 -12.17 -28.05 -43.66
CA SER A 520 -13.35 -27.77 -44.51
C SER A 520 -14.67 -27.77 -43.75
N SER A 521 -14.79 -28.69 -42.78
CA SER A 521 -15.90 -28.69 -41.81
C SER A 521 -15.72 -27.54 -40.81
N ASP A 522 -14.53 -27.47 -40.23
CA ASP A 522 -14.25 -26.56 -39.11
C ASP A 522 -14.15 -25.10 -39.55
N GLY A 523 -13.95 -24.89 -40.85
CA GLY A 523 -13.94 -23.55 -41.45
C GLY A 523 -12.65 -22.87 -41.08
N GLN A 524 -12.74 -21.88 -40.19
CA GLN A 524 -11.54 -21.27 -39.63
C GLN A 524 -11.24 -21.89 -38.28
N LEU A 525 -11.31 -23.21 -38.21
CA LEU A 525 -10.98 -24.01 -37.02
C LEU A 525 -11.71 -23.57 -35.74
N LYS A 526 -13.02 -23.31 -35.82
CA LYS A 526 -13.81 -22.90 -34.65
C LYS A 526 -14.05 -24.04 -33.68
N LYS A 527 -14.31 -25.24 -34.20
CA LYS A 527 -14.52 -26.39 -33.32
C LYS A 527 -13.18 -26.86 -32.77
N PHE A 528 -12.11 -26.72 -33.57
CA PHE A 528 -10.81 -27.13 -33.09
C PHE A 528 -10.37 -26.25 -31.92
N ARG A 529 -10.39 -24.95 -32.14
CA ARG A 529 -10.15 -23.98 -31.07
C ARG A 529 -10.95 -24.35 -29.81
N GLU A 530 -12.27 -24.49 -29.95
CA GLU A 530 -13.13 -24.76 -28.81
C GLU A 530 -12.73 -26.04 -28.09
N SER A 531 -12.40 -27.06 -28.86
CA SER A 531 -11.92 -28.33 -28.31
C SER A 531 -10.59 -28.23 -27.53
N LEU A 532 -9.62 -27.47 -28.04
CA LEU A 532 -8.33 -27.25 -27.32
C LEU A 532 -8.62 -26.53 -26.01
N VAL A 533 -9.33 -25.42 -26.13
CA VAL A 533 -9.75 -24.68 -24.99
C VAL A 533 -10.40 -25.57 -23.95
N HIS A 534 -11.27 -26.47 -24.39
CA HIS A 534 -11.96 -27.33 -23.44
C HIS A 534 -10.96 -28.14 -22.64
N SER A 535 -10.20 -28.96 -23.36
CA SER A 535 -9.29 -29.93 -22.74
C SER A 535 -8.34 -29.23 -21.79
N ALA A 536 -7.88 -28.05 -22.22
CA ALA A 536 -7.00 -27.17 -21.44
C ALA A 536 -7.70 -26.83 -20.16
N LEU A 537 -8.89 -26.26 -20.28
CA LEU A 537 -9.66 -25.82 -19.11
C LEU A 537 -9.92 -26.96 -18.13
N CYS A 538 -10.18 -28.15 -18.64
CA CYS A 538 -10.51 -29.25 -17.75
C CYS A 538 -9.30 -29.64 -16.90
N ILE A 539 -8.11 -29.72 -17.51
CA ILE A 539 -6.87 -30.05 -16.78
C ILE A 539 -6.56 -28.93 -15.78
N LEU A 540 -6.91 -27.69 -16.13
CA LEU A 540 -6.80 -26.57 -15.18
C LEU A 540 -7.76 -26.73 -14.00
N LYS A 541 -9.02 -27.03 -14.30
CA LYS A 541 -10.03 -27.25 -13.25
C LYS A 541 -9.64 -28.42 -12.36
N GLU A 542 -9.23 -29.51 -12.99
CA GLU A 542 -8.71 -30.67 -12.29
C GLU A 542 -7.70 -30.29 -11.22
N GLN A 543 -6.88 -29.26 -11.50
CA GLN A 543 -5.78 -28.86 -10.59
C GLN A 543 -6.11 -27.63 -9.72
N GLU A 544 -7.35 -27.15 -9.80
CA GLU A 544 -7.85 -26.01 -8.99
C GLU A 544 -7.23 -24.64 -9.29
N LEU A 545 -6.76 -24.44 -10.52
CA LEU A 545 -6.30 -23.13 -10.96
C LEU A 545 -7.47 -22.30 -11.47
N VAL A 546 -8.54 -23.02 -11.82
CA VAL A 546 -9.78 -22.41 -12.31
C VAL A 546 -11.05 -23.09 -11.80
N LEU A 547 -12.16 -22.41 -12.01
CA LEU A 547 -13.46 -23.01 -11.83
C LEU A 547 -14.19 -23.00 -13.17
N TYR A 548 -14.69 -24.17 -13.53
CA TYR A 548 -15.20 -24.39 -14.85
C TYR A 548 -16.52 -25.18 -14.75
N ASP A 549 -17.50 -24.74 -15.53
CA ASP A 549 -18.71 -25.51 -15.73
C ASP A 549 -18.91 -25.65 -17.23
N ALA A 550 -18.69 -26.85 -17.76
CA ALA A 550 -18.84 -27.06 -19.19
C ALA A 550 -20.26 -26.72 -19.64
N GLU A 551 -21.25 -27.38 -19.00
CA GLU A 551 -22.67 -27.18 -19.30
C GLU A 551 -23.01 -25.70 -19.28
N ASN A 552 -22.90 -25.08 -18.10
CA ASN A 552 -23.10 -23.65 -17.96
C ASN A 552 -22.20 -22.84 -18.89
N ASP A 553 -20.92 -23.23 -18.93
CA ASP A 553 -19.87 -22.52 -19.65
C ASP A 553 -19.47 -21.22 -18.94
N VAL A 554 -19.03 -21.37 -17.69
CA VAL A 554 -18.43 -20.27 -16.93
C VAL A 554 -17.00 -20.63 -16.52
N ILE A 555 -16.06 -19.78 -16.93
CA ILE A 555 -14.68 -19.88 -16.53
C ILE A 555 -14.49 -18.87 -15.41
N GLU A 556 -13.81 -19.31 -14.37
CA GLU A 556 -13.65 -18.54 -13.16
C GLU A 556 -12.17 -18.65 -12.68
N ALA A 557 -11.68 -17.62 -12.00
CA ALA A 557 -10.27 -17.53 -11.63
C ALA A 557 -9.92 -17.89 -10.15
N THR A 558 -9.26 -19.01 -9.90
CA THR A 558 -8.84 -19.32 -8.52
C THR A 558 -7.66 -18.47 -8.02
N ASP A 559 -7.58 -18.30 -6.71
CA ASP A 559 -6.38 -17.75 -6.07
C ASP A 559 -5.11 -18.51 -6.39
N LEU A 560 -5.21 -19.81 -6.61
CA LEU A 560 -4.03 -20.59 -6.89
C LEU A 560 -3.60 -20.34 -8.33
N GLY A 561 -4.55 -20.30 -9.27
CA GLY A 561 -4.23 -19.96 -10.65
C GLY A 561 -3.63 -18.57 -10.71
N ASN A 562 -4.07 -17.71 -9.80
CA ASN A 562 -3.64 -16.32 -9.76
C ASN A 562 -2.16 -16.22 -9.34
N ILE A 563 -1.71 -17.14 -8.49
CA ILE A 563 -0.30 -17.23 -8.16
C ILE A 563 0.50 -17.76 -9.38
N ALA A 564 0.06 -18.88 -9.94
CA ALA A 564 0.69 -19.46 -11.13
C ALA A 564 0.95 -18.45 -12.24
N SER A 565 0.02 -17.54 -12.46
CA SER A 565 0.17 -16.55 -13.52
C SER A 565 1.16 -15.48 -13.08
N SER A 566 0.95 -14.96 -11.90
CA SER A 566 1.75 -13.86 -11.41
C SER A 566 3.21 -14.18 -11.24
N PHE A 567 3.52 -15.40 -10.79
CA PHE A 567 4.91 -15.81 -10.54
C PHE A 567 5.47 -16.68 -11.65
N TYR A 568 4.68 -16.85 -12.71
CA TYR A 568 5.13 -17.50 -13.93
C TYR A 568 5.47 -18.99 -13.65
N ILE A 569 4.58 -19.68 -12.94
CA ILE A 569 4.84 -21.05 -12.49
C ILE A 569 4.07 -22.03 -13.34
N ASN A 570 4.68 -23.16 -13.65
CA ASN A 570 4.02 -24.23 -14.36
C ASN A 570 2.82 -24.80 -13.65
N HIS A 571 1.73 -24.97 -14.37
CA HIS A 571 0.50 -25.48 -13.76
C HIS A 571 0.81 -26.74 -12.99
N ALA A 572 1.60 -27.64 -13.56
CA ALA A 572 1.85 -28.90 -12.85
C ALA A 572 2.51 -28.65 -11.53
N SER A 573 3.41 -27.67 -11.51
CA SER A 573 4.12 -27.34 -10.29
C SER A 573 3.14 -26.79 -9.27
N MET A 574 2.17 -25.97 -9.70
CA MET A 574 1.11 -25.52 -8.78
C MET A 574 0.33 -26.69 -8.18
N ASP A 575 0.11 -27.73 -8.98
CA ASP A 575 -0.54 -28.92 -8.47
C ASP A 575 0.26 -29.51 -7.31
N VAL A 576 1.52 -29.80 -7.55
CA VAL A 576 2.34 -30.41 -6.51
C VAL A 576 2.28 -29.54 -5.26
N TYR A 577 2.35 -28.23 -5.44
CA TYR A 577 2.37 -27.32 -4.28
C TYR A 577 1.04 -27.40 -3.57
N ASN A 578 0.00 -27.63 -4.33
CA ASN A 578 -1.34 -27.75 -3.76
C ASN A 578 -1.57 -28.90 -2.81
N ARG A 579 -1.28 -30.10 -3.29
CA ARG A 579 -1.40 -31.34 -2.54
C ARG A 579 -0.38 -31.33 -1.40
N GLU A 580 0.89 -31.10 -1.72
CA GLU A 580 1.95 -31.33 -0.74
C GLU A 580 2.04 -30.32 0.43
N LEU A 581 1.67 -29.06 0.19
CA LEU A 581 1.80 -28.02 1.24
C LEU A 581 0.68 -28.14 2.25
N ASP A 582 1.07 -28.11 3.51
CA ASP A 582 0.27 -28.60 4.61
CA ASP A 582 0.24 -28.59 4.63
C ASP A 582 0.38 -27.59 5.75
N GLU A 583 -0.57 -27.63 6.65
CA GLU A 583 -0.40 -26.98 7.92
C GLU A 583 0.88 -27.52 8.63
N HIS A 584 1.17 -28.82 8.49
CA HIS A 584 2.33 -29.47 9.16
C HIS A 584 3.50 -29.72 8.23
N THR A 585 3.61 -28.91 7.18
CA THR A 585 4.69 -29.08 6.26
C THR A 585 5.96 -28.55 6.94
N THR A 586 7.09 -29.19 6.68
CA THR A 586 8.32 -28.89 7.42
C THR A 586 9.46 -28.53 6.50
N GLN A 587 10.48 -27.90 7.08
CA GLN A 587 11.66 -27.47 6.33
C GLN A 587 12.12 -28.60 5.42
N ILE A 588 12.39 -29.75 6.01
CA ILE A 588 12.83 -30.92 5.27
C ILE A 588 11.92 -31.30 4.11
N ASP A 589 10.62 -31.09 4.29
CA ASP A 589 9.63 -31.37 3.27
C ASP A 589 9.72 -30.32 2.16
N LEU A 590 9.90 -29.05 2.55
CA LEU A 590 9.92 -27.93 1.56
C LEU A 590 10.98 -28.21 0.50
N PHE A 591 12.19 -28.50 0.96
CA PHE A 591 13.23 -28.82 0.05
C PHE A 591 12.76 -29.92 -0.88
N ARG A 592 12.00 -30.89 -0.36
CA ARG A 592 11.51 -31.95 -1.24
C ARG A 592 10.49 -31.37 -2.22
N ILE A 593 9.57 -30.58 -1.70
CA ILE A 593 8.49 -30.10 -2.55
C ILE A 593 9.08 -29.22 -3.62
N PHE A 594 10.05 -28.41 -3.22
CA PHE A 594 10.75 -27.56 -4.15
C PHE A 594 11.24 -28.41 -5.28
N SER A 595 11.95 -29.50 -4.93
CA SER A 595 12.59 -30.41 -5.87
C SER A 595 11.59 -31.20 -6.69
N MET A 596 10.35 -31.25 -6.24
CA MET A 596 9.29 -31.88 -7.01
C MET A 596 8.76 -31.03 -8.15
N SER A 597 9.34 -29.85 -8.39
CA SER A 597 8.70 -28.90 -9.29
C SER A 597 8.82 -29.41 -10.71
N GLU A 598 7.79 -29.15 -11.51
CA GLU A 598 7.76 -29.51 -12.92
C GLU A 598 9.02 -28.99 -13.60
N GLU A 599 9.36 -27.73 -13.32
CA GLU A 599 10.57 -27.10 -13.84
C GLU A 599 11.81 -28.02 -13.82
N PHE A 600 11.87 -28.95 -12.86
CA PHE A 600 13.00 -29.86 -12.67
C PHE A 600 12.67 -31.31 -13.01
N LYS A 601 11.66 -31.53 -13.85
CA LYS A 601 11.23 -32.87 -14.22
C LYS A 601 12.38 -33.73 -14.79
N TYR A 602 13.26 -33.13 -15.58
CA TYR A 602 14.23 -33.90 -16.36
C TYR A 602 15.50 -34.13 -15.61
N VAL A 603 15.71 -33.45 -14.49
CA VAL A 603 16.96 -33.61 -13.73
C VAL A 603 17.18 -35.08 -13.37
N SER A 604 18.34 -35.60 -13.75
CA SER A 604 18.67 -37.01 -13.56
C SER A 604 20.04 -37.12 -12.90
N VAL A 605 20.25 -38.17 -12.14
CA VAL A 605 21.56 -38.35 -11.57
C VAL A 605 22.36 -39.32 -12.45
N ARG A 606 23.26 -38.73 -13.23
CA ARG A 606 24.07 -39.46 -14.19
C ARG A 606 25.17 -40.23 -13.46
N TYR A 607 25.59 -41.35 -14.04
CA TYR A 607 26.46 -42.30 -13.34
C TYR A 607 27.76 -41.68 -12.79
N GLU A 608 28.48 -40.96 -13.63
CA GLU A 608 29.79 -40.43 -13.26
C GLU A 608 29.76 -39.49 -12.05
N GLU A 609 28.84 -38.53 -12.08
CA GLU A 609 28.78 -37.47 -11.05
C GLU A 609 28.31 -37.98 -9.68
N LYS A 610 27.65 -39.15 -9.70
CA LYS A 610 27.08 -39.82 -8.52
C LYS A 610 28.03 -40.01 -7.35
N ARG A 611 29.30 -40.23 -7.62
CA ARG A 611 30.27 -40.42 -6.55
C ARG A 611 30.52 -39.11 -5.80
N GLU A 612 30.72 -38.04 -6.54
CA GLU A 612 30.86 -36.71 -5.98
C GLU A 612 29.60 -36.24 -5.27
N LEU A 613 28.45 -36.58 -5.86
CA LEU A 613 27.15 -36.17 -5.35
C LEU A 613 26.92 -36.76 -3.97
N LYS A 614 27.35 -38.01 -3.79
CA LYS A 614 27.18 -38.69 -2.51
C LYS A 614 27.96 -38.03 -1.40
N GLN A 615 29.12 -37.49 -1.75
CA GLN A 615 29.95 -36.73 -0.84
C GLN A 615 29.16 -35.54 -0.27
N LEU A 616 28.45 -34.83 -1.14
CA LEU A 616 27.63 -33.67 -0.74
C LEU A 616 26.33 -34.05 -0.02
N LEU A 617 25.74 -35.18 -0.40
CA LEU A 617 24.44 -35.60 0.15
C LEU A 617 24.55 -36.04 1.60
N GLU A 618 25.76 -36.34 2.06
CA GLU A 618 25.99 -36.77 3.42
C GLU A 618 26.55 -35.65 4.29
N LYS A 619 27.07 -34.60 3.67
CA LYS A 619 27.36 -33.34 4.38
C LYS A 619 26.19 -32.32 4.32
N ALA A 620 25.02 -32.74 3.81
CA ALA A 620 23.85 -31.86 3.62
C ALA A 620 23.31 -31.40 4.95
N PRO A 621 23.10 -30.07 5.13
CA PRO A 621 22.62 -29.49 6.39
C PRO A 621 21.19 -29.84 6.72
N ILE A 622 20.31 -29.86 5.73
CA ILE A 622 18.92 -30.26 5.96
C ILE A 622 18.76 -31.69 5.50
N PRO A 623 18.25 -32.57 6.37
CA PRO A 623 18.13 -33.96 5.96
C PRO A 623 17.42 -34.17 4.62
N ILE A 624 17.91 -35.15 3.88
CA ILE A 624 17.28 -35.57 2.65
C ILE A 624 16.71 -36.98 2.85
N ARG A 625 15.40 -37.10 2.78
CA ARG A 625 14.82 -38.41 2.97
C ARG A 625 15.09 -39.28 1.74
N GLU A 626 15.27 -38.64 0.60
CA GLU A 626 15.30 -39.34 -0.67
C GLU A 626 16.69 -39.96 -0.96
N ASP A 627 16.69 -41.03 -1.77
CA ASP A 627 17.90 -41.78 -2.14
C ASP A 627 18.79 -40.96 -3.02
N ILE A 628 20.04 -41.39 -3.23
CA ILE A 628 20.86 -40.79 -4.29
C ILE A 628 20.54 -41.31 -5.69
N ASP A 629 19.71 -42.35 -5.78
CA ASP A 629 19.11 -42.77 -7.06
C ASP A 629 18.11 -41.75 -7.54
N ASP A 630 17.31 -41.26 -6.60
CA ASP A 630 16.23 -40.37 -6.89
C ASP A 630 16.75 -39.04 -7.49
N PRO A 631 16.07 -38.53 -8.54
CA PRO A 631 16.39 -37.20 -9.01
C PRO A 631 16.16 -36.12 -7.93
N LEU A 632 15.10 -36.26 -7.13
CA LEU A 632 14.73 -35.24 -6.15
C LEU A 632 15.87 -34.97 -5.20
N ALA A 633 16.69 -35.97 -4.97
CA ALA A 633 17.73 -35.79 -4.02
C ALA A 633 18.75 -34.85 -4.60
N LYS A 634 18.93 -34.91 -5.91
CA LYS A 634 19.92 -34.07 -6.59
C LYS A 634 19.51 -32.61 -6.50
N VAL A 635 18.29 -32.33 -6.96
CA VAL A 635 17.79 -30.97 -6.95
C VAL A 635 17.88 -30.45 -5.51
N ASN A 636 17.47 -31.26 -4.55
CA ASN A 636 17.52 -30.85 -3.15
C ASN A 636 18.96 -30.50 -2.75
N VAL A 637 19.89 -31.42 -2.99
CA VAL A 637 21.29 -31.21 -2.53
C VAL A 637 21.92 -30.06 -3.30
N LEU A 638 21.48 -29.87 -4.52
CA LEU A 638 22.03 -28.80 -5.31
C LEU A 638 21.62 -27.50 -4.69
N LEU A 639 20.33 -27.36 -4.40
CA LEU A 639 19.81 -26.12 -3.81
C LEU A 639 20.45 -25.83 -2.46
N GLN A 640 20.69 -26.87 -1.68
CA GLN A 640 21.35 -26.67 -0.40
C GLN A 640 22.78 -26.18 -0.64
N SER A 641 23.38 -26.67 -1.71
CA SER A 641 24.72 -26.21 -2.08
C SER A 641 24.72 -24.73 -2.46
N TYR A 642 23.92 -24.35 -3.44
CA TYR A 642 23.80 -22.93 -3.76
C TYR A 642 23.70 -22.08 -2.51
N PHE A 643 22.93 -22.50 -1.49
CA PHE A 643 22.81 -21.68 -0.27
C PHE A 643 24.12 -21.58 0.49
N SER A 644 24.93 -22.64 0.39
CA SER A 644 26.29 -22.65 0.95
C SER A 644 27.41 -22.31 -0.07
N GLN A 645 27.03 -21.95 -1.28
CA GLN A 645 27.98 -21.57 -2.32
C GLN A 645 29.12 -22.60 -2.38
N LEU A 646 28.76 -23.84 -2.69
CA LEU A 646 29.74 -24.90 -2.86
C LEU A 646 30.45 -24.90 -4.23
N LYS A 647 31.76 -25.13 -4.19
CA LYS A 647 32.59 -25.16 -5.38
C LYS A 647 32.38 -26.49 -6.09
N PHE A 648 32.04 -26.46 -7.37
CA PHE A 648 31.83 -27.68 -8.15
C PHE A 648 32.85 -27.90 -9.26
N GLU A 649 33.36 -29.13 -9.36
CA GLU A 649 34.35 -29.47 -10.38
C GLU A 649 33.71 -29.78 -11.73
N GLY A 650 32.83 -30.80 -11.77
CA GLY A 650 32.11 -31.16 -13.00
C GLY A 650 31.39 -29.99 -13.69
N PHE A 651 31.53 -29.87 -15.01
CA PHE A 651 30.84 -28.83 -15.81
C PHE A 651 29.37 -29.15 -15.92
N ALA A 652 29.10 -30.43 -16.21
CA ALA A 652 27.74 -30.94 -16.33
C ALA A 652 26.89 -30.47 -15.16
N LEU A 653 27.37 -30.75 -13.96
CA LEU A 653 26.65 -30.50 -12.73
C LEU A 653 26.56 -29.00 -12.41
N ASN A 654 27.67 -28.29 -12.52
CA ASN A 654 27.65 -26.84 -12.38
C ASN A 654 26.67 -26.08 -13.27
N SER A 655 26.38 -26.59 -14.45
CA SER A 655 25.36 -25.97 -15.31
C SER A 655 24.01 -26.24 -14.66
N ASP A 656 23.84 -27.51 -14.23
CA ASP A 656 22.62 -27.97 -13.56
C ASP A 656 22.27 -27.07 -12.41
N ILE A 657 23.22 -26.90 -11.49
CA ILE A 657 23.00 -26.06 -10.32
C ILE A 657 22.59 -24.63 -10.73
N VAL A 658 23.21 -24.09 -11.77
CA VAL A 658 22.91 -22.71 -12.17
C VAL A 658 21.43 -22.62 -12.49
N PHE A 659 20.99 -23.59 -13.27
CA PHE A 659 19.61 -23.73 -13.69
C PHE A 659 18.64 -23.70 -12.53
N ILE A 660 19.10 -24.24 -11.40
CA ILE A 660 18.30 -24.30 -10.20
C ILE A 660 18.17 -22.94 -9.55
N HIS A 661 19.27 -22.25 -9.27
CA HIS A 661 19.09 -20.96 -8.63
C HIS A 661 18.21 -19.97 -9.47
N GLN A 662 18.33 -19.98 -10.80
CA GLN A 662 17.54 -19.01 -11.56
C GLN A 662 16.03 -19.28 -11.52
N ASN A 663 15.65 -20.49 -11.13
CA ASN A 663 14.26 -20.78 -10.87
C ASN A 663 13.90 -20.78 -9.40
N ALA A 664 14.86 -21.16 -8.56
CA ALA A 664 14.60 -21.29 -7.12
C ALA A 664 13.84 -20.08 -6.60
N GLY A 665 14.39 -18.90 -6.82
CA GLY A 665 13.69 -17.71 -6.43
C GLY A 665 12.19 -17.79 -6.62
N ARG A 666 11.71 -17.82 -7.86
CA ARG A 666 10.27 -17.51 -8.04
C ARG A 666 9.40 -18.70 -7.74
N LEU A 667 10.00 -19.90 -7.68
CA LEU A 667 9.27 -21.09 -7.20
C LEU A 667 9.03 -20.99 -5.71
N LEU A 668 10.12 -20.95 -4.92
CA LEU A 668 9.98 -20.69 -3.48
C LEU A 668 9.01 -19.53 -3.16
N ARG A 669 9.02 -18.46 -3.92
CA ARG A 669 8.02 -17.43 -3.71
C ARG A 669 6.57 -17.93 -3.93
N ALA A 670 6.31 -18.57 -5.07
CA ALA A 670 4.99 -19.18 -5.32
C ALA A 670 4.59 -20.08 -4.16
N MET A 671 5.56 -20.74 -3.55
CA MET A 671 5.26 -21.63 -2.44
C MET A 671 4.83 -20.79 -1.26
N PHE A 672 5.63 -19.80 -0.95
CA PHE A 672 5.30 -18.81 0.08
C PHE A 672 3.92 -18.21 -0.14
N GLU A 673 3.60 -17.86 -1.37
CA GLU A 673 2.34 -17.18 -1.60
C GLU A 673 1.20 -18.07 -1.23
N ILE A 674 1.30 -19.34 -1.56
CA ILE A 674 0.23 -20.26 -1.24
C ILE A 674 0.03 -20.39 0.27
N CYS A 675 1.11 -20.69 1.01
CA CYS A 675 1.03 -20.82 2.46
C CYS A 675 0.51 -19.58 3.17
N LEU A 676 0.79 -18.40 2.64
CA LEU A 676 0.32 -17.17 3.27
C LEU A 676 -1.17 -17.04 3.08
N LYS A 677 -1.62 -17.31 1.86
CA LYS A 677 -3.05 -17.30 1.57
C LYS A 677 -3.75 -18.28 2.47
N ARG A 678 -3.21 -19.50 2.57
CA ARG A 678 -3.86 -20.58 3.33
C ARG A 678 -3.70 -20.42 4.88
N GLY A 679 -2.81 -19.56 5.34
CA GLY A 679 -2.77 -19.22 6.76
C GLY A 679 -1.69 -19.94 7.57
N TRP A 680 -0.95 -20.85 6.94
CA TRP A 680 -0.09 -21.71 7.71
C TRP A 680 1.14 -21.00 8.19
N GLY A 681 1.14 -20.69 9.47
CA GLY A 681 2.10 -19.74 10.02
C GLY A 681 3.50 -20.23 9.81
N HIS A 682 3.76 -21.45 10.25
CA HIS A 682 5.12 -21.93 10.36
C HIS A 682 5.81 -22.20 8.98
N PRO A 683 5.17 -22.94 8.07
CA PRO A 683 5.75 -23.00 6.73
C PRO A 683 5.84 -21.62 6.00
N THR A 684 4.87 -20.74 6.18
CA THR A 684 4.99 -19.39 5.63
C THR A 684 6.24 -18.67 6.13
N ARG A 685 6.35 -18.51 7.45
CA ARG A 685 7.63 -18.04 8.04
C ARG A 685 8.89 -18.72 7.47
N MET A 686 8.93 -20.03 7.37
CA MET A 686 10.11 -20.74 6.83
C MET A 686 10.37 -20.45 5.36
N LEU A 687 9.29 -20.38 4.59
CA LEU A 687 9.44 -20.13 3.17
C LEU A 687 10.03 -18.76 2.97
N LEU A 688 9.55 -17.76 3.71
CA LEU A 688 10.13 -16.43 3.62
C LEU A 688 11.68 -16.46 3.78
N ASN A 689 12.18 -17.29 4.68
CA ASN A 689 13.62 -17.39 4.80
C ASN A 689 14.23 -18.01 3.58
N LEU A 690 13.75 -19.17 3.17
CA LEU A 690 14.30 -19.79 1.97
C LEU A 690 14.40 -18.77 0.84
N CYS A 691 13.34 -18.00 0.62
CA CYS A 691 13.37 -16.89 -0.32
C CYS A 691 14.57 -15.94 -0.05
N LYS A 692 14.67 -15.38 1.16
CA LYS A 692 15.89 -14.65 1.56
C LYS A 692 17.16 -15.45 1.23
N SER A 693 17.21 -16.67 1.70
CA SER A 693 18.39 -17.49 1.53
C SER A 693 18.79 -17.60 0.06
N ALA A 694 17.83 -17.57 -0.85
CA ALA A 694 18.10 -17.70 -2.30
C ALA A 694 18.49 -16.38 -2.99
N THR A 695 17.95 -15.25 -2.54
CA THR A 695 18.51 -13.92 -2.84
C THR A 695 19.98 -13.80 -2.35
N THR A 696 20.18 -13.92 -1.04
CA THR A 696 21.48 -13.68 -0.40
C THR A 696 22.48 -14.80 -0.56
N LYS A 697 22.14 -15.87 -1.25
CA LYS A 697 23.07 -16.99 -1.45
C LYS A 697 23.74 -17.45 -0.12
N MET A 698 22.99 -17.37 0.97
CA MET A 698 23.48 -17.81 2.29
C MET A 698 22.32 -18.30 3.18
N TRP A 699 22.68 -19.03 4.22
CA TRP A 699 21.71 -19.61 5.11
C TRP A 699 21.27 -18.64 6.24
N PRO A 700 20.16 -18.97 6.94
CA PRO A 700 19.63 -18.18 8.04
C PRO A 700 20.63 -18.02 9.15
N THR A 701 21.33 -19.10 9.49
CA THR A 701 22.18 -19.13 10.65
C THR A 701 23.52 -18.45 10.36
N ASN A 702 23.46 -17.18 9.97
CA ASN A 702 24.66 -16.38 9.66
C ASN A 702 24.34 -14.97 10.02
N CYS A 703 25.25 -14.32 10.75
CA CYS A 703 25.05 -12.92 11.07
C CYS A 703 25.14 -12.15 9.75
N PRO A 704 24.27 -11.13 9.57
CA PRO A 704 24.07 -10.39 8.33
C PRO A 704 25.09 -9.28 8.07
N LEU A 705 26.15 -9.22 8.86
CA LEU A 705 27.30 -8.42 8.49
C LEU A 705 27.82 -8.95 7.18
N ARG A 706 27.67 -10.26 6.99
CA ARG A 706 27.93 -10.90 5.70
C ARG A 706 26.98 -10.43 4.58
N GLN A 707 25.89 -9.79 4.96
CA GLN A 707 24.86 -9.37 4.01
C GLN A 707 25.18 -8.00 3.45
N PHE A 708 25.87 -7.19 4.24
CA PHE A 708 26.47 -5.98 3.72
C PHE A 708 27.63 -6.41 2.82
N LYS A 709 27.52 -6.12 1.52
CA LYS A 709 28.61 -6.32 0.58
C LYS A 709 29.88 -5.60 1.07
N THR A 710 29.69 -4.51 1.81
CA THR A 710 30.76 -3.58 2.17
C THR A 710 31.45 -3.88 3.51
N CYS A 711 31.46 -5.15 3.94
CA CYS A 711 32.14 -5.57 5.17
C CYS A 711 33.37 -6.41 4.81
N PRO A 712 34.46 -6.33 5.61
CA PRO A 712 35.63 -7.21 5.41
C PRO A 712 35.34 -8.66 5.78
N VAL A 713 36.14 -9.58 5.24
CA VAL A 713 35.87 -11.03 5.36
C VAL A 713 36.22 -11.65 6.74
N GLU A 714 37.22 -11.06 7.41
CA GLU A 714 37.65 -11.58 8.71
C GLU A 714 36.69 -11.22 9.84
N VAL A 715 36.16 -9.98 9.83
CA VAL A 715 35.41 -9.44 10.96
C VAL A 715 34.18 -10.27 11.32
N ILE A 716 33.45 -10.73 10.31
CA ILE A 716 32.25 -11.54 10.53
C ILE A 716 32.59 -12.90 11.14
N LYS A 717 33.70 -13.50 10.70
CA LYS A 717 34.08 -14.84 11.15
C LYS A 717 34.27 -14.91 12.67
N ARG A 718 34.88 -13.87 13.23
CA ARG A 718 35.10 -13.79 14.69
C ARG A 718 33.78 -13.66 15.45
N LEU A 719 32.83 -12.90 14.89
CA LEU A 719 31.51 -12.69 15.51
C LEU A 719 30.59 -13.90 15.38
N GLU A 720 30.75 -14.69 14.31
CA GLU A 720 29.94 -15.89 14.09
C GLU A 720 30.32 -16.99 15.08
N ALA A 721 31.62 -17.20 15.29
CA ALA A 721 32.10 -18.19 16.27
C ALA A 721 31.81 -17.76 17.72
N SER A 722 31.86 -16.45 18.00
CA SER A 722 31.72 -15.93 19.37
C SER A 722 30.32 -16.11 19.99
N THR A 723 29.35 -16.61 19.23
CA THR A 723 28.06 -17.07 19.79
C THR A 723 27.21 -15.98 20.45
N VAL A 724 27.72 -14.75 20.54
CA VAL A 724 26.97 -13.64 21.12
C VAL A 724 25.73 -13.46 20.22
N PRO A 725 24.52 -13.28 20.80
CA PRO A 725 23.34 -13.19 19.92
C PRO A 725 23.50 -12.09 18.88
N TRP A 726 22.94 -12.30 17.68
CA TRP A 726 23.05 -11.30 16.62
C TRP A 726 22.52 -9.96 17.14
N GLY A 727 21.24 -9.92 17.50
CA GLY A 727 20.61 -8.72 18.05
C GLY A 727 21.41 -8.04 19.15
N ASP A 728 22.19 -8.82 19.89
CA ASP A 728 23.00 -8.32 20.99
C ASP A 728 23.96 -7.22 20.52
N TYR A 729 24.64 -7.47 19.41
CA TYR A 729 25.56 -6.49 18.82
C TYR A 729 24.84 -5.18 18.45
N LEU A 730 23.56 -5.29 18.04
CA LEU A 730 22.75 -4.16 17.56
C LEU A 730 22.35 -3.16 18.65
N GLN A 731 22.22 -3.64 19.89
CA GLN A 731 21.72 -2.82 21.00
C GLN A 731 22.60 -1.61 21.34
N LEU A 732 23.92 -1.80 21.24
CA LEU A 732 24.90 -0.77 21.62
C LEU A 732 24.77 0.49 20.78
N GLU A 733 24.57 1.62 21.45
CA GLU A 733 24.38 2.90 20.77
C GLU A 733 25.65 3.76 20.75
N THR A 734 26.78 3.20 21.19
CA THR A 734 28.04 3.93 21.26
C THR A 734 29.06 3.35 20.28
N PRO A 735 29.73 4.20 19.46
CA PRO A 735 30.70 3.73 18.43
C PRO A 735 31.97 3.06 18.95
N ALA A 736 32.39 3.45 20.14
CA ALA A 736 33.52 2.80 20.80
C ALA A 736 33.13 1.40 21.28
N GLU A 737 31.95 1.29 21.89
CA GLU A 737 31.47 0.03 22.47
C GLU A 737 31.38 -1.11 21.45
N VAL A 738 30.84 -0.80 20.28
CA VAL A 738 30.70 -1.78 19.20
C VAL A 738 32.09 -2.31 18.82
N GLY A 739 33.07 -1.41 18.81
CA GLY A 739 34.45 -1.78 18.50
C GLY A 739 35.14 -2.67 19.51
N ARG A 740 34.73 -2.57 20.78
CA ARG A 740 35.28 -3.40 21.85
C ARG A 740 34.82 -4.86 21.72
N ALA A 741 33.56 -5.06 21.33
CA ALA A 741 32.99 -6.39 21.10
C ALA A 741 33.66 -7.11 19.92
N ILE A 742 33.93 -6.36 18.86
CA ILE A 742 34.67 -6.89 17.70
C ILE A 742 36.09 -7.29 18.10
N ARG A 743 36.68 -6.48 19.00
CA ARG A 743 38.08 -6.59 19.43
C ARG A 743 39.04 -5.93 18.43
N SER A 744 38.48 -5.17 17.50
CA SER A 744 39.26 -4.34 16.59
C SER A 744 38.78 -2.90 16.68
N GLU A 745 39.74 -1.97 16.61
CA GLU A 745 39.45 -0.54 16.80
C GLU A 745 38.83 0.09 15.55
N LYS A 746 39.51 -0.08 14.41
CA LYS A 746 39.19 0.64 13.17
C LYS A 746 38.03 0.00 12.41
N TYR A 747 37.89 -1.30 12.60
CA TYR A 747 36.75 -2.06 12.08
C TYR A 747 35.56 -1.76 12.98
N GLY A 748 35.83 -1.47 14.26
CA GLY A 748 34.80 -1.11 15.24
C GLY A 748 34.03 0.20 15.02
N LYS A 749 34.64 1.13 14.30
CA LYS A 749 34.00 2.41 13.97
C LYS A 749 33.20 2.33 12.65
N GLN A 750 33.72 1.55 11.70
CA GLN A 750 33.04 1.29 10.40
C GLN A 750 31.84 0.35 10.51
N VAL A 751 31.94 -0.64 11.39
CA VAL A 751 30.85 -1.58 11.66
C VAL A 751 29.73 -0.90 12.46
N TYR A 752 30.07 0.05 13.34
CA TYR A 752 29.05 0.87 14.02
C TYR A 752 28.17 1.61 13.03
N ASP A 753 28.80 2.16 11.99
CA ASP A 753 28.09 2.81 10.90
C ASP A 753 27.19 1.85 10.12
N LEU A 754 27.72 0.66 9.82
CA LEU A 754 26.93 -0.43 9.21
C LEU A 754 25.74 -0.82 10.09
N LEU A 755 26.00 -1.12 11.36
CA LEU A 755 24.94 -1.42 12.31
C LEU A 755 23.78 -0.43 12.25
N LYS A 756 24.07 0.87 12.29
CA LYS A 756 23.01 1.87 12.23
C LYS A 756 22.21 1.76 10.93
N ARG A 757 22.81 1.16 9.90
CA ARG A 757 22.11 0.94 8.62
C ARG A 757 21.34 -0.40 8.52
N PHE A 758 21.29 -1.14 9.63
CA PHE A 758 20.55 -2.40 9.68
C PHE A 758 19.10 -2.14 10.10
N PRO A 759 18.12 -2.62 9.29
CA PRO A 759 16.71 -2.32 9.58
C PRO A 759 16.21 -2.86 10.91
N LYS A 760 15.36 -2.07 11.56
CA LYS A 760 14.78 -2.42 12.85
C LYS A 760 13.43 -1.68 12.98
N MET A 761 12.49 -2.24 13.73
CA MET A 761 11.20 -1.61 14.00
C MET A 761 10.92 -1.52 15.49
N SER A 762 9.99 -0.63 15.85
CA SER A 762 9.35 -0.59 17.15
C SER A 762 7.89 -0.82 16.88
N VAL A 763 7.29 -1.73 17.62
CA VAL A 763 5.87 -1.96 17.47
C VAL A 763 5.12 -1.95 18.78
N THR A 764 4.03 -1.19 18.82
CA THR A 764 3.07 -1.30 19.92
C THR A 764 1.71 -1.62 19.34
N CYS A 765 0.89 -2.32 20.09
CA CYS A 765 -0.41 -2.71 19.60
C CYS A 765 -1.36 -2.96 20.73
N ASN A 766 -2.46 -2.24 20.74
CA ASN A 766 -3.56 -2.47 21.64
C ASN A 766 -4.72 -3.02 20.81
N ALA A 767 -5.73 -3.57 21.46
CA ALA A 767 -6.89 -4.10 20.75
C ALA A 767 -8.21 -3.56 21.33
N GLN A 768 -9.19 -3.42 20.47
CA GLN A 768 -10.43 -2.78 20.80
C GLN A 768 -11.49 -3.69 20.30
N PRO A 769 -12.34 -4.19 21.20
CA PRO A 769 -13.44 -4.98 20.71
C PRO A 769 -14.55 -4.09 20.19
N ILE A 770 -14.89 -4.28 18.93
CA ILE A 770 -15.95 -3.51 18.27
C ILE A 770 -17.28 -4.15 18.62
N THR A 771 -17.44 -5.42 18.25
CA THR A 771 -18.53 -6.28 18.76
C THR A 771 -17.92 -7.42 19.54
N ARG A 772 -18.72 -8.42 19.88
CA ARG A 772 -18.20 -9.62 20.51
C ARG A 772 -17.24 -10.33 19.56
N SER A 773 -17.73 -10.56 18.34
CA SER A 773 -16.97 -11.30 17.32
C SER A 773 -15.78 -10.52 16.71
N VAL A 774 -15.84 -9.19 16.70
CA VAL A 774 -14.90 -8.36 15.93
C VAL A 774 -14.00 -7.52 16.80
N MET A 775 -12.71 -7.73 16.63
CA MET A 775 -11.69 -7.03 17.39
C MET A 775 -10.94 -6.14 16.42
N ARG A 776 -10.74 -4.89 16.79
CA ARG A 776 -9.90 -3.97 16.03
C ARG A 776 -8.53 -3.93 16.72
N PHE A 777 -7.45 -3.80 15.94
CA PHE A 777 -6.11 -3.79 16.49
C PHE A 777 -5.50 -2.53 16.03
N ASN A 778 -4.98 -1.73 16.95
CA ASN A 778 -4.38 -0.46 16.60
C ASN A 778 -2.94 -0.46 16.91
N ILE A 779 -2.14 -0.33 15.86
CA ILE A 779 -0.69 -0.52 15.91
C ILE A 779 0.02 0.79 15.64
N GLU A 780 1.13 1.03 16.32
CA GLU A 780 1.93 2.21 16.08
C GLU A 780 3.34 1.71 15.85
N ILE A 781 3.96 2.14 14.76
CA ILE A 781 5.28 1.64 14.33
C ILE A 781 6.30 2.73 14.05
N ILE A 782 7.54 2.51 14.46
CA ILE A 782 8.62 3.42 14.09
C ILE A 782 9.66 2.62 13.37
N ALA A 783 10.12 3.09 12.21
CA ALA A 783 11.22 2.38 11.56
C ALA A 783 12.62 2.97 11.90
N ASP A 784 13.54 2.15 12.43
CA ASP A 784 14.82 2.67 12.97
C ASP A 784 16.07 2.22 12.27
N TRP A 785 16.22 2.66 11.03
CA TRP A 785 17.52 2.63 10.44
C TRP A 785 17.73 3.95 9.75
N ILE A 786 18.99 4.19 9.43
CA ILE A 786 19.43 5.33 8.67
C ILE A 786 19.56 4.85 7.25
N TRP A 787 18.92 5.55 6.32
CA TRP A 787 18.87 5.10 4.93
C TRP A 787 20.20 5.34 4.19
N ASP A 788 20.65 4.31 3.46
CA ASP A 788 21.72 4.43 2.46
C ASP A 788 21.18 3.87 1.13
N MET A 789 21.36 4.57 0.01
CA MET A 789 20.73 4.14 -1.25
C MET A 789 21.35 2.89 -1.84
N ASN A 790 22.66 2.72 -1.65
CA ASN A 790 23.38 1.56 -2.18
C ASN A 790 23.01 0.28 -1.46
N VAL A 791 22.73 0.42 -0.16
CA VAL A 791 22.49 -0.70 0.74
C VAL A 791 21.00 -1.10 0.85
N HIS A 792 20.07 -0.16 0.65
CA HIS A 792 18.63 -0.43 0.80
C HIS A 792 17.80 -0.38 -0.49
N GLY A 793 18.32 0.26 -1.53
CA GLY A 793 17.54 0.54 -2.74
C GLY A 793 16.44 1.56 -2.45
N SER A 794 15.46 1.65 -3.35
CA SER A 794 14.31 2.57 -3.23
C SER A 794 13.40 2.29 -2.05
N LEU A 795 13.30 1.00 -1.70
CA LEU A 795 12.52 0.57 -0.53
C LEU A 795 12.93 -0.78 0.05
N GLU A 796 12.55 -0.95 1.31
CA GLU A 796 12.67 -2.20 2.04
C GLU A 796 11.27 -2.58 2.48
N PRO A 797 10.73 -3.69 1.94
CA PRO A 797 9.40 -4.17 2.27
C PRO A 797 9.42 -5.10 3.50
N PHE A 798 8.24 -5.17 4.15
CA PHE A 798 8.07 -5.78 5.48
C PHE A 798 6.71 -6.46 5.64
N LEU A 799 6.77 -7.76 5.84
CA LEU A 799 5.58 -8.56 6.12
C LEU A 799 5.11 -8.34 7.54
N LEU A 800 3.84 -8.02 7.69
CA LEU A 800 3.21 -7.88 8.99
C LEU A 800 2.18 -8.97 9.12
N MET A 801 2.32 -9.84 10.12
CA MET A 801 1.27 -10.82 10.43
C MET A 801 0.77 -10.66 11.85
N LEU A 802 -0.52 -10.91 12.03
CA LEU A 802 -1.10 -11.16 13.33
C LEU A 802 -1.50 -12.62 13.33
N GLU A 803 -0.96 -13.38 14.29
CA GLU A 803 -1.08 -14.84 14.31
C GLU A 803 -1.53 -15.34 15.67
N ASP A 804 -2.07 -16.55 15.68
CA ASP A 804 -2.62 -17.11 16.90
C ASP A 804 -1.51 -17.40 17.92
N THR A 805 -1.89 -17.78 19.11
CA THR A 805 -0.94 -17.97 20.17
C THR A 805 0.05 -19.08 19.89
N ASP A 806 -0.42 -20.18 19.30
CA ASP A 806 0.45 -21.30 18.91
C ASP A 806 1.52 -20.85 17.94
N GLY A 807 1.17 -19.85 17.14
CA GLY A 807 2.06 -19.29 16.14
C GLY A 807 1.97 -20.11 14.88
N ASP A 808 0.78 -20.63 14.61
CA ASP A 808 0.54 -21.55 13.51
C ASP A 808 -0.53 -21.03 12.56
N SER A 809 -1.24 -19.98 12.94
CA SER A 809 -2.40 -19.53 12.20
C SER A 809 -2.33 -18.01 11.91
N ILE A 810 -2.13 -17.66 10.64
CA ILE A 810 -2.03 -16.28 10.26
C ILE A 810 -3.44 -15.74 10.15
N LEU A 811 -3.73 -14.75 10.98
CA LEU A 811 -5.08 -14.23 11.14
C LEU A 811 -5.29 -12.96 10.32
N TYR A 812 -4.25 -12.15 10.22
CA TYR A 812 -4.22 -11.02 9.29
C TYR A 812 -2.80 -10.89 8.75
N TYR A 813 -2.67 -10.43 7.52
CA TYR A 813 -1.36 -10.02 7.07
C TYR A 813 -1.47 -8.80 6.18
N ASP A 814 -0.34 -8.14 5.96
CA ASP A 814 -0.27 -6.96 5.12
C ASP A 814 1.21 -6.74 4.95
N VAL A 815 1.57 -6.12 3.85
CA VAL A 815 2.97 -5.85 3.61
C VAL A 815 3.17 -4.36 3.70
N LEU A 816 4.22 -3.98 4.44
CA LEU A 816 4.57 -2.60 4.64
C LEU A 816 5.82 -2.31 3.83
N PHE A 817 5.80 -1.23 3.07
CA PHE A 817 6.98 -0.84 2.33
C PHE A 817 7.54 0.39 2.98
N ILE A 818 8.71 0.25 3.58
CA ILE A 818 9.40 1.37 4.17
C ILE A 818 10.29 2.00 3.10
N THR A 819 10.39 3.32 3.18
CA THR A 819 11.12 4.17 2.24
C THR A 819 11.85 5.23 3.05
N PRO A 820 12.84 5.90 2.45
CA PRO A 820 13.68 6.82 3.22
C PRO A 820 12.91 7.95 3.91
N ASP A 821 11.79 8.37 3.31
CA ASP A 821 10.93 9.38 3.95
C ASP A 821 10.12 8.82 5.14
N ILE A 822 9.98 7.48 5.21
CA ILE A 822 9.23 6.83 6.28
C ILE A 822 10.08 6.53 7.52
N VAL A 823 11.36 6.15 7.34
CA VAL A 823 12.18 5.82 8.53
C VAL A 823 12.28 6.97 9.50
N GLY A 824 12.33 6.65 10.79
CA GLY A 824 12.52 7.64 11.85
C GLY A 824 11.26 8.22 12.44
N HIS A 825 10.20 8.33 11.62
CA HIS A 825 8.93 8.90 12.07
C HIS A 825 7.86 7.81 12.30
N GLU A 826 7.12 7.98 13.40
CA GLU A 826 6.06 7.05 13.80
C GLU A 826 4.91 7.02 12.80
N PHE A 827 4.26 5.86 12.63
CA PHE A 827 2.96 5.76 11.95
C PHE A 827 2.00 4.73 12.56
N THR A 828 0.73 4.78 12.15
CA THR A 828 -0.27 3.90 12.72
C THR A 828 -1.04 3.07 11.70
N LEU A 829 -1.37 1.86 12.12
CA LEU A 829 -2.11 0.89 11.35
C LEU A 829 -3.24 0.40 12.18
N SER A 830 -4.35 0.16 11.53
CA SER A 830 -5.44 -0.41 12.23
C SER A 830 -6.03 -1.41 11.29
N PHE A 831 -6.60 -2.46 11.87
CA PHE A 831 -7.30 -3.45 11.12
C PHE A 831 -8.25 -4.18 12.05
N THR A 832 -9.24 -4.84 11.45
CA THR A 832 -10.12 -5.70 12.20
C THR A 832 -9.85 -7.17 11.87
N TYR A 833 -10.18 -8.04 12.81
CA TYR A 833 -10.15 -9.49 12.61
C TYR A 833 -11.28 -10.07 13.39
N GLU A 834 -11.99 -11.03 12.80
CA GLU A 834 -13.15 -11.64 13.44
C GLU A 834 -12.77 -12.90 14.20
N LEU A 835 -12.84 -12.84 15.52
CA LEU A 835 -12.51 -13.95 16.40
C LEU A 835 -13.34 -15.18 16.06
N LYS A 836 -12.68 -16.33 16.03
CA LYS A 836 -13.39 -17.58 15.90
C LYS A 836 -14.23 -17.83 17.16
N GLN A 837 -15.34 -18.54 17.01
CA GLN A 837 -16.21 -18.95 18.13
C GLN A 837 -15.47 -19.48 19.37
N HIS A 838 -14.56 -20.44 19.19
CA HIS A 838 -13.72 -20.92 20.29
C HIS A 838 -13.28 -19.75 21.16
N ASN A 839 -12.50 -18.86 20.53
CA ASN A 839 -11.86 -17.72 21.20
C ASN A 839 -12.83 -16.66 21.66
N GLN A 840 -14.05 -16.71 21.17
CA GLN A 840 -15.06 -15.76 21.52
C GLN A 840 -15.55 -16.06 22.91
N ASN A 841 -15.58 -17.34 23.26
CA ASN A 841 -16.08 -17.81 24.54
C ASN A 841 -15.04 -17.80 25.62
N ASN A 842 -13.82 -18.23 25.28
CA ASN A 842 -12.67 -17.99 26.14
C ASN A 842 -11.55 -17.28 25.39
N LEU A 843 -11.36 -15.99 25.66
CA LEU A 843 -10.28 -15.24 25.04
C LEU A 843 -8.98 -15.94 25.32
N PRO A 844 -8.09 -15.99 24.33
CA PRO A 844 -6.81 -16.57 24.65
C PRO A 844 -6.05 -15.51 25.38
N PRO A 845 -4.93 -15.89 26.02
CA PRO A 845 -4.10 -14.93 26.73
C PRO A 845 -3.61 -13.83 25.82
N ASN A 846 -3.05 -14.23 24.68
CA ASN A 846 -2.52 -13.28 23.72
C ASN A 846 -2.57 -13.80 22.30
N PHE A 847 -2.37 -12.87 21.36
CA PHE A 847 -2.04 -13.20 19.97
C PHE A 847 -0.66 -12.65 19.78
N PHE A 848 -0.12 -12.81 18.58
CA PHE A 848 1.18 -12.24 18.28
C PHE A 848 1.05 -11.34 17.08
N LEU A 849 1.92 -10.34 17.02
CA LEU A 849 1.98 -9.45 15.91
C LEU A 849 3.45 -9.38 15.55
N THR A 850 3.76 -9.67 14.29
CA THR A 850 5.15 -9.82 13.86
C THR A 850 5.45 -9.03 12.59
N LEU A 851 6.65 -8.43 12.53
CA LEU A 851 7.15 -7.77 11.33
C LEU A 851 8.45 -8.43 10.89
N ILE A 852 8.48 -8.90 9.65
CA ILE A 852 9.71 -9.46 9.09
C ILE A 852 10.17 -8.75 7.80
N SER A 853 11.45 -8.39 7.77
CA SER A 853 12.04 -7.87 6.56
C SER A 853 11.91 -8.95 5.53
N GLU A 854 11.41 -8.61 4.34
CA GLU A 854 11.47 -9.52 3.20
C GLU A 854 12.92 -9.70 2.81
N ASN A 855 13.74 -8.65 2.94
CA ASN A 855 15.14 -8.69 2.44
C ASN A 855 16.27 -8.97 3.44
N TRP A 856 16.15 -8.44 4.66
CA TRP A 856 17.25 -8.42 5.66
C TRP A 856 17.18 -9.47 6.77
N TRP A 857 18.10 -10.42 6.75
CA TRP A 857 18.19 -11.47 7.75
C TRP A 857 18.07 -11.00 9.18
N HIS A 858 17.35 -11.77 10.01
CA HIS A 858 17.25 -11.53 11.45
C HIS A 858 16.77 -10.13 11.83
N SER A 859 16.00 -9.52 10.93
CA SER A 859 15.26 -8.32 11.22
C SER A 859 13.82 -8.79 11.26
N GLU A 860 13.51 -9.51 12.34
CA GLU A 860 12.16 -9.82 12.71
C GLU A 860 11.87 -9.20 14.08
N PHE A 861 10.69 -8.61 14.24
CA PHE A 861 10.32 -8.01 15.52
C PHE A 861 8.89 -8.30 15.85
N GLU A 862 8.68 -9.13 16.88
CA GLU A 862 7.35 -9.57 17.27
C GLU A 862 7.01 -9.22 18.71
N ILE A 863 5.74 -8.93 18.97
CA ILE A 863 5.26 -8.57 20.30
C ILE A 863 3.94 -9.27 20.59
N PRO A 864 3.71 -9.63 21.86
CA PRO A 864 2.45 -10.23 22.26
C PRO A 864 1.33 -9.21 22.34
N VAL A 865 0.14 -9.60 21.92
CA VAL A 865 -1.02 -8.74 21.99
C VAL A 865 -1.95 -9.34 23.03
N SER A 866 -1.90 -8.82 24.25
CA SER A 866 -2.66 -9.36 25.38
C SER A 866 -4.17 -9.18 25.27
N PHE A 867 -4.91 -10.10 25.84
CA PHE A 867 -6.34 -9.87 26.07
C PHE A 867 -6.72 -9.93 27.55
N ASN A 868 -5.86 -9.38 28.40
CA ASN A 868 -5.85 -9.69 29.81
C ASN A 868 -7.09 -9.30 30.58
N GLY A 869 -7.50 -8.05 30.53
CA GLY A 869 -8.64 -7.65 31.33
C GLY A 869 -9.99 -7.68 30.61
N PHE A 870 -9.99 -8.18 29.39
CA PHE A 870 -10.97 -7.76 28.39
C PHE A 870 -12.40 -8.25 28.60
N LYS A 871 -13.39 -7.38 28.41
CA LYS A 871 -14.77 -7.83 28.21
C LYS A 871 -15.13 -7.59 26.76
N LEU A 872 -15.41 -8.70 26.10
CA LEU A 872 -16.14 -8.67 24.85
C LEU A 872 -17.55 -8.19 25.16
N PRO A 873 -18.07 -7.25 24.38
CA PRO A 873 -19.47 -6.86 24.56
C PRO A 873 -20.43 -8.07 24.38
N LYS A 874 -21.61 -7.99 25.01
CA LYS A 874 -22.60 -9.05 24.88
C LYS A 874 -23.24 -8.96 23.52
N LYS A 875 -23.64 -10.09 22.93
CA LYS A 875 -24.16 -10.09 21.55
C LYS A 875 -25.36 -9.15 21.36
N PHE A 876 -25.53 -8.68 20.13
CA PHE A 876 -26.62 -7.73 19.78
C PHE A 876 -28.00 -8.34 20.03
N PRO A 877 -28.87 -7.66 20.81
CA PRO A 877 -30.29 -8.08 20.90
C PRO A 877 -31.02 -7.82 19.59
N PRO A 878 -31.98 -8.68 19.21
CA PRO A 878 -32.57 -8.56 17.88
C PRO A 878 -33.34 -7.26 17.70
N PRO A 879 -33.38 -6.71 16.47
CA PRO A 879 -34.10 -5.46 16.19
C PRO A 879 -35.64 -5.59 16.32
N THR A 880 -36.30 -4.51 16.72
CA THR A 880 -37.75 -4.53 17.00
C THR A 880 -38.57 -4.78 15.69
N PRO A 881 -39.29 -5.92 15.62
CA PRO A 881 -39.93 -6.31 14.36
C PRO A 881 -41.06 -5.37 13.92
N LEU A 882 -41.49 -5.48 12.67
CA LEU A 882 -42.59 -4.65 12.19
C LEU A 882 -43.92 -5.45 12.10
N LEU A 883 -44.94 -4.98 12.81
CA LEU A 883 -46.33 -5.35 12.52
C LEU A 883 -46.70 -5.02 11.08
N GLU A 884 -47.30 -5.97 10.36
CA GLU A 884 -47.55 -5.78 8.94
C GLU A 884 -48.87 -5.02 8.66
N ASN A 885 -48.77 -3.69 8.54
CA ASN A 885 -49.84 -2.87 7.93
C ASN A 885 -49.48 -1.38 7.63
N ILE A 886 -49.73 -1.00 6.37
CA ILE A 886 -49.40 0.33 5.82
C ILE A 886 -50.58 1.30 6.00
N SER A 887 -51.42 1.03 6.99
CA SER A 887 -52.79 1.55 6.98
C SER A 887 -52.86 3.06 7.00
N ILE A 888 -51.89 3.71 7.63
CA ILE A 888 -52.05 5.12 7.93
C ILE A 888 -51.94 5.96 6.65
N SER A 889 -52.70 7.05 6.62
CA SER A 889 -52.96 7.84 5.43
C SER A 889 -52.98 9.31 5.85
N THR A 890 -52.69 10.23 4.94
CA THR A 890 -52.56 11.65 5.36
C THR A 890 -53.88 12.16 5.89
N SER A 891 -54.96 11.48 5.50
CA SER A 891 -56.30 11.77 6.00
C SER A 891 -56.37 11.52 7.49
N GLU A 892 -55.60 10.55 7.99
CA GLU A 892 -55.64 10.16 9.40
C GLU A 892 -55.16 11.27 10.32
N LEU A 893 -54.35 12.17 9.81
CA LEU A 893 -53.95 13.31 10.63
C LEU A 893 -55.12 14.29 10.58
N GLY A 894 -55.52 14.77 11.75
CA GLY A 894 -56.83 15.39 11.93
C GLY A 894 -57.15 16.48 10.93
N ASN A 895 -56.28 17.47 10.90
CA ASN A 895 -56.48 18.68 10.13
C ASN A 895 -56.44 18.50 8.59
N ASP A 896 -57.24 19.30 7.89
CA ASP A 896 -57.33 19.20 6.43
C ASP A 896 -56.13 19.91 5.80
N ASP A 897 -55.75 21.04 6.40
CA ASP A 897 -54.60 21.88 5.97
C ASP A 897 -53.25 21.16 6.01
N PHE A 898 -53.02 20.43 7.09
CA PHE A 898 -51.88 19.55 7.19
C PHE A 898 -51.80 18.53 6.04
N SER A 899 -52.92 17.93 5.68
CA SER A 899 -52.90 16.89 4.68
C SER A 899 -52.34 17.41 3.32
N GLU A 900 -52.64 18.67 2.99
CA GLU A 900 -52.12 19.28 1.76
C GLU A 900 -50.59 19.26 1.70
N VAL A 901 -49.98 19.46 2.86
CA VAL A 901 -48.53 19.65 2.99
C VAL A 901 -47.76 18.43 2.46
N PHE A 902 -48.12 17.23 2.90
CA PHE A 902 -47.31 16.03 2.65
C PHE A 902 -47.25 15.55 1.22
N GLU A 903 -48.18 15.98 0.37
CA GLU A 903 -48.05 15.75 -1.07
C GLU A 903 -47.87 14.29 -1.52
N PHE A 904 -47.88 13.37 -0.56
CA PHE A 904 -48.05 11.93 -0.80
C PHE A 904 -49.18 11.58 0.16
N LYS A 905 -50.15 10.79 -0.29
CA LYS A 905 -51.35 10.59 0.52
C LYS A 905 -51.27 9.38 1.46
N THR A 906 -50.43 8.39 1.13
CA THR A 906 -50.25 7.19 1.97
C THR A 906 -48.93 7.23 2.72
N PHE A 907 -48.94 6.85 4.00
CA PHE A 907 -47.68 6.74 4.75
C PHE A 907 -46.94 5.45 4.49
N ASN A 908 -45.62 5.55 4.64
CA ASN A 908 -44.70 4.43 4.43
C ASN A 908 -44.98 3.30 5.42
N LYS A 909 -44.53 2.11 5.07
CA LYS A 909 -44.68 0.94 5.94
C LYS A 909 -44.06 1.21 7.29
N ILE A 910 -42.87 1.80 7.25
CA ILE A 910 -42.11 2.16 8.44
C ILE A 910 -42.69 3.40 9.11
N GLN A 911 -43.07 4.38 8.29
CA GLN A 911 -43.70 5.59 8.81
C GLN A 911 -44.99 5.33 9.57
N SER A 912 -45.68 4.24 9.24
CA SER A 912 -46.94 3.87 9.87
C SER A 912 -46.81 3.42 11.34
N GLN A 913 -45.82 2.58 11.63
CA GLN A 913 -45.61 2.13 13.02
C GLN A 913 -45.29 3.28 13.93
N VAL A 914 -44.62 4.27 13.38
CA VAL A 914 -44.21 5.42 14.16
C VAL A 914 -45.40 6.36 14.32
N PHE A 915 -46.17 6.52 13.23
CA PHE A 915 -47.13 7.62 13.09
C PHE A 915 -47.96 7.84 14.33
N GLU A 916 -48.41 6.72 14.89
CA GLU A 916 -49.15 6.76 16.13
C GLU A 916 -48.35 7.52 17.19
N SER A 917 -47.18 6.99 17.54
CA SER A 917 -46.36 7.53 18.62
C SER A 917 -45.93 8.94 18.32
N LEU A 918 -45.62 9.25 17.06
CA LEU A 918 -45.13 10.59 16.72
C LEU A 918 -46.21 11.65 16.80
N TYR A 919 -47.36 11.35 16.19
CA TYR A 919 -48.43 12.32 16.00
C TYR A 919 -49.40 12.36 17.17
N ASN A 920 -49.79 11.19 17.66
CA ASN A 920 -50.73 11.12 18.76
C ASN A 920 -50.11 11.62 20.06
N SER A 921 -49.06 10.96 20.56
CA SER A 921 -48.46 11.31 21.87
C SER A 921 -47.66 12.62 21.86
N ASN A 922 -47.17 13.00 23.05
CA ASN A 922 -46.11 13.97 23.19
C ASN A 922 -44.94 13.29 23.88
N ASP A 923 -44.92 11.96 23.75
CA ASP A 923 -43.83 11.17 24.27
C ASP A 923 -42.65 11.40 23.38
N SER A 924 -41.47 11.49 24.01
CA SER A 924 -40.23 11.42 23.30
C SER A 924 -40.13 10.06 22.58
N VAL A 925 -39.66 10.07 21.34
CA VAL A 925 -39.59 8.88 20.49
C VAL A 925 -38.20 8.80 19.88
N PHE A 926 -37.74 7.58 19.63
CA PHE A 926 -36.51 7.32 18.88
C PHE A 926 -36.82 6.46 17.66
N VAL A 927 -36.43 6.90 16.48
CA VAL A 927 -36.62 6.10 15.27
C VAL A 927 -35.27 5.76 14.67
N GLY A 928 -35.07 4.47 14.39
CA GLY A 928 -33.88 3.99 13.71
C GLY A 928 -34.30 3.29 12.43
N SER A 929 -34.08 3.92 11.27
CA SER A 929 -34.37 3.33 9.97
C SER A 929 -33.28 3.64 8.96
N GLY A 930 -33.13 2.78 7.96
CA GLY A 930 -32.17 3.02 6.88
C GLY A 930 -32.41 4.37 6.22
N LYS A 931 -31.36 4.95 5.63
CA LYS A 931 -31.53 6.12 4.80
C LYS A 931 -32.52 5.81 3.64
N GLY A 932 -33.32 6.81 3.31
CA GLY A 932 -34.32 6.69 2.26
C GLY A 932 -35.67 6.20 2.73
N THR A 933 -35.82 6.03 4.04
CA THR A 933 -37.09 5.61 4.64
C THR A 933 -38.01 6.80 4.98
N GLY A 934 -37.61 8.03 4.68
CA GLY A 934 -38.50 9.16 4.90
C GLY A 934 -38.66 9.54 6.36
N LYS A 935 -37.55 9.53 7.07
CA LYS A 935 -37.53 10.05 8.42
C LYS A 935 -37.75 11.56 8.48
N THR A 936 -37.78 12.23 7.33
CA THR A 936 -37.93 13.66 7.41
C THR A 936 -39.38 13.92 7.67
N ALA A 937 -40.25 13.11 7.05
CA ALA A 937 -41.70 13.20 7.28
C ALA A 937 -42.04 12.94 8.76
N MET A 938 -41.27 12.06 9.37
CA MET A 938 -41.31 11.88 10.82
C MET A 938 -40.97 13.15 11.61
N ALA A 939 -39.99 13.92 11.16
CA ALA A 939 -39.69 15.18 11.86
C ALA A 939 -40.87 16.14 11.70
N GLU A 940 -41.47 16.12 10.53
CA GLU A 940 -42.50 17.08 10.16
C GLU A 940 -43.76 16.80 10.96
N LEU A 941 -44.06 15.52 11.20
CA LEU A 941 -45.20 15.18 12.07
C LEU A 941 -45.00 15.91 13.41
N ALA A 942 -43.97 15.53 14.15
CA ALA A 942 -43.70 16.12 15.45
C ALA A 942 -43.92 17.62 15.47
N LEU A 943 -43.63 18.25 14.34
CA LEU A 943 -43.79 19.68 14.15
C LEU A 943 -45.26 20.08 13.98
N LEU A 944 -46.00 19.27 13.22
CA LEU A 944 -47.41 19.52 12.99
C LEU A 944 -48.17 19.35 14.28
N ASN A 945 -47.89 18.25 14.99
CA ASN A 945 -48.50 17.94 16.27
C ASN A 945 -48.00 18.83 17.38
N HIS A 946 -46.98 19.61 17.11
CA HIS A 946 -46.53 20.55 18.09
C HIS A 946 -47.41 21.76 18.01
N TRP A 947 -47.66 22.17 16.78
CA TRP A 947 -48.34 23.42 16.50
C TRP A 947 -49.84 23.26 16.64
N ARG A 948 -50.31 22.04 16.41
CA ARG A 948 -51.71 21.64 16.63
C ARG A 948 -52.11 21.81 18.08
N GLN A 949 -51.13 21.75 18.98
CA GLN A 949 -51.35 22.03 20.37
C GLN A 949 -50.89 23.43 20.75
N ASN A 950 -50.82 24.34 19.78
CA ASN A 950 -50.48 25.76 20.03
C ASN A 950 -49.18 26.05 20.79
N LYS A 951 -48.26 25.10 20.77
CA LYS A 951 -47.13 25.17 21.67
C LYS A 951 -46.18 26.29 21.28
N GLY A 952 -45.15 26.48 22.09
CA GLY A 952 -44.18 27.54 21.84
C GLY A 952 -43.32 27.26 20.61
N ARG A 953 -42.22 26.54 20.84
CA ARG A 953 -41.04 26.67 19.99
C ARG A 953 -40.34 25.35 19.81
N ALA A 954 -39.63 25.23 18.70
CA ALA A 954 -38.96 23.97 18.36
C ALA A 954 -37.63 24.20 17.64
N VAL A 955 -36.70 23.27 17.82
CA VAL A 955 -35.38 23.32 17.21
C VAL A 955 -35.14 22.02 16.49
N TYR A 956 -34.63 22.11 15.25
CA TYR A 956 -34.32 20.92 14.45
C TYR A 956 -32.83 20.93 14.24
N ILE A 957 -32.21 19.79 14.49
CA ILE A 957 -30.74 19.67 14.58
C ILE A 957 -30.27 18.67 13.55
N ASN A 958 -29.35 19.12 12.71
CA ASN A 958 -28.72 18.21 11.78
C ASN A 958 -27.28 18.61 11.62
N PRO A 959 -26.39 17.63 11.42
CA PRO A 959 -25.01 18.00 11.16
C PRO A 959 -24.78 18.65 9.80
N SER A 960 -25.48 18.17 8.78
CA SER A 960 -25.23 18.64 7.43
C SER A 960 -25.86 19.97 7.11
N GLY A 961 -25.13 21.05 7.31
CA GLY A 961 -25.61 22.35 6.81
C GLY A 961 -26.08 22.37 5.34
N GLU A 962 -25.74 21.35 4.56
CA GLU A 962 -26.26 21.20 3.21
C GLU A 962 -27.70 20.77 3.30
N LYS A 963 -27.96 19.72 4.08
CA LYS A 963 -29.33 19.29 4.34
C LYS A 963 -30.15 20.39 5.00
N ILE A 964 -29.62 21.06 6.00
CA ILE A 964 -30.36 22.19 6.60
C ILE A 964 -30.78 23.26 5.59
N ASP A 965 -29.98 23.49 4.56
CA ASP A 965 -30.30 24.57 3.63
C ASP A 965 -31.44 24.15 2.72
N PHE A 966 -31.40 22.89 2.27
CA PHE A 966 -32.46 22.37 1.42
C PHE A 966 -33.72 22.43 2.21
N LEU A 967 -33.65 21.73 3.34
CA LEU A 967 -34.80 21.46 4.17
C LEU A 967 -35.35 22.70 4.84
N LEU A 968 -34.59 23.78 4.94
CA LEU A 968 -35.19 25.03 5.37
C LEU A 968 -36.22 25.38 4.36
N SER A 969 -35.79 25.65 3.12
CA SER A 969 -36.69 26.15 2.06
C SER A 969 -37.90 25.24 1.82
N ASP A 970 -37.70 23.93 1.78
CA ASP A 970 -38.81 22.99 1.61
C ASP A 970 -39.83 23.27 2.70
N TRP A 971 -39.35 23.29 3.94
CA TRP A 971 -40.22 23.58 5.07
C TRP A 971 -40.80 24.96 5.03
N ASN A 972 -40.05 25.91 4.53
CA ASN A 972 -40.46 27.30 4.66
C ASN A 972 -41.61 27.71 3.76
N LYS A 973 -41.63 27.14 2.55
CA LYS A 973 -42.76 27.32 1.64
C LYS A 973 -44.01 26.55 2.15
N ARG A 974 -43.83 25.31 2.62
CA ARG A 974 -44.95 24.45 3.03
C ARG A 974 -45.58 24.70 4.41
N PHE A 975 -44.79 25.20 5.37
CA PHE A 975 -45.22 25.24 6.76
C PHE A 975 -45.36 26.68 7.22
N SER A 976 -44.96 27.63 6.41
CA SER A 976 -44.97 29.00 6.87
C SER A 976 -46.37 29.41 7.34
N HIS A 977 -47.39 28.89 6.65
CA HIS A 977 -48.77 29.37 6.78
C HIS A 977 -49.61 28.66 7.86
N LEU A 978 -49.16 27.50 8.32
CA LEU A 978 -49.98 26.62 9.17
C LEU A 978 -50.57 27.25 10.46
N ALA A 979 -50.04 28.40 10.85
CA ALA A 979 -50.78 29.36 11.70
C ALA A 979 -50.19 30.76 11.53
N GLY A 980 -49.29 30.92 10.55
CA GLY A 980 -48.36 32.04 10.50
C GLY A 980 -47.08 31.83 11.31
N GLY A 981 -46.48 30.62 11.26
CA GLY A 981 -45.20 30.29 11.92
C GLY A 981 -43.97 30.65 11.09
N LYS A 982 -43.01 31.39 11.70
CA LYS A 982 -41.74 31.84 11.07
C LYS A 982 -40.53 30.93 11.30
N ILE A 983 -40.08 30.25 10.24
CA ILE A 983 -39.01 29.26 10.33
C ILE A 983 -37.71 29.82 9.80
N ILE A 984 -36.66 29.81 10.63
CA ILE A 984 -35.38 30.40 10.28
C ILE A 984 -34.24 29.38 10.45
N ASN A 985 -33.21 29.60 9.65
CA ASN A 985 -32.02 28.79 9.60
C ASN A 985 -31.03 29.43 10.47
N LYS A 986 -30.24 28.66 11.17
CA LYS A 986 -29.14 29.29 11.87
C LYS A 986 -27.83 29.07 11.12
N LEU A 987 -27.16 30.17 10.83
CA LEU A 987 -25.81 30.13 10.34
C LEU A 987 -25.03 30.30 11.60
N GLY A 988 -24.04 29.46 11.76
CA GLY A 988 -23.33 29.39 13.00
C GLY A 988 -22.50 30.62 13.23
N ASN A 989 -22.12 31.30 12.17
CA ASN A 989 -20.92 32.04 12.29
C ASN A 989 -21.02 33.29 13.12
N ASP A 990 -22.24 33.69 13.44
CA ASP A 990 -22.29 34.74 14.41
C ASP A 990 -23.21 34.26 15.46
N PRO A 991 -22.67 34.04 16.67
CA PRO A 991 -23.49 33.59 17.75
C PRO A 991 -24.59 34.60 18.08
N SER A 992 -24.24 35.89 18.13
CA SER A 992 -25.16 36.98 18.54
C SER A 992 -26.34 37.03 17.62
N LEU A 993 -26.05 36.92 16.33
CA LEU A 993 -27.06 36.88 15.32
C LEU A 993 -27.93 35.62 15.53
N ASN A 994 -27.33 34.51 15.91
CA ASN A 994 -28.11 33.30 16.11
C ASN A 994 -29.04 33.44 17.30
N LEU A 995 -28.54 34.07 18.34
CA LEU A 995 -29.33 34.35 19.50
C LEU A 995 -30.58 35.11 19.07
N LYS A 996 -30.38 36.15 18.26
CA LYS A 996 -31.50 36.96 17.73
C LYS A 996 -32.50 36.15 16.90
N LEU A 997 -32.02 35.19 16.12
CA LEU A 997 -32.93 34.34 15.34
C LEU A 997 -33.81 33.44 16.20
N LEU A 998 -33.28 32.98 17.33
CA LEU A 998 -34.05 32.16 18.27
C LEU A 998 -35.29 32.92 18.74
N ALA A 999 -35.02 34.16 19.15
CA ALA A 999 -36.05 35.08 19.60
C ALA A 999 -37.11 35.34 18.52
N LYS A 1000 -36.67 35.52 17.27
CA LYS A 1000 -37.62 35.67 16.12
C LYS A 1000 -38.36 34.41 15.70
N SER A 1001 -37.83 33.24 15.98
CA SER A 1001 -38.23 32.11 15.21
C SER A 1001 -39.01 31.08 16.00
N HIS A 1002 -40.05 30.58 15.36
CA HIS A 1002 -40.90 29.53 15.89
C HIS A 1002 -40.23 28.18 15.77
N VAL A 1003 -39.60 27.94 14.63
CA VAL A 1003 -38.78 26.74 14.41
C VAL A 1003 -37.38 27.20 14.03
N LEU A 1004 -36.34 26.61 14.63
CA LEU A 1004 -34.96 26.84 14.21
C LEU A 1004 -34.39 25.56 13.66
N LEU A 1005 -33.61 25.68 12.59
CA LEU A 1005 -32.76 24.58 12.15
C LEU A 1005 -31.33 24.98 12.49
N ALA A 1006 -30.59 24.06 13.11
CA ALA A 1006 -29.20 24.29 13.40
C ALA A 1006 -28.38 23.01 13.38
N THR A 1007 -27.07 23.24 13.38
CA THR A 1007 -26.11 22.16 13.43
C THR A 1007 -25.73 21.94 14.89
N PRO A 1008 -25.34 20.69 15.27
CA PRO A 1008 -24.94 20.43 16.65
C PRO A 1008 -23.91 21.45 17.15
N VAL A 1009 -22.94 21.81 16.33
CA VAL A 1009 -21.97 22.78 16.81
C VAL A 1009 -22.63 24.08 17.16
N GLN A 1010 -23.54 24.49 16.30
CA GLN A 1010 -24.12 25.84 16.34
C GLN A 1010 -24.93 26.06 17.55
N PHE A 1011 -25.76 25.05 17.79
CA PHE A 1011 -26.76 25.09 18.82
C PHE A 1011 -26.09 24.87 20.14
N GLU A 1012 -25.15 23.91 20.19
CA GLU A 1012 -24.37 23.66 21.42
C GLU A 1012 -23.70 24.95 21.86
N LEU A 1013 -23.33 25.80 20.89
CA LEU A 1013 -22.62 27.01 21.26
C LEU A 1013 -23.57 28.02 21.85
N LEU A 1014 -24.83 27.97 21.41
CA LEU A 1014 -25.88 28.89 21.87
C LEU A 1014 -26.28 28.49 23.23
N SER A 1015 -26.47 27.18 23.35
CA SER A 1015 -27.14 26.60 24.48
C SER A 1015 -26.28 26.69 25.73
N ARG A 1016 -24.99 27.02 25.62
CA ARG A 1016 -24.17 26.87 26.81
C ARG A 1016 -24.52 27.83 27.92
N ARG A 1017 -25.03 29.00 27.57
CA ARG A 1017 -25.44 29.97 28.60
C ARG A 1017 -26.95 29.98 28.78
N TRP A 1018 -27.58 28.80 28.83
CA TRP A 1018 -29.04 28.68 29.08
C TRP A 1018 -29.48 29.18 30.44
N ARG A 1019 -28.66 28.99 31.45
CA ARG A 1019 -28.92 29.63 32.73
C ARG A 1019 -29.27 31.11 32.54
N GLN A 1020 -28.59 31.81 31.64
CA GLN A 1020 -28.91 33.21 31.27
C GLN A 1020 -29.99 33.37 30.17
N ARG A 1021 -30.13 32.41 29.27
CA ARG A 1021 -31.01 32.55 28.09
C ARG A 1021 -32.34 31.86 28.27
N LYS A 1022 -33.35 32.63 28.63
CA LYS A 1022 -34.67 32.06 28.94
C LYS A 1022 -35.34 31.41 27.74
N ASN A 1023 -34.96 31.85 26.53
CA ASN A 1023 -35.53 31.31 25.29
C ASN A 1023 -35.12 29.88 24.99
N ILE A 1024 -33.94 29.50 25.50
CA ILE A 1024 -33.48 28.13 25.39
C ILE A 1024 -34.20 27.27 26.41
N GLN A 1025 -34.36 27.78 27.63
CA GLN A 1025 -35.01 27.06 28.74
C GLN A 1025 -36.48 26.72 28.44
N SER A 1026 -37.17 27.71 27.87
CA SER A 1026 -38.55 27.58 27.43
C SER A 1026 -38.80 26.73 26.20
N LEU A 1027 -37.81 25.95 25.76
CA LEU A 1027 -37.94 25.16 24.54
C LEU A 1027 -38.74 23.91 24.78
N GLU A 1028 -39.64 23.64 23.85
CA GLU A 1028 -40.70 22.69 24.02
C GLU A 1028 -40.40 21.39 23.29
N LEU A 1029 -39.85 21.48 22.07
CA LEU A 1029 -39.60 20.30 21.21
C LEU A 1029 -38.25 20.39 20.55
N MET A 1030 -37.58 19.24 20.39
CA MET A 1030 -36.29 19.19 19.71
C MET A 1030 -36.16 17.96 18.81
N ILE A 1031 -36.02 18.19 17.50
CA ILE A 1031 -35.77 17.06 16.61
C ILE A 1031 -34.28 16.96 16.40
N TYR A 1032 -33.70 15.84 16.86
CA TYR A 1032 -32.31 15.48 16.60
C TYR A 1032 -32.31 14.52 15.42
N ASP A 1033 -32.00 15.01 14.23
CA ASP A 1033 -31.89 14.18 13.04
C ASP A 1033 -30.47 13.59 12.87
N ASP A 1034 -30.42 12.46 12.17
CA ASP A 1034 -29.19 11.74 11.97
C ASP A 1034 -28.38 11.66 13.27
N ALA A 1035 -29.04 11.34 14.37
CA ALA A 1035 -28.44 11.29 15.72
C ALA A 1035 -27.40 10.19 15.89
N HIS A 1036 -27.46 9.20 15.00
CA HIS A 1036 -26.41 8.18 14.87
C HIS A 1036 -25.00 8.76 14.68
N GLU A 1037 -24.91 10.05 14.35
CA GLU A 1037 -23.63 10.71 14.13
C GLU A 1037 -23.01 11.30 15.37
N ILE A 1038 -23.49 10.90 16.54
CA ILE A 1038 -22.81 11.34 17.76
C ILE A 1038 -21.49 10.59 17.87
N SER A 1039 -21.48 9.45 17.16
CA SER A 1039 -20.34 8.55 17.01
C SER A 1039 -19.12 9.19 16.30
N GLN A 1040 -19.40 10.21 15.50
CA GLN A 1040 -18.58 10.59 14.35
C GLN A 1040 -17.41 11.50 14.55
N GLY A 1041 -16.98 11.72 15.77
CA GLY A 1041 -15.68 12.31 16.00
C GLY A 1041 -15.85 13.48 16.90
N VAL A 1042 -14.96 14.43 16.81
CA VAL A 1042 -15.08 15.56 17.69
C VAL A 1042 -16.49 16.13 17.59
N TYR A 1043 -16.99 16.30 16.36
CA TYR A 1043 -18.32 16.91 16.19
C TYR A 1043 -19.42 16.02 16.67
N GLY A 1044 -19.23 14.70 16.55
CA GLY A 1044 -20.13 13.74 17.19
C GLY A 1044 -20.20 13.98 18.69
N ALA A 1045 -19.04 14.04 19.35
CA ALA A 1045 -19.00 14.36 20.76
C ALA A 1045 -19.83 15.61 21.10
N VAL A 1046 -19.75 16.61 20.23
CA VAL A 1046 -20.45 17.86 20.43
C VAL A 1046 -21.94 17.66 20.28
N TYR A 1047 -22.33 16.73 19.41
CA TYR A 1047 -23.74 16.42 19.23
C TYR A 1047 -24.24 15.80 20.52
N GLU A 1048 -23.52 14.81 21.04
CA GLU A 1048 -23.83 14.20 22.33
C GLU A 1048 -23.76 15.21 23.49
N THR A 1049 -22.71 16.03 23.56
CA THR A 1049 -22.70 17.10 24.56
C THR A 1049 -24.04 17.84 24.48
N LEU A 1050 -24.45 18.20 23.28
CA LEU A 1050 -25.70 18.90 23.11
C LEU A 1050 -26.90 18.15 23.67
N ILE A 1051 -27.12 16.94 23.19
CA ILE A 1051 -28.26 16.11 23.56
C ILE A 1051 -28.33 15.85 25.07
N SER A 1052 -27.16 15.69 25.71
CA SER A 1052 -27.04 15.54 27.16
C SER A 1052 -27.54 16.78 27.89
N ARG A 1053 -27.09 17.93 27.44
CA ARG A 1053 -27.48 19.20 28.07
C ARG A 1053 -28.98 19.44 28.13
N MET A 1054 -29.67 19.28 27.00
CA MET A 1054 -31.14 19.39 26.97
C MET A 1054 -31.81 18.49 28.00
N ILE A 1055 -31.35 17.25 28.16
CA ILE A 1055 -31.81 16.40 29.26
C ILE A 1055 -31.48 17.00 30.63
N PHE A 1056 -30.20 17.27 30.89
CA PHE A 1056 -29.83 17.96 32.13
C PHE A 1056 -30.70 19.20 32.44
N ILE A 1057 -31.09 19.95 31.41
CA ILE A 1057 -31.88 21.19 31.58
C ILE A 1057 -33.35 20.89 31.83
N ALA A 1058 -33.90 19.94 31.11
CA ALA A 1058 -35.22 19.47 31.39
C ALA A 1058 -35.24 18.96 32.82
N THR A 1059 -34.36 18.02 33.11
CA THR A 1059 -34.31 17.43 34.44
C THR A 1059 -34.26 18.53 35.47
N GLN A 1060 -33.35 19.47 35.32
CA GLN A 1060 -33.17 20.55 36.33
C GLN A 1060 -34.39 21.42 36.56
N LEU A 1061 -35.07 21.74 35.49
CA LEU A 1061 -36.11 22.73 35.54
C LEU A 1061 -37.47 22.07 35.64
N GLU A 1062 -37.49 20.76 35.78
CA GLU A 1062 -38.75 20.05 35.78
C GLU A 1062 -39.59 20.72 34.70
N LYS A 1063 -38.98 20.80 33.52
CA LYS A 1063 -39.57 21.38 32.33
C LYS A 1063 -39.78 20.16 31.42
N LYS A 1064 -40.89 20.08 30.70
CA LYS A 1064 -41.17 18.86 29.91
C LYS A 1064 -40.90 19.19 28.46
N ILE A 1065 -39.83 18.60 27.92
CA ILE A 1065 -39.33 18.91 26.58
C ILE A 1065 -39.43 17.66 25.74
N ARG A 1066 -40.05 17.74 24.56
CA ARG A 1066 -40.20 16.57 23.74
C ARG A 1066 -38.99 16.39 22.90
N PHE A 1067 -38.39 15.19 22.97
CA PHE A 1067 -37.20 14.83 22.20
C PHE A 1067 -37.58 13.78 21.19
N VAL A 1068 -37.39 14.08 19.93
CA VAL A 1068 -37.59 13.10 18.90
C VAL A 1068 -36.25 12.88 18.24
N CYS A 1069 -35.67 11.69 18.41
CA CYS A 1069 -34.39 11.31 17.77
C CYS A 1069 -34.58 10.50 16.51
N LEU A 1070 -34.25 11.08 15.37
CA LEU A 1070 -34.21 10.36 14.09
C LEU A 1070 -32.78 9.90 13.73
N SER A 1071 -32.64 8.70 13.21
CA SER A 1071 -31.31 8.08 13.16
C SER A 1071 -31.30 6.87 12.23
N ASN A 1072 -30.10 6.43 11.87
CA ASN A 1072 -29.96 5.18 11.13
C ASN A 1072 -30.33 4.07 12.07
N CYS A 1073 -30.46 2.88 11.51
CA CYS A 1073 -30.52 1.68 12.31
C CYS A 1073 -29.28 1.64 13.19
N LEU A 1074 -29.50 1.57 14.49
CA LEU A 1074 -28.45 1.28 15.43
C LEU A 1074 -28.40 -0.23 15.60
N ALA A 1075 -27.31 -0.71 16.21
CA ALA A 1075 -27.17 -2.12 16.55
C ALA A 1075 -27.87 -2.41 17.86
N ASN A 1076 -27.82 -1.45 18.79
CA ASN A 1076 -28.46 -1.59 20.10
C ASN A 1076 -29.06 -0.28 20.62
N ALA A 1077 -30.32 -0.05 20.27
CA ALA A 1077 -30.99 1.21 20.59
C ALA A 1077 -31.29 1.37 22.08
N ARG A 1078 -31.29 0.27 22.84
CA ARG A 1078 -31.68 0.32 24.23
C ARG A 1078 -30.91 1.43 24.94
N ASP A 1079 -29.58 1.33 24.95
CA ASP A 1079 -28.71 2.29 25.63
C ASP A 1079 -28.91 3.70 25.13
N PHE A 1080 -28.98 3.85 23.82
CA PHE A 1080 -29.10 5.16 23.21
C PHE A 1080 -30.43 5.77 23.66
N GLY A 1081 -31.51 5.02 23.48
CA GLY A 1081 -32.87 5.48 23.80
C GLY A 1081 -32.98 5.80 25.27
N GLU A 1082 -32.48 4.90 26.10
CA GLU A 1082 -32.45 5.12 27.54
C GLU A 1082 -31.75 6.45 27.86
N TRP A 1083 -30.60 6.70 27.24
CA TRP A 1083 -29.84 7.93 27.48
C TRP A 1083 -30.62 9.18 27.06
N ALA A 1084 -31.42 9.07 26.02
CA ALA A 1084 -32.31 10.16 25.60
C ALA A 1084 -33.56 10.26 26.46
N GLY A 1085 -33.76 9.32 27.37
CA GLY A 1085 -34.98 9.27 28.18
C GLY A 1085 -36.22 8.98 27.34
N MET A 1086 -36.28 7.77 26.82
CA MET A 1086 -37.48 7.31 26.14
C MET A 1086 -37.91 5.96 26.68
N THR A 1087 -39.17 5.90 27.09
CA THR A 1087 -39.79 4.66 27.46
C THR A 1087 -39.50 3.59 26.42
N LYS A 1088 -39.13 2.40 26.89
CA LYS A 1088 -38.86 1.22 26.06
C LYS A 1088 -39.89 0.95 24.93
N SER A 1089 -41.13 1.43 25.09
CA SER A 1089 -42.18 1.23 24.07
C SER A 1089 -42.06 2.19 22.87
N ASN A 1090 -41.46 3.35 23.10
CA ASN A 1090 -41.26 4.41 22.08
C ASN A 1090 -39.93 4.37 21.27
N ILE A 1091 -39.17 3.29 21.41
CA ILE A 1091 -37.84 3.16 20.84
C ILE A 1091 -37.98 2.23 19.66
N TYR A 1092 -38.43 2.79 18.55
CA TYR A 1092 -38.53 2.03 17.31
C TYR A 1092 -37.19 1.98 16.63
N ASN A 1093 -36.75 0.79 16.26
CA ASN A 1093 -35.44 0.61 15.69
C ASN A 1093 -35.46 -0.62 14.85
N PHE A 1094 -35.12 -0.48 13.59
CA PHE A 1094 -35.38 -1.52 12.61
C PHE A 1094 -34.11 -2.13 12.01
N SER A 1095 -34.21 -3.33 11.45
CA SER A 1095 -33.07 -3.97 10.80
C SER A 1095 -32.76 -3.22 9.51
N PRO A 1096 -31.48 -3.21 9.07
CA PRO A 1096 -31.18 -2.45 7.88
C PRO A 1096 -31.86 -3.02 6.65
N SER A 1097 -32.14 -4.32 6.66
CA SER A 1097 -32.81 -4.96 5.54
C SER A 1097 -34.28 -4.52 5.43
N GLU A 1098 -34.83 -3.95 6.49
CA GLU A 1098 -36.22 -3.51 6.47
C GLU A 1098 -36.55 -2.47 5.38
N ARG A 1099 -35.63 -1.57 5.04
CA ARG A 1099 -35.94 -0.50 4.07
C ARG A 1099 -36.76 -1.03 2.87
N ILE A 1100 -37.86 -0.33 2.56
CA ILE A 1100 -38.97 -0.82 1.72
C ILE A 1100 -38.68 -1.09 0.23
N GLU A 1101 -37.89 -0.24 -0.40
CA GLU A 1101 -37.51 -0.48 -1.80
C GLU A 1101 -36.46 -1.56 -1.78
N PRO A 1102 -36.67 -2.66 -2.51
CA PRO A 1102 -35.67 -3.72 -2.41
C PRO A 1102 -34.34 -3.27 -3.02
N LEU A 1103 -33.24 -3.77 -2.48
CA LEU A 1103 -31.92 -3.32 -2.88
C LEU A 1103 -30.89 -4.45 -2.71
N GLU A 1104 -30.27 -4.83 -3.82
CA GLU A 1104 -29.21 -5.82 -3.82
C GLU A 1104 -27.83 -5.17 -3.76
N ILE A 1105 -26.95 -5.71 -2.93
CA ILE A 1105 -25.59 -5.17 -2.74
C ILE A 1105 -24.49 -6.15 -3.16
N ASN A 1106 -23.89 -5.90 -4.30
CA ASN A 1106 -22.75 -6.69 -4.77
C ASN A 1106 -21.44 -5.98 -4.35
N ILE A 1107 -20.56 -6.70 -3.65
CA ILE A 1107 -19.25 -6.17 -3.22
C ILE A 1107 -18.12 -6.95 -3.88
N GLN A 1108 -17.24 -6.23 -4.56
CA GLN A 1108 -16.11 -6.82 -5.29
C GLN A 1108 -14.77 -6.35 -4.76
N SER A 1109 -13.98 -7.30 -4.25
CA SER A 1109 -12.64 -7.00 -3.78
C SER A 1109 -11.64 -7.03 -4.95
N PHE A 1110 -10.40 -6.61 -4.69
CA PHE A 1110 -9.41 -6.37 -5.73
C PHE A 1110 -8.02 -6.31 -5.11
N LYS A 1111 -7.04 -6.92 -5.76
CA LYS A 1111 -5.70 -7.07 -5.19
C LYS A 1111 -4.90 -5.78 -5.20
N ASP A 1112 -3.91 -5.70 -4.33
CA ASP A 1112 -2.93 -4.60 -4.32
C ASP A 1112 -3.58 -3.23 -4.56
N VAL A 1113 -4.73 -2.97 -3.94
CA VAL A 1113 -5.40 -1.70 -4.23
C VAL A 1113 -5.50 -0.73 -3.03
N GLU A 1114 -5.46 -1.27 -1.81
CA GLU A 1114 -5.22 -0.48 -0.61
C GLU A 1114 -4.25 0.70 -0.90
N HIS A 1115 -3.25 0.46 -1.74
CA HIS A 1115 -2.20 1.46 -2.08
C HIS A 1115 -2.76 2.75 -2.68
N ILE A 1116 -3.85 2.63 -3.44
CA ILE A 1116 -4.42 3.78 -4.17
C ILE A 1116 -5.94 3.77 -4.09
N SER A 1117 -6.56 4.74 -4.76
CA SER A 1117 -8.01 4.94 -4.66
C SER A 1117 -8.76 3.90 -5.46
N PHE A 1118 -8.38 3.76 -6.73
CA PHE A 1118 -8.90 2.67 -7.59
C PHE A 1118 -7.94 2.52 -8.75
N ASN A 1119 -7.89 1.32 -9.32
CA ASN A 1119 -6.98 1.02 -10.41
C ASN A 1119 -7.75 0.72 -11.67
N PHE A 1120 -7.02 0.73 -12.79
CA PHE A 1120 -7.58 0.45 -14.11
C PHE A 1120 -8.61 -0.68 -14.11
N SER A 1121 -8.25 -1.80 -13.48
CA SER A 1121 -9.12 -2.97 -13.48
C SER A 1121 -10.49 -2.73 -12.83
N MET A 1122 -10.52 -1.96 -11.75
CA MET A 1122 -11.76 -1.60 -11.07
C MET A 1122 -12.62 -0.66 -11.87
N LEU A 1123 -11.98 0.35 -12.44
CA LEU A 1123 -12.61 1.27 -13.37
C LEU A 1123 -13.33 0.54 -14.50
N GLN A 1124 -12.68 -0.49 -15.07
CA GLN A 1124 -13.32 -1.27 -16.11
C GLN A 1124 -14.61 -1.89 -15.65
N MET A 1125 -14.60 -2.44 -14.44
CA MET A 1125 -15.80 -3.09 -13.89
C MET A 1125 -16.88 -2.06 -13.59
N ALA A 1126 -16.48 -0.88 -13.14
CA ALA A 1126 -17.43 0.21 -12.96
C ALA A 1126 -18.14 0.49 -14.28
N PHE A 1127 -17.34 0.58 -15.35
CA PHE A 1127 -17.87 0.84 -16.70
C PHE A 1127 -18.75 -0.28 -17.22
N GLU A 1128 -18.41 -1.53 -16.95
CA GLU A 1128 -19.31 -2.64 -17.27
C GLU A 1128 -20.66 -2.50 -16.55
N ALA A 1129 -20.63 -2.07 -15.30
CA ALA A 1129 -21.87 -1.95 -14.54
C ALA A 1129 -22.71 -0.82 -15.11
N SER A 1130 -22.06 0.27 -15.51
CA SER A 1130 -22.75 1.43 -16.04
C SER A 1130 -23.35 1.11 -17.43
N ALA A 1131 -22.63 0.31 -18.20
CA ALA A 1131 -23.14 -0.20 -19.47
C ALA A 1131 -24.33 -1.15 -19.22
N ALA A 1132 -24.19 -2.08 -18.28
CA ALA A 1132 -25.35 -2.92 -17.88
C ALA A 1132 -26.59 -2.10 -17.41
N ALA A 1133 -26.35 -0.95 -16.81
CA ALA A 1133 -27.45 -0.08 -16.42
C ALA A 1133 -28.06 0.52 -17.67
N ALA A 1134 -27.20 1.02 -18.54
CA ALA A 1134 -27.62 1.62 -19.80
C ALA A 1134 -28.45 0.64 -20.68
N GLY A 1135 -28.05 -0.63 -20.72
CA GLY A 1135 -28.75 -1.68 -21.48
C GLY A 1135 -30.11 -2.08 -20.92
N ASN A 1136 -30.29 -1.99 -19.60
CA ASN A 1136 -31.58 -2.24 -18.96
C ASN A 1136 -32.42 -0.99 -18.84
N ARG A 1137 -31.98 0.09 -19.49
CA ARG A 1137 -32.64 1.39 -19.45
C ARG A 1137 -32.68 1.99 -18.03
N ASN A 1138 -31.98 1.36 -17.08
CA ASN A 1138 -31.84 1.92 -15.73
C ASN A 1138 -30.70 2.93 -15.71
N SER A 1139 -30.83 3.90 -14.81
CA SER A 1139 -29.85 4.96 -14.68
C SER A 1139 -28.90 4.58 -13.56
N SER A 1140 -27.62 4.87 -13.74
CA SER A 1140 -26.60 4.58 -12.72
C SER A 1140 -25.74 5.81 -12.40
N SER A 1141 -25.52 6.03 -11.10
CA SER A 1141 -24.59 7.05 -10.64
C SER A 1141 -23.33 6.38 -10.06
N VAL A 1142 -22.18 7.05 -10.19
CA VAL A 1142 -20.89 6.47 -9.76
C VAL A 1142 -20.15 7.37 -8.77
N PHE A 1143 -19.77 6.80 -7.63
CA PHE A 1143 -19.21 7.59 -6.54
C PHE A 1143 -17.70 7.51 -6.47
N LEU A 1144 -17.07 8.68 -6.41
CA LEU A 1144 -15.62 8.78 -6.47
C LEU A 1144 -15.06 9.68 -5.38
N PRO A 1145 -13.85 9.38 -4.91
CA PRO A 1145 -13.40 10.08 -3.74
C PRO A 1145 -13.00 11.52 -3.99
N SER A 1146 -12.90 11.96 -5.23
CA SER A 1146 -12.47 13.34 -5.47
C SER A 1146 -13.15 13.93 -6.69
N ARG A 1147 -12.87 15.20 -6.92
CA ARG A 1147 -13.26 15.82 -8.16
C ARG A 1147 -12.35 15.34 -9.29
N LYS A 1148 -11.02 15.35 -9.06
CA LYS A 1148 -10.08 14.88 -10.09
C LYS A 1148 -10.58 13.56 -10.62
N ASP A 1149 -10.86 12.64 -9.72
CA ASP A 1149 -11.28 11.30 -10.10
C ASP A 1149 -12.55 11.30 -10.91
N CYS A 1150 -13.43 12.27 -10.69
CA CYS A 1150 -14.63 12.39 -11.52
C CYS A 1150 -14.23 12.75 -12.94
N MET A 1151 -13.30 13.70 -13.08
CA MET A 1151 -12.89 14.15 -14.42
C MET A 1151 -12.17 13.03 -15.14
N GLU A 1152 -11.16 12.49 -14.47
CA GLU A 1152 -10.38 11.38 -14.99
C GLU A 1152 -11.23 10.15 -15.37
N VAL A 1153 -12.19 9.77 -14.53
CA VAL A 1153 -13.11 8.67 -14.87
C VAL A 1153 -14.02 9.00 -16.05
N ALA A 1154 -14.40 10.27 -16.18
CA ALA A 1154 -15.25 10.70 -17.30
C ALA A 1154 -14.49 10.48 -18.60
N SER A 1155 -13.26 10.99 -18.62
CA SER A 1155 -12.33 10.83 -19.73
C SER A 1155 -12.12 9.36 -20.17
N ALA A 1156 -11.93 8.46 -19.22
CA ALA A 1156 -11.94 7.03 -19.51
C ALA A 1156 -13.29 6.56 -20.02
N PHE A 1157 -14.38 7.09 -19.48
CA PHE A 1157 -15.72 6.69 -19.86
C PHE A 1157 -16.06 7.11 -21.30
N MET A 1158 -15.58 8.28 -21.71
CA MET A 1158 -15.73 8.73 -23.10
C MET A 1158 -14.98 7.77 -24.04
N LYS A 1159 -13.69 7.58 -23.77
CA LYS A 1159 -12.84 6.63 -24.53
C LYS A 1159 -13.44 5.22 -24.61
N PHE A 1160 -13.93 4.71 -23.48
CA PHE A 1160 -14.54 3.37 -23.41
C PHE A 1160 -15.89 3.29 -24.12
N SER A 1161 -16.64 4.38 -24.05
CA SER A 1161 -17.95 4.42 -24.69
C SER A 1161 -17.81 4.48 -26.23
N LYS A 1162 -16.81 5.20 -26.73
CA LYS A 1162 -16.50 5.22 -28.19
C LYS A 1162 -16.19 3.83 -28.71
N ALA A 1163 -15.45 3.05 -27.93
CA ALA A 1163 -14.99 1.76 -28.38
C ALA A 1163 -16.02 0.67 -28.06
N ILE A 1164 -17.30 1.01 -28.14
CA ILE A 1164 -18.39 0.06 -27.95
C ILE A 1164 -19.55 0.54 -28.84
N GLU A 1165 -20.45 -0.38 -29.15
CA GLU A 1165 -21.64 -0.04 -29.92
C GLU A 1165 -22.39 1.05 -29.17
N TRP A 1166 -22.67 0.79 -27.90
CA TRP A 1166 -23.25 1.79 -27.01
C TRP A 1166 -22.26 2.91 -26.70
N ASP A 1167 -22.39 4.01 -27.42
CA ASP A 1167 -21.73 5.25 -27.06
C ASP A 1167 -22.81 6.32 -26.98
N MET A 1168 -24.06 5.90 -26.83
CA MET A 1168 -25.16 6.80 -27.04
C MET A 1168 -25.41 7.68 -25.81
N LEU A 1169 -25.73 8.94 -26.10
CA LEU A 1169 -26.33 9.88 -25.15
C LEU A 1169 -27.80 9.50 -24.92
N ASN A 1170 -28.39 8.88 -25.94
CA ASN A 1170 -29.83 8.55 -26.03
C ASN A 1170 -30.64 9.77 -26.47
N VAL A 1171 -29.95 10.80 -26.95
CA VAL A 1171 -30.55 12.06 -27.37
C VAL A 1171 -29.63 12.77 -28.38
N GLU A 1172 -30.24 13.55 -29.28
CA GLU A 1172 -29.50 14.23 -30.33
C GLU A 1172 -28.52 15.29 -29.84
N GLU A 1173 -27.41 15.41 -30.55
CA GLU A 1173 -26.30 16.27 -30.16
C GLU A 1173 -26.49 17.75 -30.41
N GLU A 1174 -27.42 18.12 -31.29
CA GLU A 1174 -27.63 19.54 -31.54
C GLU A 1174 -28.47 20.15 -30.42
N GLN A 1175 -29.38 19.36 -29.87
CA GLN A 1175 -30.25 19.77 -28.77
C GLN A 1175 -29.51 20.00 -27.43
N ILE A 1176 -28.41 19.26 -27.23
CA ILE A 1176 -27.59 19.35 -26.01
C ILE A 1176 -26.72 20.62 -25.91
N VAL A 1177 -26.45 21.25 -27.06
CA VAL A 1177 -25.53 22.41 -27.15
C VAL A 1177 -26.11 23.73 -26.64
N PRO A 1178 -27.43 23.92 -26.77
CA PRO A 1178 -28.09 25.05 -26.11
C PRO A 1178 -27.89 25.01 -24.61
N TYR A 1179 -28.09 23.82 -24.03
CA TYR A 1179 -27.84 23.59 -22.61
C TYR A 1179 -26.39 23.85 -22.21
N ILE A 1180 -25.44 23.15 -22.83
CA ILE A 1180 -24.01 23.25 -22.49
C ILE A 1180 -23.44 24.67 -22.64
N GLU A 1181 -24.22 25.51 -23.33
CA GLU A 1181 -23.86 26.89 -23.59
C GLU A 1181 -23.48 27.63 -22.29
N LYS A 1182 -24.17 27.35 -21.20
CA LYS A 1182 -23.94 28.06 -19.92
C LYS A 1182 -22.50 28.02 -19.43
N LEU A 1183 -21.81 26.90 -19.68
CA LEU A 1183 -20.36 26.83 -19.57
C LEU A 1183 -19.82 27.52 -18.31
N THR A 1184 -20.46 27.33 -17.17
CA THR A 1184 -20.01 28.00 -15.96
C THR A 1184 -18.57 27.57 -15.63
N ASP A 1185 -18.28 26.29 -15.84
CA ASP A 1185 -16.95 25.72 -15.62
C ASP A 1185 -16.61 24.76 -16.77
N GLY A 1186 -15.77 25.24 -17.68
CA GLY A 1186 -15.48 24.56 -18.95
C GLY A 1186 -15.21 23.07 -18.87
N HIS A 1187 -14.56 22.66 -17.79
CA HIS A 1187 -14.23 21.26 -17.58
C HIS A 1187 -15.46 20.33 -17.65
N LEU A 1188 -16.65 20.83 -17.33
CA LEU A 1188 -17.85 19.96 -17.32
C LEU A 1188 -18.49 19.80 -18.68
N ARG A 1189 -18.22 20.75 -19.56
CA ARG A 1189 -18.88 20.82 -20.87
C ARG A 1189 -18.58 19.55 -21.66
N ALA A 1190 -17.28 19.26 -21.75
CA ALA A 1190 -16.75 18.21 -22.60
C ALA A 1190 -17.35 16.81 -22.32
N PRO A 1191 -17.34 16.34 -21.04
CA PRO A 1191 -17.99 15.08 -20.65
C PRO A 1191 -19.50 15.08 -20.77
N LEU A 1192 -20.13 16.11 -20.22
CA LEU A 1192 -21.57 16.20 -20.22
C LEU A 1192 -22.09 15.89 -21.63
N LYS A 1193 -21.45 16.49 -22.62
CA LYS A 1193 -21.77 16.27 -24.02
C LYS A 1193 -21.96 14.80 -24.44
N HIS A 1194 -21.22 13.87 -23.85
CA HIS A 1194 -21.21 12.47 -24.30
C HIS A 1194 -22.20 11.57 -23.53
N GLY A 1195 -22.86 12.15 -22.54
CA GLY A 1195 -23.88 11.45 -21.75
C GLY A 1195 -23.50 11.24 -20.30
N VAL A 1196 -22.50 11.99 -19.82
CA VAL A 1196 -21.91 11.79 -18.50
C VAL A 1196 -21.88 13.07 -17.64
N GLY A 1197 -22.58 13.02 -16.50
CA GLY A 1197 -22.65 14.17 -15.58
C GLY A 1197 -21.62 14.17 -14.47
N ILE A 1198 -21.28 15.36 -13.99
CA ILE A 1198 -20.27 15.53 -12.95
C ILE A 1198 -20.83 16.36 -11.81
N LEU A 1199 -20.67 15.89 -10.57
CA LEU A 1199 -21.08 16.64 -9.36
C LEU A 1199 -20.00 16.69 -8.25
N TYR A 1200 -19.45 17.88 -8.03
CA TYR A 1200 -18.43 18.11 -7.01
C TYR A 1200 -18.83 19.27 -6.10
N LYS A 1201 -18.20 19.39 -4.94
CA LYS A 1201 -18.48 20.54 -4.08
C LYS A 1201 -17.99 21.83 -4.69
N GLY A 1202 -18.84 22.84 -4.74
CA GLY A 1202 -18.44 24.16 -5.25
C GLY A 1202 -18.93 24.48 -6.65
N MET A 1203 -19.76 23.61 -7.22
CA MET A 1203 -20.35 23.90 -8.52
C MET A 1203 -21.15 25.19 -8.52
N ALA A 1204 -21.22 25.86 -9.67
CA ALA A 1204 -22.26 26.84 -9.87
C ALA A 1204 -23.61 26.10 -9.79
N SER A 1205 -24.60 26.72 -9.15
CA SER A 1205 -25.95 26.14 -9.11
C SER A 1205 -26.49 25.97 -10.53
N ASN A 1206 -26.01 26.82 -11.44
CA ASN A 1206 -26.27 26.65 -12.88
C ASN A 1206 -25.82 25.27 -13.30
N ASP A 1207 -24.52 25.01 -13.13
CA ASP A 1207 -23.94 23.70 -13.39
C ASP A 1207 -24.76 22.64 -12.67
N GLU A 1208 -24.91 22.81 -11.36
CA GLU A 1208 -25.60 21.81 -10.57
C GLU A 1208 -26.94 21.41 -11.20
N ARG A 1209 -27.82 22.39 -11.41
CA ARG A 1209 -29.17 22.10 -11.87
C ARG A 1209 -29.24 21.72 -13.35
N ILE A 1210 -28.37 22.32 -14.15
CA ILE A 1210 -28.30 21.95 -15.56
C ILE A 1210 -27.92 20.47 -15.68
N VAL A 1211 -26.97 20.00 -14.85
CA VAL A 1211 -26.55 18.60 -14.85
C VAL A 1211 -27.66 17.70 -14.28
N LYS A 1212 -28.27 18.12 -13.17
CA LYS A 1212 -29.30 17.33 -12.51
C LYS A 1212 -30.47 17.11 -13.47
N ARG A 1213 -30.92 18.19 -14.10
CA ARG A 1213 -32.08 18.15 -15.00
C ARG A 1213 -31.87 17.16 -16.16
N LEU A 1214 -30.72 17.28 -16.81
CA LEU A 1214 -30.39 16.40 -17.89
C LEU A 1214 -30.41 14.92 -17.46
N TYR A 1215 -29.99 14.65 -16.23
CA TYR A 1215 -30.12 13.31 -15.66
C TYR A 1215 -31.59 13.01 -15.37
N GLU A 1216 -32.27 13.99 -14.75
CA GLU A 1216 -33.67 13.84 -14.32
C GLU A 1216 -34.53 13.40 -15.49
N TYR A 1217 -34.44 14.13 -16.59
CA TYR A 1217 -35.16 13.76 -17.81
C TYR A 1217 -34.75 12.37 -18.32
N GLY A 1218 -33.44 12.14 -18.47
CA GLY A 1218 -32.92 10.92 -19.09
C GLY A 1218 -32.06 11.18 -20.32
N ALA A 1219 -31.56 12.42 -20.42
CA ALA A 1219 -30.63 12.77 -21.48
C ALA A 1219 -29.32 12.01 -21.25
N VAL A 1220 -28.62 12.39 -20.18
CA VAL A 1220 -27.34 11.78 -19.79
C VAL A 1220 -27.61 10.52 -18.96
N SER A 1221 -26.97 9.42 -19.34
CA SER A 1221 -27.32 8.12 -18.76
C SER A 1221 -26.61 7.91 -17.41
N VAL A 1222 -25.46 8.56 -17.24
CA VAL A 1222 -24.56 8.31 -16.11
C VAL A 1222 -24.09 9.57 -15.38
N LEU A 1223 -24.21 9.50 -14.07
CA LEU A 1223 -23.78 10.57 -13.21
C LEU A 1223 -22.51 10.15 -12.43
N LEU A 1224 -21.54 11.04 -12.30
CA LEU A 1224 -20.39 10.82 -11.46
C LEU A 1224 -20.38 11.84 -10.33
N ILE A 1225 -20.21 11.37 -9.10
CA ILE A 1225 -20.45 12.18 -7.91
C ILE A 1225 -19.34 12.09 -6.85
N SER A 1226 -18.80 13.22 -6.41
CA SER A 1226 -17.85 13.24 -5.28
C SER A 1226 -18.44 12.58 -4.05
N LYS A 1227 -17.62 11.84 -3.32
CA LYS A 1227 -18.00 11.35 -1.99
C LYS A 1227 -18.74 12.46 -1.22
N ASP A 1228 -18.31 13.70 -1.38
CA ASP A 1228 -18.88 14.83 -0.63
C ASP A 1228 -20.35 15.11 -0.95
N CYS A 1229 -20.65 15.23 -2.23
CA CYS A 1229 -22.00 15.47 -2.68
C CYS A 1229 -22.97 14.29 -2.49
N SER A 1230 -22.49 13.18 -1.89
CA SER A 1230 -23.37 12.06 -1.50
C SER A 1230 -24.59 12.45 -0.68
N ALA A 1231 -24.47 13.56 0.05
CA ALA A 1231 -25.57 14.18 0.80
C ALA A 1231 -26.76 14.54 -0.08
N PHE A 1232 -26.48 15.19 -1.21
CA PHE A 1232 -27.53 15.58 -2.15
C PHE A 1232 -28.31 14.33 -2.58
N ALA A 1233 -29.57 14.23 -2.13
CA ALA A 1233 -30.45 13.08 -2.43
C ALA A 1233 -30.80 13.03 -3.92
N CYS A 1234 -30.04 12.25 -4.68
CA CYS A 1234 -30.15 12.28 -6.14
C CYS A 1234 -30.48 10.90 -6.66
N LYS A 1235 -31.69 10.42 -6.34
CA LYS A 1235 -32.01 8.98 -6.44
C LYS A 1235 -31.81 8.38 -7.82
N THR A 1236 -31.39 7.12 -7.85
CA THR A 1236 -31.18 6.38 -9.08
C THR A 1236 -31.57 4.91 -8.89
N ASP A 1237 -31.41 4.11 -9.95
CA ASP A 1237 -31.72 2.68 -9.89
C ASP A 1237 -30.49 1.87 -9.48
N GLU A 1238 -29.37 2.12 -10.15
CA GLU A 1238 -28.14 1.39 -9.85
C GLU A 1238 -27.11 2.36 -9.26
N VAL A 1239 -26.36 1.89 -8.25
CA VAL A 1239 -25.25 2.68 -7.70
C VAL A 1239 -23.93 1.92 -7.78
N ILE A 1240 -22.89 2.61 -8.23
CA ILE A 1240 -21.51 2.08 -8.23
C ILE A 1240 -20.63 2.95 -7.35
N ILE A 1241 -20.12 2.36 -6.27
CA ILE A 1241 -19.09 3.03 -5.50
C ILE A 1241 -17.76 2.47 -5.97
N LEU A 1242 -17.01 3.32 -6.68
CA LEU A 1242 -15.80 2.92 -7.39
C LEU A 1242 -14.62 3.29 -6.53
N GLY A 1243 -14.22 2.34 -5.68
CA GLY A 1243 -13.15 2.60 -4.75
C GLY A 1243 -13.70 3.15 -3.46
N THR A 1244 -12.99 2.82 -2.38
CA THR A 1244 -13.42 3.08 -1.03
C THR A 1244 -12.23 3.57 -0.20
N ASN A 1245 -11.38 4.37 -0.83
CA ASN A 1245 -10.20 4.94 -0.18
C ASN A 1245 -10.10 6.44 -0.38
N LEU A 1246 -9.58 7.09 0.65
CA LEU A 1246 -9.33 8.53 0.71
C LEU A 1246 -7.91 8.82 1.06
N TYR A 1247 -7.25 9.68 0.32
CA TYR A 1247 -5.93 10.06 0.71
C TYR A 1247 -6.03 11.23 1.68
N ASP A 1248 -5.35 11.15 2.82
CA ASP A 1248 -5.02 12.39 3.56
C ASP A 1248 -3.50 12.49 3.63
N GLY A 1249 -2.99 13.63 3.19
CA GLY A 1249 -1.57 13.96 3.30
C GLY A 1249 -1.30 14.61 4.63
N ALA A 1250 -2.17 14.34 5.60
CA ALA A 1250 -1.87 14.62 6.99
C ALA A 1250 -1.10 13.42 7.55
N GLU A 1251 -1.71 12.23 7.45
CA GLU A 1251 -1.08 10.97 7.88
C GLU A 1251 -0.43 10.28 6.68
N HIS A 1252 -0.17 11.08 5.65
CA HIS A 1252 0.32 10.61 4.35
C HIS A 1252 -0.16 9.27 3.80
N LYS A 1253 -1.38 8.86 4.14
CA LYS A 1253 -1.86 7.52 3.79
C LYS A 1253 -3.27 7.56 3.21
N TYR A 1254 -3.65 6.42 2.66
CA TYR A 1254 -4.99 6.23 2.21
C TYR A 1254 -5.73 5.69 3.41
N MET A 1255 -6.98 6.10 3.55
CA MET A 1255 -7.90 5.65 4.59
C MET A 1255 -9.19 5.13 3.95
N PRO A 1256 -9.79 4.09 4.52
CA PRO A 1256 -10.99 3.54 3.93
C PRO A 1256 -12.19 4.33 4.38
N TYR A 1257 -13.28 4.19 3.64
CA TYR A 1257 -14.51 4.87 4.00
C TYR A 1257 -15.03 4.26 5.32
N THR A 1258 -15.71 5.09 6.10
CA THR A 1258 -16.47 4.64 7.27
C THR A 1258 -17.83 4.09 6.80
N ILE A 1259 -18.42 3.13 7.51
CA ILE A 1259 -19.72 2.60 7.06
C ILE A 1259 -20.76 3.72 6.86
N ASN A 1260 -20.68 4.83 7.60
CA ASN A 1260 -21.61 5.96 7.35
C ASN A 1260 -21.54 6.40 5.92
N GLU A 1261 -20.31 6.72 5.50
CA GLU A 1261 -20.00 7.23 4.16
C GLU A 1261 -20.52 6.29 3.09
N LEU A 1262 -20.58 5.00 3.41
CA LEU A 1262 -21.21 4.02 2.53
C LEU A 1262 -22.73 4.07 2.59
N LEU A 1263 -23.28 4.16 3.79
CA LEU A 1263 -24.74 4.13 3.94
C LEU A 1263 -25.41 5.33 3.31
N GLU A 1264 -24.73 6.47 3.35
CA GLU A 1264 -25.18 7.69 2.68
C GLU A 1264 -25.19 7.57 1.16
N MET A 1265 -24.54 6.52 0.66
CA MET A 1265 -24.46 6.24 -0.77
C MET A 1265 -25.34 5.08 -1.15
N VAL A 1266 -25.43 4.09 -0.29
CA VAL A 1266 -26.26 2.93 -0.58
C VAL A 1266 -27.72 3.36 -0.57
N GLY A 1267 -28.03 4.36 0.24
CA GLY A 1267 -29.38 4.91 0.31
C GLY A 1267 -29.88 5.71 -0.89
N LEU A 1268 -29.08 5.79 -1.95
CA LEU A 1268 -29.53 6.42 -3.20
C LEU A 1268 -30.27 5.47 -4.14
N ALA A 1269 -29.99 4.17 -4.03
CA ALA A 1269 -30.67 3.19 -4.85
C ALA A 1269 -32.11 3.06 -4.42
N SER A 1270 -33.01 3.05 -5.41
CA SER A 1270 -34.44 2.82 -5.21
C SER A 1270 -34.97 1.95 -6.34
N GLY A 1271 -36.16 1.41 -6.15
CA GLY A 1271 -36.74 0.46 -7.07
C GLY A 1271 -37.92 1.08 -7.76
N ASN A 1272 -38.19 0.61 -8.99
CA ASN A 1272 -39.39 1.02 -9.74
C ASN A 1272 -40.40 -0.13 -9.78
N ASP A 1273 -41.60 0.12 -9.26
CA ASP A 1273 -42.64 -0.92 -9.07
C ASP A 1273 -42.09 -2.01 -8.14
N SER A 1274 -42.08 -3.26 -8.61
CA SER A 1274 -41.50 -4.38 -7.88
C SER A 1274 -39.97 -4.30 -7.91
N MET A 1275 -39.42 -3.71 -8.98
CA MET A 1275 -37.96 -3.73 -9.26
C MET A 1275 -37.10 -3.38 -8.06
N ALA A 1276 -36.00 -4.13 -7.92
CA ALA A 1276 -35.06 -4.00 -6.83
C ALA A 1276 -33.81 -3.23 -7.30
N GLY A 1277 -33.45 -2.18 -6.58
CA GLY A 1277 -32.23 -1.43 -6.86
C GLY A 1277 -30.97 -2.27 -6.67
N LYS A 1278 -29.88 -1.83 -7.27
CA LYS A 1278 -28.62 -2.57 -7.22
C LYS A 1278 -27.47 -1.66 -6.81
N VAL A 1279 -26.60 -2.17 -5.93
CA VAL A 1279 -25.42 -1.42 -5.53
C VAL A 1279 -24.14 -2.22 -5.75
N LEU A 1280 -23.14 -1.54 -6.29
CA LEU A 1280 -21.86 -2.15 -6.56
C LEU A 1280 -20.70 -1.47 -5.82
N ILE A 1281 -20.02 -2.25 -5.00
CA ILE A 1281 -18.95 -1.78 -4.18
C ILE A 1281 -17.64 -2.40 -4.66
N LEU A 1282 -16.62 -1.58 -4.76
CA LEU A 1282 -15.38 -1.97 -5.40
C LEU A 1282 -14.23 -1.60 -4.49
N THR A 1283 -13.72 -2.61 -3.81
CA THR A 1283 -12.91 -2.43 -2.60
C THR A 1283 -11.62 -3.28 -2.64
N SER A 1284 -10.74 -3.08 -1.66
CA SER A 1284 -9.61 -3.98 -1.39
C SER A 1284 -10.01 -5.25 -0.61
N HIS A 1285 -9.29 -6.35 -0.78
CA HIS A 1285 -9.76 -7.62 -0.21
C HIS A 1285 -9.93 -7.46 1.28
N ASN A 1286 -8.94 -6.85 1.92
CA ASN A 1286 -8.95 -6.74 3.37
C ASN A 1286 -10.26 -6.10 3.86
N MET A 1287 -10.67 -5.02 3.18
CA MET A 1287 -11.86 -4.25 3.55
C MET A 1287 -13.20 -4.98 3.31
N LYS A 1288 -13.26 -5.84 2.30
CA LYS A 1288 -14.48 -6.54 1.97
C LYS A 1288 -15.17 -7.18 3.17
N ALA A 1289 -14.41 -7.72 4.10
CA ALA A 1289 -14.98 -8.51 5.18
C ALA A 1289 -15.78 -7.63 6.13
N TYR A 1290 -15.20 -6.46 6.42
CA TYR A 1290 -15.77 -5.46 7.34
C TYR A 1290 -17.00 -4.82 6.73
N TYR A 1291 -16.89 -4.36 5.49
CA TYR A 1291 -18.01 -3.78 4.77
C TYR A 1291 -19.20 -4.74 4.64
N LYS A 1292 -18.95 -5.95 4.17
CA LYS A 1292 -20.05 -6.88 4.02
C LYS A 1292 -20.75 -7.04 5.37
N LYS A 1293 -19.96 -7.20 6.41
CA LYS A 1293 -20.51 -7.51 7.72
C LYS A 1293 -21.40 -6.38 8.19
N PHE A 1294 -20.81 -5.21 8.38
CA PHE A 1294 -21.53 -4.10 8.98
C PHE A 1294 -22.44 -3.33 8.04
N LEU A 1295 -22.60 -3.78 6.80
CA LEU A 1295 -23.68 -3.24 5.96
C LEU A 1295 -25.01 -3.96 6.21
N ILE A 1296 -24.95 -5.05 6.96
CA ILE A 1296 -26.12 -5.87 7.28
C ILE A 1296 -26.39 -5.90 8.79
N GLU A 1297 -25.34 -5.71 9.58
CA GLU A 1297 -25.40 -5.72 11.02
C GLU A 1297 -24.75 -4.43 11.52
N PRO A 1298 -25.54 -3.43 11.93
CA PRO A 1298 -25.02 -2.10 12.27
C PRO A 1298 -23.76 -2.07 13.12
N LEU A 1299 -22.92 -1.09 12.84
CA LEU A 1299 -21.71 -0.87 13.60
C LEU A 1299 -22.04 -0.22 14.92
N PRO A 1300 -21.62 -0.84 16.02
CA PRO A 1300 -21.92 -0.26 17.29
C PRO A 1300 -21.56 1.21 17.36
N THR A 1301 -22.50 1.97 17.92
CA THR A 1301 -22.38 3.40 18.07
C THR A 1301 -21.80 3.74 19.43
N GLU A 1302 -20.49 3.97 19.48
CA GLU A 1302 -19.81 4.31 20.75
C GLU A 1302 -19.55 5.83 20.85
N SER A 1303 -18.82 6.28 21.88
CA SER A 1303 -18.76 7.70 22.18
C SER A 1303 -17.38 8.28 22.07
N TYR A 1304 -17.33 9.43 21.40
CA TYR A 1304 -16.08 10.09 21.15
C TYR A 1304 -15.79 11.16 22.21
N LEU A 1305 -16.57 11.19 23.28
CA LEU A 1305 -16.51 12.28 24.25
C LEU A 1305 -15.18 12.37 25.01
N GLN A 1306 -14.46 11.27 25.15
CA GLN A 1306 -13.20 11.34 25.88
C GLN A 1306 -12.27 12.31 25.18
N TYR A 1307 -12.45 12.45 23.87
CA TYR A 1307 -11.53 13.26 23.06
C TYR A 1307 -11.73 14.75 23.14
N ILE A 1308 -12.89 15.19 23.67
CA ILE A 1308 -13.16 16.63 23.89
C ILE A 1308 -13.50 17.00 25.34
N ILE A 1309 -13.24 16.09 26.28
CA ILE A 1309 -13.57 16.32 27.69
C ILE A 1309 -13.02 17.62 28.30
N HIS A 1310 -11.87 18.10 27.83
CA HIS A 1310 -11.29 19.32 28.41
C HIS A 1310 -12.18 20.51 28.23
N ASP A 1311 -12.70 20.64 27.02
CA ASP A 1311 -13.50 21.77 26.64
C ASP A 1311 -14.83 21.66 27.27
N THR A 1312 -15.33 20.43 27.24
CA THR A 1312 -16.61 20.07 27.83
C THR A 1312 -16.65 20.46 29.27
N LEU A 1313 -15.65 20.01 30.03
CA LEU A 1313 -15.62 20.22 31.47
C LEU A 1313 -15.37 21.64 31.79
N ASN A 1314 -14.37 22.24 31.14
CA ASN A 1314 -14.10 23.64 31.35
C ASN A 1314 -15.32 24.51 31.03
N ASN A 1315 -16.07 24.09 30.03
CA ASN A 1315 -17.25 24.83 29.69
C ASN A 1315 -18.33 24.82 30.75
N GLU A 1316 -18.74 23.65 31.21
CA GLU A 1316 -19.84 23.58 32.17
C GLU A 1316 -19.35 24.18 33.49
N ILE A 1317 -18.04 24.19 33.72
CA ILE A 1317 -17.49 24.86 34.87
C ILE A 1317 -17.78 26.32 34.68
N ALA A 1318 -17.17 26.94 33.64
CA ALA A 1318 -17.40 28.39 33.31
C ALA A 1318 -18.84 28.88 33.48
N ASN A 1319 -19.81 28.12 33.00
CA ASN A 1319 -21.23 28.50 33.13
C ASN A 1319 -21.83 28.06 34.48
N SER A 1320 -20.96 27.72 35.45
CA SER A 1320 -21.36 27.37 36.83
C SER A 1320 -22.33 26.18 37.02
N ILE A 1321 -22.43 25.34 35.99
CA ILE A 1321 -23.16 24.09 36.07
C ILE A 1321 -22.37 23.03 36.91
N ILE A 1322 -21.05 23.20 36.97
CA ILE A 1322 -20.17 22.35 37.77
C ILE A 1322 -19.34 23.30 38.62
N GLN A 1323 -19.38 23.10 39.92
CA GLN A 1323 -18.54 23.88 40.82
C GLN A 1323 -17.73 23.01 41.76
N SER A 1324 -18.12 21.75 41.87
CA SER A 1324 -17.38 20.78 42.66
C SER A 1324 -16.72 19.73 41.77
N LYS A 1325 -16.12 18.73 42.39
CA LYS A 1325 -15.64 17.57 41.65
C LYS A 1325 -16.69 16.46 41.53
N GLN A 1326 -17.55 16.32 42.54
CA GLN A 1326 -18.60 15.31 42.47
C GLN A 1326 -19.52 15.65 41.31
N ASP A 1327 -19.88 16.94 41.24
CA ASP A 1327 -20.55 17.57 40.10
C ASP A 1327 -20.02 17.05 38.76
N CYS A 1328 -18.68 17.00 38.60
CA CYS A 1328 -18.07 16.47 37.37
C CYS A 1328 -18.44 15.03 37.09
N VAL A 1329 -18.51 14.19 38.12
CA VAL A 1329 -18.87 12.79 37.89
C VAL A 1329 -20.40 12.69 37.72
N ASP A 1330 -21.13 13.50 38.48
CA ASP A 1330 -22.59 13.59 38.31
C ASP A 1330 -22.93 14.02 36.88
N TRP A 1331 -22.29 15.10 36.45
CA TRP A 1331 -22.39 15.53 35.07
C TRP A 1331 -22.24 14.33 34.13
N PHE A 1332 -21.22 13.47 34.32
CA PHE A 1332 -21.03 12.39 33.37
C PHE A 1332 -22.23 11.54 33.25
N THR A 1333 -22.93 11.37 34.34
CA THR A 1333 -23.97 10.35 34.35
C THR A 1333 -25.10 10.69 33.36
N TYR A 1334 -25.15 11.97 32.92
CA TYR A 1334 -26.12 12.43 31.88
C TYR A 1334 -25.64 12.24 30.43
N SER A 1335 -24.41 11.75 30.26
CA SER A 1335 -23.79 11.50 28.97
C SER A 1335 -24.10 10.14 28.40
N TYR A 1336 -23.85 9.97 27.10
CA TYR A 1336 -23.90 8.65 26.47
C TYR A 1336 -22.63 7.83 26.69
N PHE A 1337 -21.49 8.51 26.71
CA PHE A 1337 -20.20 7.95 27.13
C PHE A 1337 -20.33 7.03 28.34
N TYR A 1338 -20.97 7.57 29.36
CA TYR A 1338 -21.27 6.85 30.60
C TYR A 1338 -21.95 5.58 30.28
N ARG A 1339 -23.05 5.63 29.55
CA ARG A 1339 -23.76 4.37 29.30
C ARG A 1339 -22.93 3.34 28.50
N ARG A 1340 -21.88 3.82 27.86
CA ARG A 1340 -21.19 3.04 26.89
C ARG A 1340 -19.96 2.40 27.53
N ILE A 1341 -19.35 3.08 28.49
CA ILE A 1341 -18.15 2.53 29.13
C ILE A 1341 -18.52 1.36 30.06
N HIS A 1342 -19.79 1.26 30.43
CA HIS A 1342 -20.24 0.12 31.23
C HIS A 1342 -20.51 -1.11 30.41
N VAL A 1343 -21.07 -0.91 29.23
CA VAL A 1343 -21.32 -2.04 28.31
C VAL A 1343 -20.09 -2.48 27.49
N ASN A 1344 -19.10 -1.62 27.32
CA ASN A 1344 -17.93 -2.03 26.57
C ASN A 1344 -16.69 -1.29 27.03
N PRO A 1345 -16.29 -1.57 28.28
CA PRO A 1345 -15.15 -0.83 28.83
C PRO A 1345 -13.87 -1.04 28.06
N SER A 1346 -13.67 -2.23 27.48
CA SER A 1346 -12.37 -2.57 26.88
C SER A 1346 -12.07 -1.73 25.65
N TYR A 1347 -13.13 -1.44 24.90
CA TYR A 1347 -13.11 -0.50 23.79
C TYR A 1347 -12.54 0.83 24.23
N TYR A 1348 -12.87 1.30 25.43
CA TYR A 1348 -12.38 2.60 25.91
C TYR A 1348 -11.01 2.61 26.54
N GLY A 1349 -10.48 1.43 26.86
CA GLY A 1349 -9.16 1.33 27.49
C GLY A 1349 -9.19 1.08 28.99
N VAL A 1350 -10.33 0.62 29.48
CA VAL A 1350 -10.46 0.28 30.88
C VAL A 1350 -9.87 -1.11 31.06
N ARG A 1351 -8.73 -1.19 31.75
CA ARG A 1351 -8.12 -2.50 32.08
C ARG A 1351 -8.92 -3.29 33.11
N ASP A 1352 -9.44 -2.60 34.15
CA ASP A 1352 -10.06 -3.30 35.28
C ASP A 1352 -11.39 -3.95 34.94
N THR A 1353 -12.23 -3.29 34.15
CA THR A 1353 -13.34 -3.98 33.44
C THR A 1353 -14.53 -4.32 34.35
N SER A 1354 -14.41 -3.94 35.61
CA SER A 1354 -15.38 -4.28 36.64
C SER A 1354 -16.01 -2.99 37.11
N PRO A 1355 -17.26 -3.03 37.55
CA PRO A 1355 -17.88 -1.75 37.83
C PRO A 1355 -17.05 -0.88 38.77
N HIS A 1356 -16.23 -1.51 39.60
CA HIS A 1356 -15.32 -0.76 40.44
C HIS A 1356 -14.28 -0.15 39.53
N GLY A 1357 -13.76 -0.99 38.64
CA GLY A 1357 -12.70 -0.57 37.73
C GLY A 1357 -13.08 0.64 36.91
N ILE A 1358 -14.22 0.54 36.27
CA ILE A 1358 -14.79 1.60 35.45
C ILE A 1358 -15.00 2.88 36.26
N SER A 1359 -15.70 2.76 37.39
CA SER A 1359 -15.91 3.90 38.28
C SER A 1359 -14.63 4.57 38.69
N VAL A 1360 -13.58 3.79 38.96
CA VAL A 1360 -12.27 4.37 39.22
C VAL A 1360 -11.78 5.08 37.97
N PHE A 1361 -11.92 4.43 36.82
CA PHE A 1361 -11.44 4.96 35.56
C PHE A 1361 -11.95 6.38 35.33
N LEU A 1362 -13.28 6.54 35.47
CA LEU A 1362 -13.97 7.83 35.32
C LEU A 1362 -13.52 8.92 36.26
N SER A 1363 -13.39 8.58 37.53
CA SER A 1363 -12.90 9.55 38.49
C SER A 1363 -11.47 9.92 38.15
N ASN A 1364 -10.64 8.97 37.76
CA ASN A 1364 -9.29 9.34 37.34
C ASN A 1364 -9.35 10.14 36.07
N LEU A 1365 -10.37 9.86 35.25
CA LEU A 1365 -10.55 10.60 34.00
C LEU A 1365 -10.85 12.09 34.22
N VAL A 1366 -11.72 12.42 35.18
CA VAL A 1366 -11.93 13.82 35.53
C VAL A 1366 -10.64 14.40 36.16
N GLU A 1367 -10.07 13.69 37.14
CA GLU A 1367 -8.87 14.19 37.84
C GLU A 1367 -7.73 14.53 36.87
N THR A 1368 -7.48 13.64 35.91
CA THR A 1368 -6.46 13.85 34.91
C THR A 1368 -6.80 15.12 34.16
N CYS A 1369 -8.06 15.25 33.80
CA CYS A 1369 -8.51 16.41 33.04
C CYS A 1369 -8.38 17.71 33.85
N LEU A 1370 -8.96 17.71 35.04
CA LEU A 1370 -8.86 18.86 35.94
C LEU A 1370 -7.42 19.28 36.15
N ASN A 1371 -6.52 18.33 36.41
CA ASN A 1371 -5.07 18.64 36.46
C ASN A 1371 -4.63 19.51 35.32
N ASP A 1372 -4.69 18.96 34.11
CA ASP A 1372 -4.35 19.70 32.88
C ASP A 1372 -4.96 21.10 32.83
N LEU A 1373 -6.23 21.19 33.25
CA LEU A 1373 -6.99 22.44 33.24
C LEU A 1373 -6.40 23.50 34.19
N VAL A 1374 -6.03 23.12 35.41
CA VAL A 1374 -5.39 24.09 36.30
C VAL A 1374 -3.96 24.38 35.83
N GLU A 1375 -3.28 23.35 35.31
CA GLU A 1375 -1.86 23.45 34.92
C GLU A 1375 -1.74 24.38 33.74
N SER A 1376 -2.79 24.48 32.93
CA SER A 1376 -2.81 25.43 31.82
C SER A 1376 -3.63 26.68 32.15
N SER A 1377 -3.90 26.88 33.43
CA SER A 1377 -4.44 28.15 33.91
C SER A 1377 -5.83 28.49 33.34
N PHE A 1378 -6.65 27.46 33.22
CA PHE A 1378 -8.05 27.59 32.80
C PHE A 1378 -8.95 27.72 34.02
N ILE A 1379 -8.61 27.04 35.10
CA ILE A 1379 -9.41 27.05 36.33
C ILE A 1379 -8.47 27.09 37.52
N GLU A 1380 -9.04 27.34 38.69
CA GLU A 1380 -8.35 27.17 39.95
C GLU A 1380 -9.30 26.39 40.85
N ILE A 1381 -8.74 25.73 41.85
CA ILE A 1381 -9.54 25.06 42.88
C ILE A 1381 -9.20 25.72 44.21
N ASP A 1382 -10.20 25.90 45.06
CA ASP A 1382 -9.98 26.59 46.31
C ASP A 1382 -11.02 26.15 47.30
N ASP A 1383 -10.68 26.30 48.58
CA ASP A 1383 -11.50 25.77 49.64
C ASP A 1383 -12.73 26.66 49.82
N THR A 1384 -13.87 26.04 50.11
CA THR A 1384 -15.14 26.77 50.26
C THR A 1384 -15.23 27.64 51.52
N THR A 1400 -16.95 20.17 49.33
CA THR A 1400 -15.53 19.99 49.71
C THR A 1400 -14.58 21.08 49.15
N GLU A 1401 -14.83 21.52 47.93
CA GLU A 1401 -13.98 22.50 47.26
C GLU A 1401 -14.79 23.18 46.16
N ILE A 1402 -14.38 24.39 45.79
CA ILE A 1402 -15.07 25.12 44.73
C ILE A 1402 -14.12 25.26 43.53
N ILE A 1403 -14.63 24.94 42.35
CA ILE A 1403 -13.88 25.09 41.12
C ILE A 1403 -14.33 26.37 40.42
N SER A 1404 -13.39 27.18 39.95
CA SER A 1404 -13.68 28.53 39.41
C SER A 1404 -12.84 28.78 38.18
N THR A 1405 -13.46 29.23 37.08
CA THR A 1405 -12.69 29.43 35.86
C THR A 1405 -11.90 30.73 35.90
N LEU A 1406 -10.66 30.63 35.44
CA LEU A 1406 -9.81 31.75 35.16
C LEU A 1406 -10.17 32.28 33.78
N SER A 1407 -9.60 33.40 33.36
CA SER A 1407 -9.98 34.04 32.10
C SER A 1407 -9.57 33.16 30.91
N ASN A 1408 -8.32 32.76 30.93
CA ASN A 1408 -7.74 31.93 29.90
C ASN A 1408 -8.62 30.73 29.49
N GLY A 1409 -9.45 30.25 30.40
CA GLY A 1409 -10.42 29.19 30.11
C GLY A 1409 -11.84 29.69 29.91
N LEU A 1410 -12.17 30.80 30.55
CA LEU A 1410 -13.44 31.47 30.29
C LEU A 1410 -13.52 31.97 28.84
N ILE A 1411 -12.39 32.41 28.27
CA ILE A 1411 -12.38 32.78 26.84
C ILE A 1411 -12.55 31.56 25.94
N ALA A 1412 -12.05 30.40 26.33
CA ALA A 1412 -12.27 29.17 25.55
C ALA A 1412 -13.72 28.79 25.59
N SER A 1413 -14.34 28.91 26.75
CA SER A 1413 -15.75 28.58 26.92
C SER A 1413 -16.63 29.50 26.09
N HIS A 1414 -16.23 30.76 26.01
CA HIS A 1414 -17.05 31.76 25.35
C HIS A 1414 -17.03 31.72 23.80
N TYR A 1415 -15.92 31.32 23.18
CA TYR A 1415 -15.82 31.31 21.71
C TYR A 1415 -15.94 29.93 21.04
N GLY A 1416 -16.01 28.86 21.81
CA GLY A 1416 -16.05 27.54 21.20
C GLY A 1416 -14.68 26.99 20.83
N VAL A 1417 -13.63 27.77 21.09
CA VAL A 1417 -12.27 27.42 20.67
C VAL A 1417 -11.72 26.43 21.65
N SER A 1418 -10.89 25.51 21.16
CA SER A 1418 -10.49 24.32 21.90
C SER A 1418 -9.53 24.63 23.02
N PHE A 1419 -9.47 23.70 23.98
CA PHE A 1419 -8.53 23.73 25.10
C PHE A 1419 -7.12 23.67 24.54
N PHE A 1420 -6.91 22.73 23.61
CA PHE A 1420 -5.63 22.56 22.94
C PHE A 1420 -5.17 23.77 22.13
N THR A 1421 -6.12 24.47 21.51
CA THR A 1421 -5.77 25.61 20.70
C THR A 1421 -5.35 26.78 21.56
N ILE A 1422 -6.01 26.98 22.71
CA ILE A 1422 -5.67 28.13 23.55
C ILE A 1422 -4.26 27.94 24.09
N GLN A 1423 -4.06 26.77 24.70
CA GLN A 1423 -2.77 26.25 25.13
C GLN A 1423 -1.64 26.55 24.15
N SER A 1424 -1.90 26.23 22.89
CA SER A 1424 -0.94 26.44 21.83
C SER A 1424 -0.72 27.94 21.59
N PHE A 1425 -1.79 28.72 21.60
CA PHE A 1425 -1.68 30.17 21.34
C PHE A 1425 -0.93 30.88 22.44
N VAL A 1426 -1.21 30.50 23.69
CA VAL A 1426 -0.59 31.18 24.80
C VAL A 1426 0.92 31.01 24.74
N SER A 1427 1.38 29.82 24.31
CA SER A 1427 2.81 29.57 24.17
C SER A 1427 3.44 30.23 22.95
N SER A 1428 2.70 30.32 21.85
CA SER A 1428 3.22 30.87 20.59
C SER A 1428 3.08 32.39 20.47
N LEU A 1429 2.34 33.02 21.39
CA LEU A 1429 2.10 34.46 21.29
C LEU A 1429 3.00 35.24 22.24
N SER A 1430 3.43 36.42 21.80
CA SER A 1430 4.30 37.28 22.60
C SER A 1430 3.91 38.75 22.42
N ASN A 1431 4.43 39.61 23.29
CA ASN A 1431 4.26 41.06 23.12
C ASN A 1431 4.91 41.62 21.85
N THR A 1432 5.85 40.86 21.28
CA THR A 1432 6.58 41.26 20.08
C THR A 1432 6.04 40.58 18.82
N SER A 1433 4.86 39.99 18.89
CA SER A 1433 4.41 39.17 17.77
C SER A 1433 4.05 40.06 16.59
N THR A 1434 4.59 39.71 15.42
CA THR A 1434 4.27 40.40 14.17
C THR A 1434 2.90 39.93 13.68
N LEU A 1435 2.42 40.54 12.61
CA LEU A 1435 1.20 40.09 11.97
C LEU A 1435 1.46 38.72 11.37
N LYS A 1436 2.51 38.62 10.57
CA LYS A 1436 2.91 37.33 9.98
C LYS A 1436 2.96 36.20 11.02
N ASN A 1437 3.37 36.52 12.24
CA ASN A 1437 3.34 35.55 13.34
C ASN A 1437 1.94 35.11 13.71
N MET A 1438 1.07 36.09 14.00
CA MET A 1438 -0.33 35.79 14.34
C MET A 1438 -1.01 34.99 13.26
N LEU A 1439 -0.59 35.17 12.01
CA LEU A 1439 -1.07 34.35 10.93
C LEU A 1439 -0.53 32.92 11.05
N TYR A 1440 0.77 32.79 11.36
CA TYR A 1440 1.29 31.46 11.59
C TYR A 1440 0.57 30.82 12.78
N VAL A 1441 0.64 31.48 13.94
CA VAL A 1441 -0.04 31.02 15.17
C VAL A 1441 -1.45 30.52 14.88
N LEU A 1442 -2.20 31.33 14.16
CA LEU A 1442 -3.54 31.00 13.72
C LEU A 1442 -3.58 29.70 12.95
N SER A 1443 -2.69 29.54 11.99
CA SER A 1443 -2.81 28.42 11.08
C SER A 1443 -2.63 27.10 11.82
N THR A 1444 -2.08 27.15 13.03
CA THR A 1444 -1.85 25.95 13.83
C THR A 1444 -3.01 25.57 14.75
N ALA A 1445 -4.15 26.24 14.61
CA ALA A 1445 -5.28 25.96 15.51
C ALA A 1445 -5.76 24.58 15.20
N VAL A 1446 -6.15 23.87 16.23
CA VAL A 1446 -6.42 22.44 16.10
C VAL A 1446 -7.75 22.28 15.37
N GLU A 1447 -8.58 23.33 15.44
CA GLU A 1447 -9.81 23.46 14.64
C GLU A 1447 -9.62 23.14 13.17
N PHE A 1448 -8.48 23.46 12.59
CA PHE A 1448 -8.32 23.26 11.15
C PHE A 1448 -7.97 21.83 10.76
N GLU A 1449 -7.86 20.90 11.70
CA GLU A 1449 -7.45 19.54 11.34
C GLU A 1449 -8.40 18.85 10.40
N SER A 1450 -9.67 19.29 10.36
CA SER A 1450 -10.66 18.75 9.42
C SER A 1450 -10.39 19.17 7.96
N VAL A 1451 -9.57 20.19 7.76
CA VAL A 1451 -9.33 20.72 6.43
C VAL A 1451 -8.46 19.77 5.64
N PRO A 1452 -8.96 19.30 4.48
CA PRO A 1452 -8.26 18.27 3.72
C PRO A 1452 -6.86 18.63 3.23
N LEU A 1453 -6.05 17.61 2.95
CA LEU A 1453 -4.82 17.76 2.16
C LEU A 1453 -4.88 16.68 1.09
N ARG A 1454 -5.13 17.10 -0.14
CA ARG A 1454 -5.34 16.14 -1.20
C ARG A 1454 -4.03 15.65 -1.79
N LYS A 1455 -4.14 14.62 -2.62
CA LYS A 1455 -2.98 14.08 -3.31
C LYS A 1455 -2.35 15.15 -4.17
N GLY A 1456 -1.17 15.63 -3.77
CA GLY A 1456 -0.43 16.62 -4.55
C GLY A 1456 -0.96 18.03 -4.36
N ASP A 1457 -1.20 18.39 -3.11
CA ASP A 1457 -1.52 19.75 -2.74
C ASP A 1457 -0.26 20.46 -2.28
N ARG A 1458 0.62 19.74 -1.62
CA ARG A 1458 1.91 20.30 -1.22
C ARG A 1458 2.63 20.85 -2.46
N ALA A 1459 2.53 20.11 -3.57
CA ALA A 1459 3.11 20.51 -4.84
C ALA A 1459 2.62 21.91 -5.20
N LEU A 1460 1.30 22.04 -5.34
CA LEU A 1460 0.64 23.30 -5.72
C LEU A 1460 0.89 24.35 -4.67
N LEU A 1461 0.62 24.00 -3.41
CA LEU A 1461 0.88 24.89 -2.32
C LEU A 1461 2.27 25.52 -2.40
N VAL A 1462 3.30 24.73 -2.72
CA VAL A 1462 4.65 25.30 -2.85
C VAL A 1462 4.68 26.39 -3.93
N LYS A 1463 4.06 26.09 -5.08
CA LYS A 1463 4.09 26.97 -6.23
C LYS A 1463 3.31 28.22 -5.87
N LEU A 1464 2.13 28.01 -5.30
CA LEU A 1464 1.37 29.11 -4.73
C LEU A 1464 2.22 29.93 -3.73
N SER A 1465 3.03 29.27 -2.91
CA SER A 1465 3.87 29.97 -1.92
C SER A 1465 4.67 31.06 -2.55
N LYS A 1466 5.17 30.77 -3.75
CA LYS A 1466 6.06 31.67 -4.49
C LYS A 1466 5.38 32.98 -4.79
N ARG A 1467 4.10 32.94 -5.11
CA ARG A 1467 3.34 34.18 -5.40
C ARG A 1467 2.84 34.97 -4.18
N LEU A 1468 3.02 34.47 -2.97
CA LEU A 1468 2.47 35.18 -1.81
C LEU A 1468 3.54 35.96 -1.01
N PRO A 1469 3.13 37.06 -0.40
CA PRO A 1469 3.96 37.96 0.40
C PRO A 1469 4.72 37.39 1.57
N LEU A 1470 4.24 36.32 2.19
CA LEU A 1470 4.77 35.90 3.51
C LEU A 1470 5.29 34.47 3.49
N ARG A 1471 6.52 34.27 3.94
CA ARG A 1471 7.13 32.95 3.90
C ARG A 1471 6.80 32.23 5.18
N PHE A 1472 6.52 30.94 5.05
CA PHE A 1472 6.19 30.07 6.17
C PHE A 1472 7.39 29.96 7.08
N PRO A 1473 7.22 30.14 8.41
CA PRO A 1473 8.35 29.85 9.28
C PRO A 1473 9.03 28.53 8.86
N GLU A 1474 10.24 28.66 8.33
CA GLU A 1474 10.98 27.55 7.72
C GLU A 1474 11.33 26.43 8.71
N HIS A 1475 11.44 26.77 9.98
CA HIS A 1475 11.75 25.80 11.03
C HIS A 1475 10.62 24.78 11.35
N THR A 1476 9.51 24.82 10.61
CA THR A 1476 8.41 23.84 10.74
C THR A 1476 8.26 23.11 9.39
N SER A 1477 7.49 22.01 9.39
CA SER A 1477 7.27 21.16 8.20
C SER A 1477 6.37 21.76 7.09
N SER A 1478 6.67 21.41 5.84
CA SER A 1478 5.92 21.88 4.67
C SER A 1478 4.60 21.11 4.43
N GLY A 1479 4.45 19.93 5.04
CA GLY A 1479 3.27 19.07 4.84
C GLY A 1479 1.98 19.42 5.60
N SER A 1480 2.12 19.96 6.82
CA SER A 1480 0.98 20.21 7.72
C SER A 1480 -0.16 20.98 7.06
N VAL A 1481 -1.39 20.73 7.53
CA VAL A 1481 -2.51 21.61 7.21
C VAL A 1481 -2.18 23.07 7.60
N SER A 1482 -1.37 23.28 8.64
CA SER A 1482 -0.97 24.62 9.02
C SER A 1482 -0.44 25.37 7.82
N PHE A 1483 0.24 24.65 6.94
CA PHE A 1483 0.76 25.21 5.71
C PHE A 1483 -0.38 25.64 4.80
N LYS A 1484 -1.25 24.72 4.40
CA LYS A 1484 -2.41 25.12 3.57
C LYS A 1484 -3.15 26.35 4.15
N VAL A 1485 -3.62 26.23 5.39
CA VAL A 1485 -4.29 27.33 6.08
C VAL A 1485 -3.49 28.62 5.93
N PHE A 1486 -2.19 28.55 6.14
CA PHE A 1486 -1.36 29.76 6.09
C PHE A 1486 -1.45 30.48 4.75
N LEU A 1487 -1.34 29.74 3.66
CA LEU A 1487 -1.31 30.34 2.35
C LEU A 1487 -2.69 30.77 1.89
N LEU A 1488 -3.64 29.85 1.87
CA LEU A 1488 -4.99 30.19 1.38
C LEU A 1488 -5.58 31.46 2.05
N LEU A 1489 -5.34 31.66 3.34
CA LEU A 1489 -5.66 32.94 3.96
C LEU A 1489 -4.88 34.12 3.32
N GLN A 1490 -3.73 33.86 2.71
CA GLN A 1490 -3.04 34.89 1.96
C GLN A 1490 -3.62 35.00 0.55
N ALA A 1491 -3.99 33.87 -0.03
CA ALA A 1491 -4.60 33.90 -1.35
C ALA A 1491 -5.93 34.64 -1.28
N TYR A 1492 -6.48 34.70 -0.07
CA TYR A 1492 -7.74 35.37 0.21
C TYR A 1492 -7.52 36.88 0.32
N PHE A 1493 -6.45 37.24 1.02
CA PHE A 1493 -6.09 38.63 1.26
C PHE A 1493 -5.57 39.30 -0.02
N SER A 1494 -4.96 38.50 -0.89
CA SER A 1494 -4.40 38.94 -2.17
C SER A 1494 -5.29 38.50 -3.32
N ARG A 1495 -6.57 38.31 -3.03
CA ARG A 1495 -7.57 38.02 -4.03
C ARG A 1495 -7.12 37.18 -5.25
N LEU A 1496 -6.29 36.16 -5.04
CA LEU A 1496 -5.84 35.28 -6.13
C LEU A 1496 -6.89 34.24 -6.52
N GLU A 1497 -7.04 34.03 -7.82
CA GLU A 1497 -7.92 32.99 -8.33
C GLU A 1497 -7.35 31.66 -7.89
N LEU A 1498 -8.18 30.82 -7.27
CA LEU A 1498 -7.77 29.48 -6.82
C LEU A 1498 -8.54 28.37 -7.54
N PRO A 1499 -7.94 27.18 -7.61
CA PRO A 1499 -8.71 26.04 -8.14
C PRO A 1499 -9.90 25.81 -7.25
N VAL A 1500 -10.97 25.31 -7.84
CA VAL A 1500 -12.21 25.05 -7.10
C VAL A 1500 -11.95 24.31 -5.78
N ASP A 1501 -10.96 23.41 -5.75
CA ASP A 1501 -10.67 22.64 -4.54
C ASP A 1501 -10.09 23.49 -3.41
N PHE A 1502 -9.21 24.43 -3.72
CA PHE A 1502 -8.78 25.39 -2.70
C PHE A 1502 -9.80 26.48 -2.41
N GLN A 1503 -10.76 26.69 -3.30
CA GLN A 1503 -11.86 27.59 -3.00
C GLN A 1503 -12.61 27.04 -1.83
N ASN A 1504 -12.99 25.77 -1.93
CA ASN A 1504 -13.74 25.11 -0.86
C ASN A 1504 -12.96 25.12 0.46
N ASP A 1505 -11.72 24.66 0.40
CA ASP A 1505 -10.82 24.66 1.56
C ASP A 1505 -10.76 26.01 2.25
N LEU A 1506 -10.69 27.06 1.46
CA LEU A 1506 -10.64 28.40 1.98
C LEU A 1506 -11.95 28.73 2.65
N LYS A 1507 -13.07 28.30 2.08
CA LYS A 1507 -14.37 28.59 2.68
C LYS A 1507 -14.48 28.00 4.07
N ASP A 1508 -14.07 26.73 4.16
CA ASP A 1508 -14.14 25.96 5.38
C ASP A 1508 -13.16 26.50 6.43
N ILE A 1509 -11.97 26.91 5.97
CA ILE A 1509 -11.03 27.67 6.80
C ILE A 1509 -11.69 28.94 7.39
N LEU A 1510 -12.45 29.65 6.57
CA LEU A 1510 -13.02 30.91 6.97
C LEU A 1510 -14.19 30.76 7.95
N GLU A 1511 -14.84 29.61 7.89
CA GLU A 1511 -15.83 29.30 8.90
C GLU A 1511 -15.22 29.43 10.31
N LYS A 1512 -13.96 29.01 10.46
CA LYS A 1512 -13.35 28.78 11.76
C LYS A 1512 -12.66 30.00 12.38
N VAL A 1513 -12.37 31.02 11.56
CA VAL A 1513 -11.37 32.05 11.94
C VAL A 1513 -11.80 33.18 12.89
N VAL A 1514 -13.04 33.65 12.81
CA VAL A 1514 -13.47 34.79 13.62
C VAL A 1514 -13.40 34.51 15.15
N PRO A 1515 -13.90 33.35 15.60
CA PRO A 1515 -13.59 32.89 16.95
C PRO A 1515 -12.11 32.94 17.30
N LEU A 1516 -11.26 32.38 16.43
CA LEU A 1516 -9.83 32.24 16.73
C LEU A 1516 -9.15 33.59 16.82
N ILE A 1517 -9.45 34.48 15.89
CA ILE A 1517 -8.79 35.77 15.89
C ILE A 1517 -9.21 36.59 17.13
N ASN A 1518 -10.47 36.47 17.51
CA ASN A 1518 -10.99 37.09 18.72
C ASN A 1518 -10.39 36.52 19.99
N VAL A 1519 -10.02 35.25 19.94
CA VAL A 1519 -9.30 34.62 21.04
C VAL A 1519 -7.91 35.23 21.11
N VAL A 1520 -7.24 35.34 19.98
CA VAL A 1520 -5.91 35.96 19.93
C VAL A 1520 -5.93 37.37 20.49
N VAL A 1521 -6.94 38.15 20.10
CA VAL A 1521 -6.98 39.50 20.58
C VAL A 1521 -7.24 39.50 22.10
N ASP A 1522 -8.03 38.53 22.58
CA ASP A 1522 -8.41 38.48 24.00
C ASP A 1522 -7.33 37.84 24.88
N ILE A 1523 -6.43 37.03 24.29
CA ILE A 1523 -5.24 36.57 25.01
C ILE A 1523 -4.30 37.75 25.16
N LEU A 1524 -3.79 38.26 24.03
CA LEU A 1524 -2.82 39.36 24.04
C LEU A 1524 -3.25 40.52 24.94
N SER A 1525 -4.50 40.93 24.84
CA SER A 1525 -4.98 42.05 25.62
C SER A 1525 -5.00 41.74 27.11
N ALA A 1526 -5.32 40.51 27.48
CA ALA A 1526 -5.35 40.11 28.91
C ALA A 1526 -3.97 40.25 29.52
N ASN A 1527 -2.96 39.79 28.78
CA ASN A 1527 -1.53 40.00 29.10
C ASN A 1527 -1.08 41.46 28.92
N GLY A 1528 -2.02 42.42 28.93
CA GLY A 1528 -1.72 43.83 28.76
C GLY A 1528 -0.95 44.29 27.51
N TYR A 1529 -0.61 43.38 26.60
CA TYR A 1529 0.25 43.72 25.45
C TYR A 1529 -0.54 44.51 24.42
N LEU A 1530 0.12 45.45 23.75
CA LEU A 1530 -0.59 46.34 22.81
C LEU A 1530 -0.53 45.86 21.37
N ASN A 1531 0.20 44.79 21.07
CA ASN A 1531 0.13 44.18 19.74
C ASN A 1531 -1.19 43.43 19.53
N ALA A 1532 -2.03 43.41 20.56
CA ALA A 1532 -3.40 42.95 20.44
C ALA A 1532 -4.11 43.69 19.28
N THR A 1533 -3.84 45.00 19.15
CA THR A 1533 -4.33 45.81 18.02
C THR A 1533 -3.85 45.33 16.63
N THR A 1534 -2.62 44.86 16.47
CA THR A 1534 -2.19 44.31 15.17
C THR A 1534 -2.83 42.94 14.93
N ALA A 1535 -3.48 42.39 15.96
CA ALA A 1535 -4.42 41.28 15.79
C ALA A 1535 -5.71 41.78 15.16
N MET A 1536 -6.23 42.86 15.72
CA MET A 1536 -7.49 43.46 15.26
C MET A 1536 -7.41 43.82 13.77
N ASP A 1537 -6.26 44.30 13.31
CA ASP A 1537 -6.06 44.60 11.89
C ASP A 1537 -6.32 43.32 11.12
N LEU A 1538 -5.85 42.23 11.70
CA LEU A 1538 -6.07 40.93 11.12
C LEU A 1538 -7.56 40.60 11.10
N ALA A 1539 -8.26 40.85 12.19
CA ALA A 1539 -9.69 40.56 12.26
C ALA A 1539 -10.44 41.21 11.09
N GLN A 1540 -10.02 42.41 10.71
CA GLN A 1540 -10.66 43.16 9.63
C GLN A 1540 -10.31 42.56 8.27
N MET A 1541 -9.01 42.41 8.05
CA MET A 1541 -8.53 41.72 6.87
C MET A 1541 -9.29 40.43 6.59
N LEU A 1542 -9.76 39.77 7.65
CA LEU A 1542 -10.44 38.48 7.50
C LEU A 1542 -11.84 38.66 7.00
N ILE A 1543 -12.53 39.67 7.52
CA ILE A 1543 -13.90 39.93 7.11
C ILE A 1543 -13.93 40.46 5.66
N GLN A 1544 -12.96 41.28 5.26
CA GLN A 1544 -13.09 41.94 3.95
C GLN A 1544 -12.29 41.39 2.76
N GLY A 1545 -11.34 40.50 3.01
CA GLY A 1545 -10.64 39.83 1.92
C GLY A 1545 -9.50 40.69 1.39
N VAL A 1546 -8.86 41.44 2.27
CA VAL A 1546 -7.81 42.35 1.87
C VAL A 1546 -6.66 42.39 2.87
N TRP A 1547 -5.57 43.02 2.46
CA TRP A 1547 -4.49 43.40 3.39
C TRP A 1547 -4.80 44.72 4.07
N ASP A 1548 -4.14 44.95 5.20
CA ASP A 1548 -4.21 46.24 5.89
C ASP A 1548 -3.60 47.32 4.99
N VAL A 1549 -2.54 46.93 4.27
CA VAL A 1549 -1.75 47.77 3.37
C VAL A 1549 -2.55 48.24 2.15
N ASP A 1550 -3.44 47.38 1.65
CA ASP A 1550 -4.22 47.64 0.42
C ASP A 1550 -4.92 49.00 0.47
N ASN A 1551 -5.29 49.47 -0.71
CA ASN A 1551 -6.09 50.68 -0.86
C ASN A 1551 -7.51 50.52 -0.24
N PRO A 1552 -7.92 51.46 0.61
CA PRO A 1552 -9.25 51.45 1.27
C PRO A 1552 -10.44 51.12 0.38
N LEU A 1553 -10.44 51.62 -0.85
CA LEU A 1553 -11.55 51.37 -1.77
C LEU A 1553 -11.73 49.90 -2.10
N ARG A 1554 -10.64 49.13 -2.05
CA ARG A 1554 -10.63 47.74 -2.53
C ARG A 1554 -11.63 46.87 -1.79
N GLN A 1555 -11.90 47.21 -0.53
CA GLN A 1555 -12.88 46.45 0.24
C GLN A 1555 -14.29 46.59 -0.30
N ILE A 1556 -14.59 47.70 -0.95
CA ILE A 1556 -15.94 47.96 -1.52
C ILE A 1556 -16.25 46.91 -2.58
N PRO A 1557 -17.47 46.36 -2.57
CA PRO A 1557 -17.69 45.17 -3.41
C PRO A 1557 -17.65 45.47 -4.89
N HIS A 1558 -16.90 44.65 -5.63
CA HIS A 1558 -16.91 44.64 -7.11
C HIS A 1558 -16.07 45.73 -7.76
N PHE A 1559 -15.21 46.34 -6.94
CA PHE A 1559 -14.39 47.47 -7.37
C PHE A 1559 -13.12 46.94 -7.98
N ASN A 1560 -13.19 46.58 -9.26
CA ASN A 1560 -12.03 46.06 -9.96
C ASN A 1560 -10.94 47.09 -10.13
N ASN A 1561 -9.82 46.67 -10.68
CA ASN A 1561 -8.66 47.55 -10.88
C ASN A 1561 -8.99 48.75 -11.78
N LYS A 1562 -9.78 48.48 -12.80
CA LYS A 1562 -10.23 49.50 -13.71
C LYS A 1562 -11.17 50.52 -13.00
N ILE A 1563 -12.01 50.05 -12.09
CA ILE A 1563 -12.88 50.96 -11.32
C ILE A 1563 -12.01 51.70 -10.31
N LEU A 1564 -11.00 51.00 -9.82
CA LEU A 1564 -10.11 51.59 -8.83
C LEU A 1564 -9.25 52.66 -9.46
N GLU A 1565 -8.96 52.48 -10.74
CA GLU A 1565 -8.02 53.33 -11.44
C GLU A 1565 -8.75 54.60 -11.87
N LYS A 1566 -9.95 54.45 -12.41
CA LYS A 1566 -10.83 55.62 -12.53
C LYS A 1566 -11.02 56.40 -11.20
N CYS A 1567 -11.10 55.71 -10.08
CA CYS A 1567 -11.20 56.41 -8.81
C CYS A 1567 -9.97 57.26 -8.51
N LYS A 1568 -8.82 56.85 -9.03
CA LYS A 1568 -7.58 57.55 -8.75
C LYS A 1568 -7.53 58.80 -9.62
N GLU A 1569 -8.01 58.73 -10.87
CA GLU A 1569 -8.04 59.92 -11.76
C GLU A 1569 -8.83 61.06 -11.15
N ILE A 1570 -10.01 60.72 -10.68
CA ILE A 1570 -10.86 61.65 -9.95
C ILE A 1570 -10.32 62.11 -8.54
N ASN A 1571 -9.28 61.44 -8.04
CA ASN A 1571 -8.78 61.66 -6.67
C ASN A 1571 -9.87 61.37 -5.64
N VAL A 1572 -10.69 60.36 -5.88
CA VAL A 1572 -11.45 59.77 -4.81
C VAL A 1572 -10.52 58.78 -4.13
N GLU A 1573 -10.42 58.85 -2.80
CA GLU A 1573 -9.45 58.02 -2.08
C GLU A 1573 -10.05 57.04 -1.05
N THR A 1574 -11.04 57.51 -0.31
CA THR A 1574 -11.65 56.76 0.79
C THR A 1574 -13.08 56.37 0.48
N VAL A 1575 -13.67 55.56 1.36
CA VAL A 1575 -15.06 55.11 1.16
C VAL A 1575 -16.05 56.26 1.27
N TYR A 1576 -15.75 57.24 2.11
CA TYR A 1576 -16.60 58.41 2.28
C TYR A 1576 -16.65 59.26 1.01
N ASP A 1577 -15.49 59.55 0.41
CA ASP A 1577 -15.43 60.15 -0.92
C ASP A 1577 -16.41 59.51 -1.91
N ILE A 1578 -16.61 58.20 -1.77
CA ILE A 1578 -17.54 57.46 -2.59
C ILE A 1578 -19.01 57.73 -2.23
N MET A 1579 -19.33 57.85 -0.93
CA MET A 1579 -20.68 58.23 -0.50
C MET A 1579 -20.97 59.58 -1.16
N ALA A 1580 -19.97 60.45 -1.07
CA ALA A 1580 -20.05 61.81 -1.56
C ALA A 1580 -20.15 61.94 -3.07
N LEU A 1581 -19.72 60.94 -3.83
CA LEU A 1581 -19.64 61.07 -5.28
C LEU A 1581 -20.90 61.64 -5.84
N GLU A 1582 -20.75 62.45 -6.87
CA GLU A 1582 -21.91 62.99 -7.55
C GLU A 1582 -22.52 61.95 -8.46
N ASP A 1583 -23.78 62.13 -8.81
CA ASP A 1583 -24.50 61.16 -9.61
C ASP A 1583 -23.86 60.98 -10.99
N GLU A 1584 -23.41 62.07 -11.61
CA GLU A 1584 -22.85 61.97 -12.97
C GLU A 1584 -21.46 61.36 -12.93
N GLU A 1585 -20.76 61.51 -11.82
CA GLU A 1585 -19.49 60.82 -11.66
C GLU A 1585 -19.73 59.36 -11.30
N ARG A 1586 -20.75 59.10 -10.48
CA ARG A 1586 -21.18 57.73 -10.17
C ARG A 1586 -21.45 56.95 -11.42
N ASP A 1587 -22.26 57.51 -12.30
CA ASP A 1587 -22.78 56.75 -13.44
C ASP A 1587 -21.68 56.36 -14.40
N GLU A 1588 -20.50 56.95 -14.22
CA GLU A 1588 -19.38 56.75 -15.14
C GLU A 1588 -18.36 55.79 -14.56
N ILE A 1589 -18.14 55.86 -13.26
CA ILE A 1589 -17.18 55.02 -12.55
C ILE A 1589 -17.74 53.62 -12.27
N LEU A 1590 -18.93 53.57 -11.70
CA LEU A 1590 -19.53 52.33 -11.20
C LEU A 1590 -20.17 51.55 -12.33
N THR A 1591 -19.33 50.94 -13.17
CA THR A 1591 -19.79 50.26 -14.38
C THR A 1591 -20.13 48.84 -13.94
N LEU A 1592 -21.38 48.63 -13.57
CA LEU A 1592 -21.76 47.45 -12.81
C LEU A 1592 -23.25 47.10 -12.94
N THR A 1593 -23.55 45.83 -12.67
CA THR A 1593 -24.89 45.32 -12.81
C THR A 1593 -25.80 45.79 -11.69
N ASP A 1594 -27.10 45.85 -11.95
CA ASP A 1594 -28.08 46.37 -11.00
C ASP A 1594 -27.91 45.78 -9.61
N SER A 1595 -27.56 44.48 -9.57
CA SER A 1595 -27.35 43.76 -8.31
C SER A 1595 -26.04 44.16 -7.66
N GLN A 1596 -24.98 44.27 -8.46
CA GLN A 1596 -23.67 44.63 -7.91
C GLN A 1596 -23.77 45.94 -7.18
N LEU A 1597 -24.40 46.91 -7.85
CA LEU A 1597 -24.63 48.24 -7.28
C LEU A 1597 -25.38 48.16 -5.99
N ALA A 1598 -26.32 47.21 -5.93
CA ALA A 1598 -27.09 46.99 -4.73
C ALA A 1598 -26.18 46.79 -3.53
N GLN A 1599 -25.12 45.99 -3.70
CA GLN A 1599 -24.19 45.72 -2.61
C GLN A 1599 -23.30 46.92 -2.31
N VAL A 1600 -22.79 47.54 -3.36
CA VAL A 1600 -21.97 48.72 -3.23
C VAL A 1600 -22.80 49.71 -2.42
N ALA A 1601 -24.09 49.78 -2.74
CA ALA A 1601 -25.03 50.60 -1.98
C ALA A 1601 -25.03 50.14 -0.54
N ALA A 1602 -25.44 48.89 -0.36
CA ALA A 1602 -25.53 48.26 0.94
C ALA A 1602 -24.30 48.50 1.78
N PHE A 1603 -23.15 48.19 1.20
CA PHE A 1603 -21.89 48.45 1.86
C PHE A 1603 -21.79 49.89 2.33
N VAL A 1604 -21.93 50.81 1.40
CA VAL A 1604 -21.58 52.19 1.64
C VAL A 1604 -22.50 52.85 2.68
N ASN A 1605 -23.76 52.47 2.68
CA ASN A 1605 -24.69 53.05 3.64
C ASN A 1605 -24.24 52.59 5.00
N ASN A 1606 -24.22 51.26 5.18
CA ASN A 1606 -23.76 50.60 6.40
C ASN A 1606 -22.39 51.02 6.94
N TYR A 1607 -21.44 51.27 6.05
CA TYR A 1607 -20.08 51.65 6.45
C TYR A 1607 -20.14 52.72 7.53
N PRO A 1608 -19.34 52.58 8.59
CA PRO A 1608 -19.59 53.48 9.72
C PRO A 1608 -18.77 54.76 9.67
N ASN A 1609 -19.38 55.87 10.09
CA ASN A 1609 -18.59 57.02 10.50
C ASN A 1609 -18.99 57.50 11.90
N VAL A 1610 -18.09 57.24 12.85
CA VAL A 1610 -18.38 57.40 14.27
C VAL A 1610 -17.45 58.43 14.88
N GLU A 1611 -18.03 59.30 15.70
CA GLU A 1611 -17.32 60.40 16.31
C GLU A 1611 -17.02 59.96 17.73
N LEU A 1612 -15.76 60.14 18.14
CA LEU A 1612 -15.24 59.59 19.41
C LEU A 1612 -14.84 60.68 20.40
N THR A 1613 -15.54 60.73 21.52
CA THR A 1613 -15.30 61.75 22.54
C THR A 1613 -15.30 61.11 23.91
N TYR A 1614 -14.54 61.72 24.84
CA TYR A 1614 -14.43 61.20 26.21
C TYR A 1614 -14.64 62.26 27.28
N SER A 1615 -14.48 61.84 28.53
CA SER A 1615 -14.35 62.74 29.66
C SER A 1615 -13.74 61.96 30.80
N LEU A 1616 -12.56 62.39 31.25
CA LEU A 1616 -11.90 61.76 32.38
C LEU A 1616 -12.52 62.28 33.68
N ASN A 1617 -12.92 61.37 34.56
CA ASN A 1617 -13.79 61.71 35.70
C ASN A 1617 -13.27 62.90 36.51
N ASN A 1618 -12.02 62.83 36.93
CA ASN A 1618 -11.30 63.97 37.45
C ASN A 1618 -9.87 63.95 36.92
N SER A 1619 -9.67 64.58 35.77
CA SER A 1619 -8.35 64.60 35.14
C SER A 1619 -7.30 65.40 35.93
N ASP A 1620 -7.75 66.15 36.95
CA ASP A 1620 -6.89 66.98 37.81
C ASP A 1620 -6.28 66.24 39.01
N SER A 1621 -6.99 65.23 39.52
CA SER A 1621 -6.62 64.54 40.76
C SER A 1621 -6.01 63.15 40.55
N LEU A 1622 -5.12 63.02 39.56
CA LEU A 1622 -4.58 61.71 39.17
C LEU A 1622 -3.49 61.21 40.11
N ILE A 1623 -3.81 60.13 40.83
CA ILE A 1623 -2.93 59.50 41.82
C ILE A 1623 -2.45 58.15 41.27
N SER A 1624 -1.16 57.86 41.43
CA SER A 1624 -0.52 56.66 40.85
C SER A 1624 -0.80 55.35 41.60
N GLY A 1625 -1.59 54.47 40.99
CA GLY A 1625 -1.89 53.15 41.58
C GLY A 1625 -3.35 52.92 41.95
N VAL A 1626 -4.18 53.96 41.82
CA VAL A 1626 -5.62 53.89 42.07
C VAL A 1626 -6.29 53.31 40.81
N LYS A 1627 -7.54 52.88 40.93
CA LYS A 1627 -8.37 52.58 39.77
C LYS A 1627 -9.09 53.83 39.29
N GLN A 1628 -8.51 54.47 38.28
CA GLN A 1628 -9.11 55.61 37.58
C GLN A 1628 -10.08 55.09 36.52
N LYS A 1629 -11.19 55.81 36.32
CA LYS A 1629 -12.18 55.48 35.30
C LYS A 1629 -12.30 56.57 34.25
N ILE A 1630 -12.46 56.17 33.00
CA ILE A 1630 -12.68 57.08 31.88
C ILE A 1630 -14.01 56.70 31.22
N THR A 1631 -14.76 57.72 30.80
CA THR A 1631 -16.00 57.47 30.11
C THR A 1631 -15.77 57.84 28.65
N ILE A 1632 -16.07 56.89 27.77
CA ILE A 1632 -15.99 57.11 26.33
C ILE A 1632 -17.41 57.14 25.78
N GLN A 1633 -17.63 58.00 24.79
CA GLN A 1633 -18.91 58.13 24.14
C GLN A 1633 -18.70 57.90 22.65
N LEU A 1634 -19.67 57.26 21.99
CA LEU A 1634 -19.59 57.03 20.54
C LEU A 1634 -20.85 57.46 19.79
N THR A 1635 -20.67 58.42 18.88
CA THR A 1635 -21.78 59.04 18.17
C THR A 1635 -21.77 58.67 16.68
N ARG A 1636 -22.89 58.14 16.21
CA ARG A 1636 -23.10 57.86 14.80
C ARG A 1636 -23.84 59.04 14.18
N ASP A 1637 -24.04 58.97 12.87
CA ASP A 1637 -24.81 59.97 12.15
C ASP A 1637 -26.29 59.64 12.29
N VAL A 1638 -26.64 58.35 12.16
CA VAL A 1638 -28.03 57.87 12.38
C VAL A 1638 -28.00 56.45 12.94
N GLU A 1639 -28.93 56.14 13.86
CA GLU A 1639 -29.05 54.77 14.39
C GLU A 1639 -29.18 53.82 13.20
N PRO A 1640 -28.33 52.77 13.13
CA PRO A 1640 -28.26 51.97 11.90
C PRO A 1640 -29.38 50.94 11.74
N GLU A 1641 -29.70 50.61 10.48
CA GLU A 1641 -30.74 49.64 10.12
C GLU A 1641 -30.52 48.34 10.89
N ASN A 1642 -29.34 47.78 10.71
CA ASN A 1642 -28.88 46.67 11.49
C ASN A 1642 -27.37 46.61 11.33
N LEU A 1643 -26.75 45.72 12.09
CA LEU A 1643 -25.30 45.60 12.05
C LEU A 1643 -24.82 44.40 11.26
N GLN A 1644 -25.74 43.76 10.54
CA GLN A 1644 -25.37 42.90 9.43
C GLN A 1644 -24.24 43.53 8.60
N VAL A 1645 -23.09 42.85 8.55
CA VAL A 1645 -21.90 43.35 7.85
C VAL A 1645 -22.05 43.09 6.34
N THR A 1646 -21.57 44.02 5.52
CA THR A 1646 -21.52 43.78 4.10
C THR A 1646 -20.08 43.46 3.73
N SER A 1647 -19.87 42.28 3.16
CA SER A 1647 -18.55 41.91 2.66
C SER A 1647 -18.71 41.08 1.41
N GLU A 1648 -18.08 41.46 0.31
CA GLU A 1648 -18.15 40.69 -0.93
C GLU A 1648 -17.45 39.36 -0.73
N LYS A 1649 -16.38 39.38 0.07
CA LYS A 1649 -15.48 38.23 0.16
C LYS A 1649 -15.75 37.20 1.28
N TYR A 1650 -16.18 37.64 2.46
CA TYR A 1650 -16.46 36.73 3.56
C TYR A 1650 -17.79 36.05 3.32
N PRO A 1651 -17.83 34.73 3.26
CA PRO A 1651 -19.07 34.00 2.96
C PRO A 1651 -20.03 33.73 4.11
N PHE A 1652 -19.89 34.44 5.23
CA PHE A 1652 -20.68 34.13 6.40
C PHE A 1652 -21.22 35.41 7.03
N ASP A 1653 -22.25 35.28 7.86
CA ASP A 1653 -22.89 36.43 8.48
C ASP A 1653 -21.99 36.91 9.57
N LYS A 1654 -22.05 38.20 9.85
CA LYS A 1654 -21.13 38.82 10.81
C LYS A 1654 -21.77 40.05 11.37
N LEU A 1655 -21.82 40.18 12.69
CA LEU A 1655 -22.29 41.42 13.26
C LEU A 1655 -21.13 42.35 13.41
N GLU A 1656 -21.43 43.63 13.27
CA GLU A 1656 -20.47 44.66 13.56
C GLU A 1656 -20.12 44.68 15.05
N SER A 1657 -18.84 44.70 15.34
CA SER A 1657 -18.40 44.89 16.72
C SER A 1657 -17.17 45.79 16.74
N TRP A 1658 -16.87 46.34 17.91
CA TRP A 1658 -15.86 47.37 18.03
C TRP A 1658 -15.08 47.15 19.30
N TRP A 1659 -13.79 47.45 19.28
CA TRP A 1659 -12.99 47.38 20.48
C TRP A 1659 -12.64 48.78 20.89
N LEU A 1660 -13.00 49.14 22.11
CA LEU A 1660 -12.47 50.34 22.74
C LEU A 1660 -11.13 49.94 23.33
N VAL A 1661 -10.07 50.64 22.98
CA VAL A 1661 -8.75 50.38 23.53
C VAL A 1661 -8.19 51.63 24.16
N LEU A 1662 -7.61 51.47 25.36
CA LEU A 1662 -6.85 52.53 26.03
C LEU A 1662 -5.42 52.05 26.23
N GLY A 1663 -4.44 52.88 25.92
CA GLY A 1663 -3.03 52.46 26.01
C GLY A 1663 -1.98 53.52 25.73
N GLU A 1664 -0.74 53.20 26.08
CA GLU A 1664 0.38 54.12 25.93
C GLU A 1664 1.30 53.57 24.84
N VAL A 1665 1.47 54.34 23.77
CA VAL A 1665 2.17 53.84 22.58
C VAL A 1665 3.65 53.65 22.82
N SER A 1666 4.27 54.63 23.48
CA SER A 1666 5.71 54.64 23.73
C SER A 1666 6.16 53.34 24.43
N LYS A 1667 5.37 52.92 25.40
CA LYS A 1667 5.65 51.71 26.18
C LYS A 1667 5.03 50.42 25.58
N LYS A 1668 4.48 50.49 24.36
CA LYS A 1668 3.80 49.35 23.72
C LYS A 1668 2.74 48.68 24.61
N GLU A 1669 2.05 49.47 25.42
CA GLU A 1669 1.30 48.95 26.55
C GLU A 1669 -0.18 49.33 26.56
N LEU A 1670 -1.03 48.32 26.69
CA LEU A 1670 -2.48 48.46 26.71
C LEU A 1670 -2.90 48.50 28.16
N TYR A 1671 -3.67 49.52 28.55
CA TYR A 1671 -4.16 49.65 29.92
C TYR A 1671 -5.58 49.10 30.12
N ALA A 1672 -6.41 49.13 29.08
CA ALA A 1672 -7.81 48.67 29.19
C ALA A 1672 -8.44 48.28 27.84
N ILE A 1673 -9.65 47.72 27.89
CA ILE A 1673 -10.37 47.27 26.68
C ILE A 1673 -11.84 46.98 26.94
N LYS A 1674 -12.69 47.20 25.94
CA LYS A 1674 -14.09 46.77 26.00
C LYS A 1674 -14.64 46.47 24.60
N LYS A 1675 -15.32 45.32 24.47
CA LYS A 1675 -15.95 44.95 23.21
C LYS A 1675 -17.36 45.51 23.23
N VAL A 1676 -17.74 46.24 22.18
CA VAL A 1676 -19.07 46.87 22.14
C VAL A 1676 -19.70 46.83 20.77
N THR A 1677 -21.02 46.99 20.76
CA THR A 1677 -21.76 47.17 19.52
C THR A 1677 -22.50 48.52 19.52
N LEU A 1678 -22.23 49.33 18.50
CA LEU A 1678 -22.80 50.64 18.41
C LEU A 1678 -24.16 50.58 17.69
N ASN A 1679 -25.14 50.02 18.38
CA ASN A 1679 -26.51 49.84 17.85
C ASN A 1679 -27.46 51.05 18.01
N LYS A 1680 -26.91 52.26 18.09
CA LYS A 1680 -27.65 53.46 18.52
C LYS A 1680 -26.93 54.71 18.01
N GLU A 1681 -27.70 55.77 17.81
CA GLU A 1681 -27.16 57.05 17.34
C GLU A 1681 -26.05 57.55 18.27
N THR A 1682 -26.23 57.38 19.57
CA THR A 1682 -25.18 57.72 20.50
C THR A 1682 -25.11 56.70 21.63
N GLN A 1683 -23.89 56.50 22.16
CA GLN A 1683 -23.65 55.57 23.25
C GLN A 1683 -22.52 56.07 24.09
N GLN A 1684 -22.44 55.56 25.32
CA GLN A 1684 -21.25 55.72 26.14
C GLN A 1684 -21.02 54.56 27.11
N TYR A 1685 -19.75 54.40 27.48
CA TYR A 1685 -19.29 53.28 28.28
C TYR A 1685 -18.25 53.78 29.24
N GLU A 1686 -18.11 53.10 30.37
CA GLU A 1686 -17.04 53.45 31.30
C GLU A 1686 -15.96 52.36 31.29
N LEU A 1687 -14.70 52.80 31.17
CA LEU A 1687 -13.54 51.91 31.33
C LEU A 1687 -12.91 52.18 32.69
N GLU A 1688 -12.09 51.24 33.14
CA GLU A 1688 -11.46 51.31 34.45
C GLU A 1688 -10.04 50.78 34.32
N PHE A 1689 -9.07 51.55 34.80
CA PHE A 1689 -7.67 51.17 34.62
C PHE A 1689 -6.76 51.73 35.71
N ASP A 1690 -5.68 51.00 35.98
CA ASP A 1690 -4.73 51.39 36.99
C ASP A 1690 -3.78 52.46 36.44
N THR A 1691 -3.74 53.58 37.17
CA THR A 1691 -2.89 54.71 36.83
C THR A 1691 -1.40 54.34 36.97
N PRO A 1692 -0.58 54.62 35.93
CA PRO A 1692 0.85 54.30 35.97
C PRO A 1692 1.64 55.24 36.89
N THR A 1693 2.97 55.10 36.91
CA THR A 1693 3.82 55.90 37.80
C THR A 1693 3.63 57.41 37.62
N SER A 1694 3.94 58.16 38.68
CA SER A 1694 3.86 59.62 38.65
C SER A 1694 4.73 60.19 37.52
N GLY A 1695 4.24 61.24 36.87
CA GLY A 1695 4.93 61.87 35.75
C GLY A 1695 3.97 62.21 34.63
N LYS A 1696 4.52 62.66 33.51
CA LYS A 1696 3.72 62.92 32.31
C LYS A 1696 3.60 61.63 31.50
N HIS A 1697 2.42 61.40 30.92
CA HIS A 1697 2.18 60.21 30.11
C HIS A 1697 1.29 60.54 28.92
N ASN A 1698 1.79 60.28 27.72
CA ASN A 1698 1.03 60.50 26.48
C ASN A 1698 0.13 59.30 26.18
N LEU A 1699 -1.16 59.44 26.51
CA LEU A 1699 -2.13 58.37 26.29
C LEU A 1699 -2.85 58.50 24.97
N THR A 1700 -3.33 57.35 24.50
CA THR A 1700 -4.05 57.24 23.24
C THR A 1700 -5.25 56.33 23.46
N ILE A 1701 -6.40 56.74 22.91
CA ILE A 1701 -7.58 55.87 22.84
C ILE A 1701 -7.71 55.38 21.40
N TRP A 1702 -8.22 54.16 21.22
CA TRP A 1702 -8.63 53.69 19.89
C TRP A 1702 -10.02 53.10 19.91
N CYS A 1703 -10.75 53.34 18.83
CA CYS A 1703 -12.04 52.75 18.60
C CYS A 1703 -11.86 51.95 17.32
N VAL A 1704 -11.85 50.62 17.42
CA VAL A 1704 -11.49 49.75 16.28
C VAL A 1704 -12.59 48.77 15.93
N CYS A 1705 -13.09 48.89 14.70
CA CYS A 1705 -14.13 48.02 14.18
C CYS A 1705 -13.47 46.72 13.81
N ASP A 1706 -14.22 45.63 13.83
CA ASP A 1706 -13.65 44.36 13.52
C ASP A 1706 -14.06 43.86 12.14
N SER A 1707 -14.96 44.57 11.46
CA SER A 1707 -15.53 44.11 10.17
C SER A 1707 -15.27 45.01 8.96
N TYR A 1708 -14.61 46.14 9.15
CA TYR A 1708 -14.31 47.11 8.07
C TYR A 1708 -12.94 47.79 8.29
N LEU A 1709 -12.21 48.00 7.19
CA LEU A 1709 -10.95 48.76 7.21
C LEU A 1709 -11.15 50.27 7.07
N ASP A 1710 -10.19 51.02 7.62
CA ASP A 1710 -10.13 52.48 7.47
C ASP A 1710 -11.27 53.21 8.22
N ALA A 1711 -12.05 52.51 9.02
CA ALA A 1711 -13.22 53.13 9.69
C ALA A 1711 -12.97 53.56 11.14
N ASP A 1712 -11.74 53.32 11.60
CA ASP A 1712 -11.44 53.38 13.02
C ASP A 1712 -11.01 54.81 13.39
N LYS A 1713 -11.25 55.16 14.65
CA LYS A 1713 -10.98 56.49 15.17
C LYS A 1713 -10.09 56.43 16.41
N GLU A 1714 -9.26 57.45 16.60
CA GLU A 1714 -8.37 57.50 17.73
C GLU A 1714 -8.16 58.93 18.24
N LEU A 1715 -7.81 59.03 19.51
CA LEU A 1715 -7.73 60.29 20.21
C LEU A 1715 -6.55 60.28 21.18
N SER A 1716 -5.53 61.10 20.89
CA SER A 1716 -4.35 61.23 21.77
C SER A 1716 -4.49 62.41 22.72
N PHE A 1717 -4.26 62.15 24.01
CA PHE A 1717 -4.15 63.23 24.98
C PHE A 1717 -2.94 62.95 25.88
N GLU A 1718 -2.77 63.77 26.92
CA GLU A 1718 -1.67 63.61 27.89
C GLU A 1718 -2.19 63.73 29.33
N ILE A 1719 -1.51 63.10 30.28
CA ILE A 1719 -1.86 63.25 31.70
C ILE A 1719 -0.61 63.37 32.57
N ASN A 1720 -0.79 64.01 33.72
CA ASN A 1720 0.23 64.04 34.76
C ASN A 1720 -0.27 63.35 36.02
N VAL A 1721 0.56 62.46 36.55
CA VAL A 1721 0.23 61.66 37.73
C VAL A 1721 1.06 62.16 38.92
N LYS A 1722 0.40 62.36 40.06
CA LYS A 1722 1.04 62.99 41.22
C LYS A 1722 2.09 62.08 41.88
N SER B 1 28.41 -43.28 12.72
CA SER B 1 28.51 -41.96 12.05
C SER B 1 28.13 -40.82 13.00
N LYS B 2 28.56 -39.60 12.66
CA LYS B 2 28.16 -38.40 13.40
C LYS B 2 26.65 -38.22 13.28
N ASN B 3 26.15 -38.37 12.06
CA ASN B 3 24.75 -38.12 11.72
C ASN B 3 23.80 -39.17 12.26
N GLU B 4 23.80 -39.34 13.58
CA GLU B 4 22.73 -40.03 14.27
C GLU B 4 21.47 -39.16 14.16
N TRP B 5 21.66 -37.84 14.35
CA TRP B 5 20.57 -36.86 14.37
C TRP B 5 19.72 -36.76 13.11
N ARG B 6 20.37 -36.89 11.95
CA ARG B 6 19.66 -36.80 10.69
C ARG B 6 18.44 -37.71 10.73
N LYS B 7 18.66 -38.96 11.16
CA LYS B 7 17.59 -39.95 11.26
C LYS B 7 16.50 -39.50 12.26
N SER B 8 16.92 -38.98 13.41
CA SER B 8 16.00 -38.45 14.41
C SER B 8 15.28 -37.21 13.90
N ALA B 9 16.01 -36.36 13.18
CA ALA B 9 15.43 -35.12 12.70
C ALA B 9 14.31 -35.38 11.72
N ILE B 10 14.52 -36.34 10.84
CA ILE B 10 13.47 -36.74 9.91
C ILE B 10 12.27 -37.32 10.68
N ALA B 11 12.57 -38.12 11.70
CA ALA B 11 11.54 -38.72 12.53
C ALA B 11 10.65 -37.70 13.15
N ASN B 12 11.25 -36.62 13.72
CA ASN B 12 10.48 -35.58 14.45
C ASN B 12 9.46 -34.83 13.60
N THR B 13 9.49 -35.04 12.28
CA THR B 13 8.55 -34.38 11.37
C THR B 13 7.18 -34.97 11.54
N LEU B 14 7.11 -36.22 11.99
CA LEU B 14 5.84 -36.97 12.04
C LEU B 14 5.39 -37.04 13.47
N LEU B 15 6.09 -36.31 14.30
CA LEU B 15 5.83 -36.28 15.70
C LEU B 15 4.46 -35.68 16.00
N TYR B 16 3.92 -34.91 15.07
CA TYR B 16 2.55 -34.43 15.18
C TYR B 16 1.47 -35.52 15.12
N LEU B 17 1.82 -36.68 14.55
CA LEU B 17 0.88 -37.79 14.41
C LEU B 17 0.68 -38.52 15.73
N ARG B 18 1.66 -38.38 16.63
CA ARG B 18 1.57 -38.99 17.96
C ARG B 18 0.45 -38.38 18.79
N LEU B 19 -0.12 -37.28 18.31
CA LEU B 19 -1.12 -36.52 19.08
C LEU B 19 -2.58 -36.88 18.72
N LYS B 20 -2.75 -37.91 17.90
CA LYS B 20 -4.03 -38.59 17.72
C LYS B 20 -4.21 -39.66 18.81
N ASN B 21 -3.14 -39.94 19.54
CA ASN B 21 -3.18 -40.85 20.68
C ASN B 21 -2.61 -40.20 21.92
N ILE B 22 -3.46 -39.57 22.71
CA ILE B 22 -3.02 -38.86 23.91
C ILE B 22 -3.61 -39.56 25.14
N TYR B 23 -2.76 -40.20 25.94
CA TYR B 23 -3.24 -40.91 27.13
C TYR B 23 -2.86 -40.22 28.44
N VAL B 24 -3.84 -39.99 29.32
CA VAL B 24 -3.56 -39.39 30.64
C VAL B 24 -3.80 -40.34 31.85
N SER B 25 -2.72 -40.60 32.60
CA SER B 25 -2.80 -41.35 33.88
C SER B 25 -3.88 -40.81 34.83
N ALA B 26 -4.79 -41.69 35.25
CA ALA B 26 -5.93 -41.31 36.09
C ALA B 26 -6.14 -42.32 37.22
N ASP B 27 -6.64 -41.83 38.34
CA ASP B 27 -6.95 -42.65 39.51
C ASP B 27 -8.21 -42.03 40.11
N ASP B 28 -8.54 -42.38 41.35
CA ASP B 28 -9.73 -41.85 41.96
C ASP B 28 -9.55 -40.36 42.21
N PHE B 29 -10.53 -39.58 41.75
CA PHE B 29 -10.53 -38.15 42.02
C PHE B 29 -10.64 -37.92 43.53
N VAL B 30 -9.77 -37.06 44.05
CA VAL B 30 -9.75 -36.65 45.45
C VAL B 30 -9.89 -35.13 45.49
N GLU B 31 -10.99 -34.63 46.05
CA GLU B 31 -11.19 -33.17 46.18
C GLU B 31 -10.41 -32.55 47.33
N GLU B 32 -9.77 -33.40 48.13
CA GLU B 32 -8.89 -32.98 49.21
C GLU B 32 -7.55 -32.46 48.68
N GLN B 33 -7.13 -32.93 47.51
CA GLN B 33 -5.86 -32.51 46.92
C GLN B 33 -6.06 -31.88 45.55
N ASN B 34 -4.98 -31.29 45.04
CA ASN B 34 -5.05 -30.47 43.84
C ASN B 34 -5.33 -31.23 42.55
N VAL B 35 -5.75 -30.47 41.57
CA VAL B 35 -5.82 -30.96 40.22
C VAL B 35 -5.10 -29.94 39.30
N TYR B 36 -4.23 -30.47 38.45
CA TYR B 36 -3.50 -29.69 37.49
C TYR B 36 -4.14 -29.78 36.11
N VAL B 37 -4.50 -28.62 35.56
CA VAL B 37 -5.10 -28.54 34.25
C VAL B 37 -4.06 -28.03 33.23
N LEU B 38 -3.75 -28.85 32.22
CA LEU B 38 -2.76 -28.50 31.18
C LEU B 38 -3.46 -28.24 29.86
N PRO B 39 -3.46 -27.00 29.39
CA PRO B 39 -4.13 -26.70 28.14
C PRO B 39 -3.66 -27.59 26.99
N LYS B 40 -4.58 -28.11 26.20
CA LYS B 40 -4.25 -29.09 25.17
C LYS B 40 -3.30 -28.52 24.11
N ASN B 41 -3.49 -27.26 23.73
CA ASN B 41 -2.59 -26.63 22.75
C ASN B 41 -1.12 -26.62 23.14
N LEU B 42 -0.86 -26.48 24.45
CA LEU B 42 0.52 -26.45 24.92
C LEU B 42 1.14 -27.80 24.77
N LEU B 43 0.39 -28.83 25.12
CA LEU B 43 0.85 -30.19 24.92
C LEU B 43 1.20 -30.43 23.44
N LYS B 44 0.27 -30.06 22.58
CA LYS B 44 0.42 -30.34 21.16
C LYS B 44 1.74 -29.72 20.69
N LYS B 45 1.96 -28.46 21.04
CA LYS B 45 3.18 -27.75 20.62
C LYS B 45 4.44 -28.32 21.22
N PHE B 46 4.39 -28.60 22.52
CA PHE B 46 5.56 -29.07 23.23
C PHE B 46 6.07 -30.39 22.65
N ILE B 47 5.16 -31.29 22.32
CA ILE B 47 5.55 -32.49 21.59
C ILE B 47 6.10 -32.14 20.20
N GLU B 48 5.40 -31.27 19.47
CA GLU B 48 5.82 -30.92 18.11
C GLU B 48 7.28 -30.44 18.10
N ILE B 49 7.74 -29.79 19.17
CA ILE B 49 9.14 -29.29 19.22
C ILE B 49 10.11 -30.23 19.93
N SER B 50 9.64 -31.41 20.32
CA SER B 50 10.47 -32.35 21.06
C SER B 50 11.27 -33.28 20.14
N ASP B 51 12.19 -34.04 20.70
CA ASP B 51 12.88 -35.08 19.96
C ASP B 51 12.22 -36.40 20.28
N VAL B 52 12.49 -37.37 19.40
CA VAL B 52 12.00 -38.74 19.55
C VAL B 52 12.86 -39.55 20.52
N LYS B 53 14.12 -39.16 20.69
CA LYS B 53 15.06 -39.94 21.49
C LYS B 53 15.58 -39.16 22.70
N ILE B 54 15.91 -37.90 22.49
CA ILE B 54 16.50 -37.07 23.52
C ILE B 54 15.44 -36.32 24.36
N GLN B 55 15.68 -36.21 25.66
CA GLN B 55 14.70 -35.60 26.55
C GLN B 55 14.64 -34.09 26.35
N VAL B 56 13.45 -33.56 26.58
CA VAL B 56 13.16 -32.16 26.35
C VAL B 56 12.27 -31.73 27.48
N ALA B 57 12.59 -30.58 28.07
CA ALA B 57 11.94 -30.20 29.30
C ALA B 57 11.63 -28.72 29.38
N ALA B 58 10.64 -28.38 30.22
CA ALA B 58 10.27 -27.00 30.44
C ALA B 58 9.66 -26.87 31.81
N PHE B 59 9.65 -25.64 32.33
CA PHE B 59 8.90 -25.30 33.51
C PHE B 59 7.45 -24.98 33.13
N ILE B 60 6.54 -25.13 34.10
CA ILE B 60 5.15 -24.76 33.92
C ILE B 60 4.81 -23.76 35.01
N TYR B 61 4.18 -22.68 34.61
CA TYR B 61 3.67 -21.71 35.54
C TYR B 61 2.17 -21.64 35.34
N GLY B 62 1.43 -21.48 36.43
CA GLY B 62 -0.01 -21.33 36.34
C GLY B 62 -0.56 -20.75 37.62
N MET B 63 -1.88 -20.83 37.81
CA MET B 63 -2.52 -20.23 38.95
C MET B 63 -3.90 -20.77 39.19
N SER B 64 -4.39 -20.62 40.42
CA SER B 64 -5.71 -21.13 40.84
C SER B 64 -6.81 -20.26 40.28
N ALA B 65 -7.99 -20.84 40.09
CA ALA B 65 -9.19 -20.05 39.77
C ALA B 65 -9.90 -19.59 41.08
N LYS B 66 -10.94 -18.77 40.99
CA LYS B 66 -11.74 -18.41 42.17
C LYS B 66 -12.67 -19.56 42.56
N ASP B 67 -13.31 -20.11 41.54
CA ASP B 67 -14.22 -21.26 41.70
C ASP B 67 -13.63 -22.28 42.64
N HIS B 68 -12.46 -22.80 42.33
CA HIS B 68 -11.80 -23.76 43.20
C HIS B 68 -10.34 -23.41 43.40
N PRO B 69 -9.96 -23.03 44.61
CA PRO B 69 -8.56 -22.82 44.93
C PRO B 69 -7.66 -24.00 44.70
N LYS B 70 -8.20 -25.18 44.41
CA LYS B 70 -7.40 -26.40 44.25
C LYS B 70 -7.26 -26.84 42.79
N VAL B 71 -7.91 -26.12 41.90
CA VAL B 71 -7.76 -26.29 40.48
C VAL B 71 -6.73 -25.29 40.03
N LYS B 72 -5.53 -25.80 39.84
CA LYS B 72 -4.42 -25.06 39.29
C LYS B 72 -4.40 -25.18 37.76
N GLU B 73 -4.75 -24.10 37.06
CA GLU B 73 -4.66 -24.07 35.60
C GLU B 73 -3.26 -23.70 35.25
N ILE B 74 -2.66 -24.42 34.32
CA ILE B 74 -1.35 -24.11 33.83
C ILE B 74 -1.56 -23.11 32.73
N LYS B 75 -0.86 -21.96 32.79
CA LYS B 75 -1.07 -20.83 31.86
C LYS B 75 0.07 -20.71 30.83
N THR B 76 1.28 -21.00 31.31
CA THR B 76 2.49 -20.74 30.57
C THR B 76 3.49 -21.88 30.76
N VAL B 77 4.13 -22.26 29.68
CA VAL B 77 5.22 -23.18 29.69
C VAL B 77 6.46 -22.41 29.30
N VAL B 78 7.45 -22.43 30.18
CA VAL B 78 8.67 -21.69 29.97
C VAL B 78 9.75 -22.64 29.59
N LEU B 79 10.20 -22.52 28.36
CA LEU B 79 11.18 -23.36 27.76
C LEU B 79 12.53 -22.67 28.00
N VAL B 80 13.51 -23.38 28.54
CA VAL B 80 14.75 -22.73 28.99
C VAL B 80 16.01 -23.45 28.57
N PRO B 81 17.13 -22.73 28.50
CA PRO B 81 18.35 -23.35 28.04
C PRO B 81 18.56 -24.61 28.80
N GLN B 82 18.99 -25.64 28.08
CA GLN B 82 19.06 -26.97 28.62
C GLN B 82 19.86 -27.84 27.68
N LEU B 83 20.25 -29.01 28.15
CA LEU B 83 21.13 -29.89 27.41
C LEU B 83 20.58 -31.29 27.61
N GLY B 84 19.94 -31.84 26.59
CA GLY B 84 19.25 -33.11 26.74
C GLY B 84 20.13 -34.30 26.51
N HIS B 85 19.65 -35.45 27.00
CA HIS B 85 20.28 -36.76 26.76
C HIS B 85 19.15 -37.80 26.65
N VAL B 86 19.53 -39.02 26.31
CA VAL B 86 18.60 -40.11 26.39
C VAL B 86 18.43 -40.41 27.87
N GLY B 87 17.20 -40.48 28.34
CA GLY B 87 16.93 -40.80 29.75
C GLY B 87 17.25 -39.75 30.81
N SER B 88 17.75 -38.57 30.43
CA SER B 88 17.96 -37.52 31.40
C SER B 88 18.04 -36.20 30.69
N VAL B 89 17.99 -35.11 31.45
CA VAL B 89 18.16 -33.78 30.89
C VAL B 89 18.73 -32.82 31.92
N GLN B 90 19.74 -32.04 31.52
CA GLN B 90 20.30 -30.98 32.35
C GLN B 90 19.55 -29.67 32.08
N ILE B 91 18.90 -29.11 33.09
CA ILE B 91 18.11 -27.90 32.93
C ILE B 91 18.72 -26.74 33.68
N SER B 92 18.63 -25.55 33.06
CA SER B 92 19.08 -24.33 33.72
C SER B 92 18.12 -23.97 34.86
N ASN B 93 18.46 -22.92 35.60
CA ASN B 93 17.72 -22.62 36.80
C ASN B 93 16.38 -22.06 36.45
N ILE B 94 15.53 -22.06 37.45
CA ILE B 94 14.24 -21.44 37.37
C ILE B 94 14.39 -20.06 36.74
N PRO B 95 13.69 -19.81 35.63
CA PRO B 95 13.88 -18.53 34.97
C PRO B 95 13.35 -17.38 35.82
N ASP B 96 13.99 -16.22 35.68
CA ASP B 96 13.37 -14.99 36.15
C ASP B 96 12.46 -14.57 35.02
N ILE B 97 11.16 -14.56 35.26
CA ILE B 97 10.21 -14.00 34.31
C ILE B 97 9.36 -12.88 34.94
N GLY B 98 9.80 -12.41 36.11
CA GLY B 98 8.98 -11.47 36.88
C GLY B 98 8.60 -10.24 36.08
N ASP B 99 9.59 -9.77 35.31
CA ASP B 99 9.49 -8.50 34.62
C ASP B 99 8.77 -8.61 33.27
N LEU B 100 8.14 -9.74 32.97
CA LEU B 100 7.32 -9.84 31.74
C LEU B 100 5.88 -9.42 32.01
N PRO B 101 5.16 -9.02 30.96
CA PRO B 101 3.75 -8.67 31.15
C PRO B 101 2.87 -9.88 31.46
N ASP B 102 1.66 -9.61 31.93
CA ASP B 102 0.69 -10.64 32.27
C ASP B 102 1.23 -11.70 33.25
N THR B 103 2.36 -11.49 33.91
CA THR B 103 2.86 -12.48 34.87
C THR B 103 2.32 -12.22 36.31
N GLU B 104 1.20 -11.51 36.43
CA GLU B 104 0.67 -11.14 37.74
C GLU B 104 0.17 -12.35 38.54
N GLY B 105 0.99 -12.79 39.50
CA GLY B 105 0.59 -13.80 40.48
C GLY B 105 0.58 -15.22 40.00
N LEU B 106 1.34 -15.52 38.96
CA LEU B 106 1.62 -16.89 38.58
C LEU B 106 2.39 -17.60 39.67
N GLU B 107 2.04 -18.85 39.95
CA GLU B 107 2.94 -19.74 40.71
C GLU B 107 3.70 -20.57 39.74
N LEU B 108 4.92 -20.86 40.12
CA LEU B 108 5.70 -21.91 39.52
C LEU B 108 5.10 -23.17 40.04
N LEU B 109 4.48 -23.97 39.16
CA LEU B 109 3.87 -25.22 39.53
C LEU B 109 4.81 -26.42 39.36
N GLY B 110 5.81 -26.33 38.48
CA GLY B 110 6.78 -27.39 38.37
C GLY B 110 7.40 -27.50 36.99
N TRP B 111 7.68 -28.74 36.56
CA TRP B 111 8.25 -28.99 35.23
C TRP B 111 7.49 -30.03 34.43
N ILE B 112 7.80 -30.11 33.14
CA ILE B 112 7.17 -31.07 32.25
C ILE B 112 8.21 -31.55 31.26
N HIS B 113 8.22 -32.85 30.96
CA HIS B 113 9.30 -33.35 30.08
C HIS B 113 8.99 -34.63 29.37
N THR B 114 9.72 -34.86 28.29
CA THR B 114 9.56 -36.08 27.50
C THR B 114 10.39 -37.19 28.09
N GLN B 115 10.03 -38.41 27.72
CA GLN B 115 10.84 -39.58 28.02
C GLN B 115 10.43 -40.71 27.12
N THR B 116 11.34 -41.66 27.04
CA THR B 116 11.19 -42.81 26.18
C THR B 116 11.08 -44.14 26.96
N GLU B 117 10.78 -44.08 28.26
CA GLU B 117 10.57 -45.28 29.09
C GLU B 117 9.29 -45.08 29.85
N GLU B 118 8.25 -45.85 29.55
CA GLU B 118 6.97 -45.66 30.26
C GLU B 118 7.14 -46.26 31.64
N LEU B 119 6.92 -45.48 32.69
CA LEU B 119 6.92 -45.99 34.07
C LEU B 119 5.63 -45.54 34.76
N LYS B 120 5.37 -46.03 35.97
CA LYS B 120 4.20 -45.62 36.77
C LYS B 120 4.64 -44.71 37.93
N PHE B 121 5.94 -44.47 37.98
CA PHE B 121 6.60 -43.77 39.07
C PHE B 121 7.74 -42.90 38.51
N MET B 122 8.13 -41.86 39.25
CA MET B 122 9.31 -41.07 38.85
C MET B 122 10.61 -41.89 38.96
N ALA B 123 11.38 -41.85 37.87
CA ALA B 123 12.63 -42.62 37.76
C ALA B 123 13.74 -41.88 38.46
N ALA B 124 14.97 -42.36 38.30
CA ALA B 124 16.09 -41.89 39.13
C ALA B 124 16.75 -40.65 38.58
N SER B 125 16.80 -40.51 37.26
CA SER B 125 17.24 -39.23 36.71
C SER B 125 16.18 -38.18 36.95
N GLU B 126 14.91 -38.57 36.89
CA GLU B 126 13.84 -37.64 37.18
C GLU B 126 14.04 -37.13 38.60
N VAL B 127 14.18 -38.04 39.55
CA VAL B 127 14.24 -37.62 40.95
C VAL B 127 15.47 -36.77 41.23
N ALA B 128 16.61 -37.14 40.65
CA ALA B 128 17.81 -36.30 40.78
C ALA B 128 17.52 -34.87 40.34
N THR B 129 17.04 -34.74 39.10
CA THR B 129 16.80 -33.42 38.50
C THR B 129 15.69 -32.66 39.25
N HIS B 130 14.63 -33.37 39.64
CA HIS B 130 13.53 -32.72 40.34
C HIS B 130 14.01 -32.10 41.63
N SER B 131 14.89 -32.80 42.33
CA SER B 131 15.47 -32.29 43.55
C SER B 131 16.45 -31.18 43.22
N LYS B 132 17.25 -31.36 42.19
CA LYS B 132 18.21 -30.32 41.86
C LYS B 132 17.47 -28.99 41.68
N LEU B 133 16.34 -29.01 40.99
CA LEU B 133 15.67 -27.78 40.59
C LEU B 133 14.90 -27.18 41.72
N PHE B 134 14.19 -28.02 42.45
CA PHE B 134 13.18 -27.59 43.39
C PHE B 134 13.47 -27.83 44.88
N ALA B 135 14.59 -28.48 45.20
CA ALA B 135 14.81 -29.01 46.55
C ALA B 135 14.76 -27.92 47.61
N ASP B 136 15.49 -26.84 47.34
CA ASP B 136 15.62 -25.74 48.27
C ASP B 136 14.74 -24.57 47.91
N LYS B 137 13.88 -24.70 46.90
CA LYS B 137 13.16 -23.55 46.39
C LYS B 137 11.64 -23.66 46.57
N LYS B 138 11.07 -24.74 46.09
CA LYS B 138 9.63 -24.93 46.16
C LYS B 138 9.32 -26.41 46.06
N ARG B 139 8.94 -26.98 47.19
CA ARG B 139 8.85 -28.41 47.35
C ARG B 139 7.64 -29.04 46.69
N ASP B 140 6.49 -28.34 46.67
CA ASP B 140 5.27 -28.89 46.04
C ASP B 140 5.26 -28.95 44.50
N CYS B 141 6.30 -28.43 43.87
CA CYS B 141 6.40 -28.45 42.42
C CYS B 141 6.21 -29.87 41.89
N ILE B 142 5.21 -30.07 41.02
CA ILE B 142 4.98 -31.38 40.40
C ILE B 142 5.92 -31.67 39.27
N ASP B 143 5.88 -32.91 38.82
CA ASP B 143 6.53 -33.30 37.60
C ASP B 143 5.46 -33.95 36.74
N ILE B 144 5.28 -33.39 35.54
CA ILE B 144 4.47 -33.99 34.48
C ILE B 144 5.39 -34.73 33.50
N SER B 145 5.38 -36.07 33.57
CA SER B 145 6.19 -36.88 32.69
C SER B 145 5.39 -37.34 31.50
N ILE B 146 5.94 -37.08 30.31
CA ILE B 146 5.32 -37.48 29.06
C ILE B 146 6.09 -38.61 28.46
N PHE B 147 5.42 -39.75 28.33
CA PHE B 147 6.00 -40.88 27.67
C PHE B 147 5.66 -40.78 26.21
N SER B 148 6.66 -40.46 25.41
CA SER B 148 6.42 -40.25 23.99
C SER B 148 7.04 -41.37 23.21
N THR B 149 6.22 -42.00 22.39
CA THR B 149 6.65 -43.18 21.64
C THR B 149 5.90 -43.29 20.31
N PRO B 150 6.43 -44.10 19.37
CA PRO B 150 5.74 -44.09 18.09
C PRO B 150 4.33 -44.53 18.31
N GLY B 151 3.41 -43.72 17.81
CA GLY B 151 2.01 -43.96 17.98
C GLY B 151 1.40 -42.91 18.84
N SER B 152 1.98 -42.68 20.02
CA SER B 152 1.27 -41.98 21.09
C SER B 152 2.13 -41.22 22.07
N VAL B 153 1.45 -40.47 22.94
CA VAL B 153 2.04 -39.82 24.11
C VAL B 153 1.18 -40.12 25.33
N SER B 154 1.81 -40.30 26.47
CA SER B 154 1.09 -40.71 27.67
C SER B 154 1.56 -39.85 28.85
N LEU B 155 0.64 -39.08 29.42
CA LEU B 155 1.03 -38.11 30.46
C LEU B 155 0.82 -38.68 31.85
N SER B 156 1.67 -38.25 32.77
CA SER B 156 1.67 -38.79 34.12
C SER B 156 2.21 -37.76 35.12
N ALA B 157 1.41 -37.36 36.10
CA ALA B 157 1.83 -36.32 37.03
C ALA B 157 2.26 -36.88 38.41
N TYR B 158 3.36 -36.38 38.95
CA TYR B 158 3.88 -36.83 40.24
C TYR B 158 4.25 -35.69 41.19
N ASN B 159 4.08 -35.96 42.47
CA ASN B 159 4.70 -35.21 43.52
C ASN B 159 5.94 -35.96 43.94
N LEU B 160 6.83 -35.31 44.68
CA LEU B 160 7.99 -36.01 45.23
C LEU B 160 7.95 -35.89 46.75
N THR B 161 8.12 -37.02 47.42
CA THR B 161 8.24 -37.06 48.89
C THR B 161 9.57 -36.52 49.36
N ASP B 162 9.67 -36.22 50.65
CA ASP B 162 10.90 -35.59 51.18
C ASP B 162 12.08 -36.55 51.19
N GLU B 163 11.75 -37.84 51.25
CA GLU B 163 12.74 -38.90 51.12
C GLU B 163 13.30 -38.81 49.70
N GLY B 164 12.39 -38.71 48.72
CA GLY B 164 12.77 -38.46 47.34
C GLY B 164 13.76 -37.31 47.22
N TYR B 165 13.39 -36.15 47.78
CA TYR B 165 14.23 -34.95 47.68
C TYR B 165 15.57 -35.16 48.29
N GLN B 166 15.57 -35.59 49.56
CA GLN B 166 16.77 -35.92 50.28
C GLN B 166 17.67 -36.86 49.46
N TRP B 167 17.10 -37.99 48.98
CA TRP B 167 17.84 -38.96 48.14
C TRP B 167 18.44 -38.30 46.90
N GLY B 168 17.67 -37.38 46.32
CA GLY B 168 18.09 -36.64 45.15
C GLY B 168 19.20 -35.66 45.45
N GLU B 169 19.15 -35.05 46.63
CA GLU B 169 20.21 -34.13 47.08
C GLU B 169 21.53 -34.87 47.24
N GLU B 170 21.42 -36.11 47.75
CA GLU B 170 22.58 -37.02 47.90
C GLU B 170 23.26 -37.35 46.58
N ASN B 171 22.45 -37.44 45.54
CA ASN B 171 22.95 -37.69 44.19
C ASN B 171 23.11 -36.41 43.36
N LYS B 172 24.29 -35.80 43.47
CA LYS B 172 24.67 -34.67 42.61
C LYS B 172 24.74 -35.14 41.17
N ASP B 173 25.19 -36.39 41.00
CA ASP B 173 25.41 -37.01 39.69
C ASP B 173 24.71 -38.37 39.65
N ILE B 174 24.35 -38.80 38.44
CA ILE B 174 23.75 -40.11 38.22
C ILE B 174 24.55 -40.85 37.12
N MET B 175 24.91 -42.10 37.41
CA MET B 175 25.60 -42.95 36.43
C MET B 175 24.61 -43.98 35.88
N ASN B 176 24.94 -44.53 34.71
CA ASN B 176 24.19 -45.63 34.09
C ASN B 176 23.97 -46.82 35.04
N VAL B 177 25.01 -47.22 35.78
CA VAL B 177 25.02 -48.50 36.53
C VAL B 177 24.75 -48.40 38.05
N LEU B 178 25.15 -47.30 38.70
CA LEU B 178 25.17 -47.22 40.19
C LEU B 178 23.84 -47.56 40.89
N SER B 179 22.73 -46.99 40.40
CA SER B 179 21.36 -47.31 40.86
C SER B 179 21.19 -47.53 42.38
N GLU B 180 21.82 -46.67 43.18
CA GLU B 180 21.95 -46.90 44.61
C GLU B 180 20.81 -46.26 45.41
N GLY B 181 20.10 -47.06 46.20
CA GLY B 181 19.14 -46.55 47.18
C GLY B 181 17.78 -46.15 46.67
N PHE B 182 17.51 -46.43 45.41
CA PHE B 182 16.34 -45.87 44.74
C PHE B 182 15.02 -46.51 45.18
N GLU B 183 13.95 -45.72 45.21
CA GLU B 183 12.60 -46.20 45.53
C GLU B 183 11.52 -45.62 44.59
N PRO B 184 10.79 -46.50 43.88
CA PRO B 184 9.54 -46.14 43.20
C PRO B 184 8.49 -45.44 44.07
N THR B 185 8.54 -45.65 45.37
CA THR B 185 7.60 -45.01 46.29
C THR B 185 7.97 -43.55 46.59
N PHE B 186 9.16 -43.12 46.16
CA PHE B 186 9.56 -41.70 46.25
C PHE B 186 8.54 -40.68 45.68
N SER B 187 7.69 -41.13 44.78
CA SER B 187 6.81 -40.27 44.04
C SER B 187 5.37 -40.68 44.22
N THR B 188 4.44 -39.76 44.09
CA THR B 188 3.00 -40.05 44.25
C THR B 188 2.13 -39.46 43.14
N HIS B 189 1.20 -40.26 42.63
CA HIS B 189 0.25 -39.74 41.64
C HIS B 189 -0.37 -38.38 42.02
N ALA B 190 -0.31 -37.44 41.08
CA ALA B 190 -0.88 -36.11 41.21
C ALA B 190 -1.93 -36.00 40.13
N GLN B 191 -3.02 -35.31 40.43
CA GLN B 191 -4.18 -35.32 39.55
C GLN B 191 -4.00 -34.38 38.35
N LEU B 192 -3.85 -34.95 37.15
CA LEU B 192 -3.70 -34.18 35.92
C LEU B 192 -4.90 -34.27 35.02
N LEU B 193 -5.43 -33.12 34.62
CA LEU B 193 -6.46 -33.06 33.57
C LEU B 193 -6.03 -32.22 32.38
N LEU B 194 -6.12 -32.83 31.20
CA LEU B 194 -5.88 -32.13 29.95
C LEU B 194 -7.16 -31.40 29.55
N SER B 195 -7.09 -30.12 29.22
CA SER B 195 -8.29 -29.41 28.77
C SER B 195 -8.04 -28.65 27.49
N ASP B 196 -9.10 -28.57 26.67
CA ASP B 196 -9.07 -27.94 25.36
C ASP B 196 -9.84 -26.64 25.40
N ARG B 197 -10.36 -26.27 26.57
CA ARG B 197 -11.22 -25.10 26.70
C ARG B 197 -10.47 -23.94 27.33
N ILE B 198 -9.19 -24.13 27.62
CA ILE B 198 -8.33 -23.02 28.00
C ILE B 198 -7.11 -23.09 27.11
N THR B 199 -6.58 -21.95 26.64
CA THR B 199 -5.35 -22.04 25.83
C THR B 199 -4.19 -21.35 26.52
N GLY B 200 -3.07 -22.04 26.71
CA GLY B 200 -1.91 -21.43 27.36
C GLY B 200 -0.91 -21.00 26.31
N ASN B 201 0.24 -20.48 26.75
CA ASN B 201 1.23 -19.96 25.79
C ASN B 201 2.67 -20.22 26.19
N PHE B 202 3.63 -19.76 25.41
CA PHE B 202 5.03 -20.08 25.72
C PHE B 202 5.83 -18.85 26.06
N ILE B 203 6.90 -19.11 26.78
CA ILE B 203 7.87 -18.11 27.15
C ILE B 203 9.14 -18.77 26.76
N ILE B 204 9.96 -18.09 25.97
CA ILE B 204 11.17 -18.70 25.48
C ILE B 204 12.33 -17.79 25.74
N PRO B 205 13.56 -18.33 25.66
CA PRO B 205 14.72 -17.51 25.99
C PRO B 205 14.81 -16.44 24.95
N SER B 206 15.46 -15.32 25.27
CA SER B 206 15.38 -14.13 24.42
C SER B 206 16.25 -14.41 23.21
N GLY B 207 17.39 -15.06 23.43
CA GLY B 207 18.24 -15.53 22.31
C GLY B 207 17.50 -16.51 21.41
N ASN B 208 16.41 -17.09 21.92
CA ASN B 208 15.49 -17.95 21.16
C ASN B 208 15.85 -19.42 21.18
N VAL B 209 17.10 -19.73 21.47
CA VAL B 209 17.58 -21.09 21.46
C VAL B 209 17.44 -21.71 22.83
N TRP B 210 16.84 -22.87 22.85
CA TRP B 210 16.66 -23.59 24.07
C TRP B 210 17.47 -24.84 24.09
N ASN B 211 17.97 -25.27 22.92
CA ASN B 211 18.62 -26.58 22.79
C ASN B 211 20.09 -26.50 22.50
N TYR B 212 20.87 -26.63 23.58
CA TYR B 212 22.32 -26.43 23.58
C TYR B 212 23.06 -27.77 23.42
N THR B 213 22.51 -28.68 22.63
CA THR B 213 23.18 -29.95 22.34
C THR B 213 24.46 -29.67 21.54
N PHE B 214 24.29 -29.05 20.38
CA PHE B 214 25.40 -28.81 19.48
C PHE B 214 26.23 -27.59 19.86
N MET B 215 26.01 -27.09 21.08
CA MET B 215 26.68 -25.90 21.61
C MET B 215 27.09 -26.13 23.06
N GLY B 216 27.25 -27.41 23.41
CA GLY B 216 27.40 -27.88 24.80
C GLY B 216 28.50 -27.24 25.61
N THR B 217 29.42 -26.59 24.92
CA THR B 217 30.44 -25.78 25.56
C THR B 217 29.83 -24.49 26.14
N ALA B 218 28.99 -23.80 25.35
CA ALA B 218 28.34 -22.52 25.77
C ALA B 218 27.15 -22.63 26.76
N PHE B 219 26.76 -23.87 27.08
CA PHE B 219 25.64 -24.04 27.98
C PHE B 219 26.00 -23.67 29.41
N ASN B 220 25.38 -22.61 29.89
CA ASN B 220 25.59 -22.16 31.26
C ASN B 220 24.48 -22.69 32.21
N GLN B 221 24.75 -23.75 32.98
CA GLN B 221 23.71 -24.41 33.79
C GLN B 221 23.27 -23.68 35.05
N GLU B 222 23.92 -22.55 35.35
CA GLU B 222 23.40 -21.62 36.36
C GLU B 222 23.31 -20.23 35.76
N GLY B 223 23.07 -20.20 34.45
CA GLY B 223 23.07 -18.95 33.73
C GLY B 223 21.89 -18.08 34.11
N ASP B 224 22.17 -16.80 34.23
CA ASP B 224 21.16 -15.79 34.39
C ASP B 224 20.70 -15.37 32.97
N TYR B 225 19.59 -15.95 32.49
CA TYR B 225 19.13 -15.77 31.10
C TYR B 225 17.91 -14.87 30.98
N ASN B 226 17.69 -14.34 29.80
CA ASN B 226 16.52 -13.51 29.53
C ASN B 226 15.47 -14.25 28.71
N PHE B 227 14.24 -13.74 28.78
CA PHE B 227 13.07 -14.48 28.36
C PHE B 227 12.00 -13.55 27.84
N LYS B 228 11.15 -14.11 26.98
CA LYS B 228 10.07 -13.37 26.37
C LYS B 228 8.99 -14.35 26.01
N TYR B 229 7.79 -13.83 25.79
CA TYR B 229 6.75 -14.64 25.20
C TYR B 229 7.19 -14.88 23.75
N GLY B 230 6.75 -15.98 23.15
CA GLY B 230 7.18 -16.34 21.80
C GLY B 230 6.96 -17.80 21.40
N ILE B 231 7.14 -18.11 20.12
CA ILE B 231 6.91 -19.46 19.62
C ILE B 231 8.18 -20.28 19.61
N PRO B 232 8.19 -21.38 20.36
CA PRO B 232 9.44 -22.13 20.56
C PRO B 232 9.96 -22.79 19.29
N LEU B 233 11.29 -22.82 19.15
CA LEU B 233 11.92 -23.54 18.02
C LEU B 233 11.87 -25.03 18.17
N GLU B 234 11.90 -25.73 17.05
CA GLU B 234 11.99 -27.20 17.04
C GLU B 234 13.34 -27.65 17.57
N PHE B 235 13.46 -28.92 17.91
CA PHE B 235 14.68 -29.40 18.54
C PHE B 235 15.88 -29.32 17.61
N TYR B 236 15.72 -29.78 16.36
CA TYR B 236 16.83 -29.75 15.38
C TYR B 236 16.71 -28.54 14.44
N ASN B 237 16.06 -27.47 14.89
CA ASN B 237 15.94 -26.22 14.13
C ASN B 237 17.32 -25.71 13.78
N GLU B 238 17.48 -25.21 12.55
CA GLU B 238 18.77 -24.69 12.10
C GLU B 238 19.52 -23.85 13.16
N MET B 239 18.81 -22.99 13.88
CA MET B 239 19.45 -22.18 14.92
C MET B 239 20.04 -23.03 16.07
N HIS B 240 19.55 -24.23 16.29
CA HIS B 240 20.17 -25.09 17.31
C HIS B 240 21.41 -25.81 16.81
N ARG B 241 21.78 -25.54 15.55
CA ARG B 241 22.87 -26.23 14.84
C ARG B 241 23.76 -25.28 14.06
N PRO B 242 24.37 -24.29 14.74
CA PRO B 242 25.20 -23.44 13.91
C PRO B 242 26.23 -24.32 13.17
N VAL B 243 26.79 -25.31 13.86
CA VAL B 243 27.93 -26.07 13.34
C VAL B 243 27.70 -26.77 12.01
N HIS B 244 26.49 -27.27 11.74
CA HIS B 244 26.28 -28.06 10.50
C HIS B 244 26.35 -27.21 9.23
N PHE B 245 26.14 -25.91 9.39
CA PHE B 245 26.17 -25.01 8.28
C PHE B 245 27.60 -24.50 8.00
N LEU B 246 28.53 -24.84 8.89
CA LEU B 246 29.96 -24.58 8.69
C LEU B 246 30.62 -25.59 7.73
N GLN B 247 30.24 -26.86 7.84
CA GLN B 247 30.76 -27.87 6.92
C GLN B 247 30.39 -27.51 5.48
N PHE B 248 29.11 -27.23 5.30
CA PHE B 248 28.63 -26.60 4.07
C PHE B 248 28.99 -25.09 4.07
PB ADP C . -34.26 9.57 5.37
O1B ADP C . -32.97 9.63 4.63
O2B ADP C . -34.60 8.23 5.99
O3B ADP C . -34.52 10.82 6.17
PA ADP C . -35.74 10.98 3.48
O1A ADP C . -34.57 11.28 2.59
O2A ADP C . -36.16 11.96 4.54
O3A ADP C . -35.38 9.59 4.21
O5' ADP C . -37.00 10.60 2.54
C5' ADP C . -36.87 9.69 1.43
C4' ADP C . -37.66 10.14 0.19
O4' ADP C . -38.96 9.55 0.16
C3' ADP C . -37.92 11.64 0.15
O3' ADP C . -38.08 12.08 -1.20
C2' ADP C . -39.25 11.84 0.79
O2' ADP C . -39.75 13.10 0.35
C1' ADP C . -39.97 10.58 0.29
N9 ADP C . -41.06 10.06 1.16
C8 ADP C . -41.13 10.05 2.50
N7 ADP C . -42.28 9.48 2.93
C5 ADP C . -42.97 9.09 1.85
C6 ADP C . -44.27 8.43 1.58
N6 ADP C . -45.07 8.04 2.60
N1 ADP C . -44.62 8.23 0.29
C2 ADP C . -43.83 8.60 -0.72
N3 ADP C . -42.65 9.21 -0.54
C4 ADP C . -42.17 9.47 0.70
MG MG D . -32.63 12.23 6.73
C48 PE5 E . 13.20 -2.47 -55.77
C50 PE5 E . 12.60 -3.87 -55.83
O1 PE5 E . 13.57 -4.90 -55.57
C1 PE5 E . 13.75 -5.26 -54.18
C2 PE5 E . 14.39 -6.65 -54.02
O2 PE5 E . 14.99 -6.79 -52.72
C3 PE5 E . 14.28 -7.54 -51.71
C4 PE5 E . 13.34 -6.68 -50.85
O3 PE5 E . 12.50 -7.51 -50.03
C5 PE5 E . 11.16 -7.70 -50.49
C6 PE5 E . 10.35 -8.61 -49.58
O4 PE5 E . 9.36 -9.43 -50.22
C7 PE5 E . 9.66 -10.82 -50.36
C8 PE5 E . 10.95 -11.01 -51.18
O5 PE5 E . 11.10 -12.35 -51.70
C9 PE5 E . 10.90 -13.44 -50.78
C10 PE5 E . 11.88 -14.59 -51.02
O6 PE5 E . 11.42 -15.82 -50.41
C11 PE5 E . 11.38 -16.96 -51.28
C12 PE5 E . 11.90 -18.21 -50.57
O7 PE5 E . 13.20 -18.53 -51.06
C13 PE5 E . 13.60 -19.88 -50.81
C14 PE5 E . 15.07 -20.18 -51.19
O8 PE5 E . 15.55 -21.39 -50.59
C15 PE5 E . 14.82 -22.57 -50.96
C16 PE5 E . 13.63 -22.77 -50.02
O52 PE5 E . 13.24 -24.14 -49.90
#